data_1DP6
# 
_entry.id   1DP6 
# 
_audit_conform.dict_name       mmcif_pdbx.dic 
_audit_conform.dict_version    5.385 
_audit_conform.dict_location   http://mmcif.pdb.org/dictionaries/ascii/mmcif_pdbx.dic 
# 
loop_
_database_2.database_id 
_database_2.database_code 
_database_2.pdbx_database_accession 
_database_2.pdbx_DOI 
PDB   1DP6         pdb_00001dp6 10.2210/pdb1dp6/pdb 
RCSB  RCSB010262   ?            ?                   
WWPDB D_1000010262 ?            ?                   
# 
loop_
_pdbx_audit_revision_history.ordinal 
_pdbx_audit_revision_history.data_content_type 
_pdbx_audit_revision_history.major_revision 
_pdbx_audit_revision_history.minor_revision 
_pdbx_audit_revision_history.revision_date 
1 'Structure model' 1 0 2000-12-23 
2 'Structure model' 1 1 2008-04-27 
3 'Structure model' 1 2 2011-07-13 
4 'Structure model' 1 3 2018-01-31 
5 'Structure model' 1 4 2024-02-07 
# 
_pdbx_audit_revision_details.ordinal             1 
_pdbx_audit_revision_details.revision_ordinal    1 
_pdbx_audit_revision_details.data_content_type   'Structure model' 
_pdbx_audit_revision_details.provider            repository 
_pdbx_audit_revision_details.type                'Initial release' 
_pdbx_audit_revision_details.description         ? 
_pdbx_audit_revision_details.details             ? 
# 
loop_
_pdbx_audit_revision_group.ordinal 
_pdbx_audit_revision_group.revision_ordinal 
_pdbx_audit_revision_group.data_content_type 
_pdbx_audit_revision_group.group 
1 2 'Structure model' 'Version format compliance' 
2 3 'Structure model' 'Version format compliance' 
3 4 'Structure model' 'Database references'       
4 5 'Structure model' 'Data collection'           
5 5 'Structure model' 'Database references'       
6 5 'Structure model' 'Derived calculations'      
# 
loop_
_pdbx_audit_revision_category.ordinal 
_pdbx_audit_revision_category.revision_ordinal 
_pdbx_audit_revision_category.data_content_type 
_pdbx_audit_revision_category.category 
1 4 'Structure model' citation_author        
2 5 'Structure model' chem_comp_atom         
3 5 'Structure model' chem_comp_bond         
4 5 'Structure model' database_2             
5 5 'Structure model' pdbx_struct_conn_angle 
6 5 'Structure model' struct_conn            
7 5 'Structure model' struct_ref_seq_dif     
8 5 'Structure model' struct_site            
# 
loop_
_pdbx_audit_revision_item.ordinal 
_pdbx_audit_revision_item.revision_ordinal 
_pdbx_audit_revision_item.data_content_type 
_pdbx_audit_revision_item.item 
1  4 'Structure model' '_citation_author.name'                       
2  5 'Structure model' '_database_2.pdbx_DOI'                        
3  5 'Structure model' '_database_2.pdbx_database_accession'         
4  5 'Structure model' '_pdbx_struct_conn_angle.ptnr1_auth_comp_id'  
5  5 'Structure model' '_pdbx_struct_conn_angle.ptnr1_auth_seq_id'   
6  5 'Structure model' '_pdbx_struct_conn_angle.ptnr1_label_asym_id' 
7  5 'Structure model' '_pdbx_struct_conn_angle.ptnr1_label_atom_id' 
8  5 'Structure model' '_pdbx_struct_conn_angle.ptnr1_label_comp_id' 
9  5 'Structure model' '_pdbx_struct_conn_angle.ptnr1_label_seq_id'  
10 5 'Structure model' '_pdbx_struct_conn_angle.ptnr3_auth_comp_id'  
11 5 'Structure model' '_pdbx_struct_conn_angle.ptnr3_auth_seq_id'   
12 5 'Structure model' '_pdbx_struct_conn_angle.ptnr3_label_asym_id' 
13 5 'Structure model' '_pdbx_struct_conn_angle.ptnr3_label_atom_id' 
14 5 'Structure model' '_pdbx_struct_conn_angle.ptnr3_label_comp_id' 
15 5 'Structure model' '_pdbx_struct_conn_angle.ptnr3_label_seq_id'  
16 5 'Structure model' '_pdbx_struct_conn_angle.value'               
17 5 'Structure model' '_struct_conn.pdbx_dist_value'                
18 5 'Structure model' '_struct_conn.ptnr1_auth_comp_id'             
19 5 'Structure model' '_struct_conn.ptnr1_auth_seq_id'              
20 5 'Structure model' '_struct_conn.ptnr1_label_asym_id'            
21 5 'Structure model' '_struct_conn.ptnr1_label_atom_id'            
22 5 'Structure model' '_struct_conn.ptnr1_label_comp_id'            
23 5 'Structure model' '_struct_conn.ptnr1_label_seq_id'             
24 5 'Structure model' '_struct_conn.ptnr2_auth_comp_id'             
25 5 'Structure model' '_struct_conn.ptnr2_auth_seq_id'              
26 5 'Structure model' '_struct_conn.ptnr2_label_asym_id'            
27 5 'Structure model' '_struct_conn.ptnr2_label_atom_id'            
28 5 'Structure model' '_struct_conn.ptnr2_label_comp_id'            
29 5 'Structure model' '_struct_ref_seq_dif.details'                 
30 5 'Structure model' '_struct_site.pdbx_auth_asym_id'              
31 5 'Structure model' '_struct_site.pdbx_auth_comp_id'              
32 5 'Structure model' '_struct_site.pdbx_auth_seq_id'               
# 
_pdbx_database_status.status_code                     REL 
_pdbx_database_status.entry_id                        1DP6 
_pdbx_database_status.recvd_initial_deposition_date   1999-12-23 
_pdbx_database_status.deposit_site                    RCSB 
_pdbx_database_status.process_site                    RCSB 
_pdbx_database_status.SG_entry                        . 
_pdbx_database_status.pdb_format_compatible           Y 
_pdbx_database_status.status_code_mr                  ? 
_pdbx_database_status.status_code_sf                  ? 
_pdbx_database_status.status_code_cs                  ? 
_pdbx_database_status.methods_development_category    ? 
_pdbx_database_status.status_code_nmr_data            ? 
# 
_pdbx_database_related.db_name        PDB 
_pdbx_database_related.db_id          1BV6 
_pdbx_database_related.details        'ligand-free FixL heme domain' 
_pdbx_database_related.content_type   unspecified 
# 
loop_
_audit_author.name 
_audit_author.pdbx_ordinal 
'Gong, W.'   1 
'Hao, B.'    2 
'Chan, M.K.' 3 
# 
loop_
_citation.id 
_citation.title 
_citation.journal_abbrev 
_citation.journal_volume 
_citation.page_first 
_citation.page_last 
_citation.year 
_citation.journal_id_ASTM 
_citation.country 
_citation.journal_id_ISSN 
_citation.journal_id_CSD 
_citation.book_publisher 
_citation.pdbx_database_id_PubMed 
_citation.pdbx_database_id_DOI 
primary 'New mechanistic insights from structural studies of the oxygen-sensing domain of Bradyrhizobium japonicum FixL.' 
Biochemistry           39 3955  3962  2000 BICHAW US 0006-2960 0033 ? 10747783 10.1021/bi992346w        
1       'Structure of a Biological Oxygen Sensor: a New Mechanism for Heme-driven Signal Transduction'                    
Proc.Natl.Acad.Sci.USA 95 15177 15182 1998 PNASA6 US 0027-8424 0040 ? ?        10.1073/pnas.95.26.15177 
# 
loop_
_citation_author.citation_id 
_citation_author.name 
_citation_author.ordinal 
_citation_author.identifier_ORCID 
primary 'Gong, W.'              1 ? 
primary 'Hao, B.'               2 ? 
primary 'Chan, M.K.'            3 ? 
1       'Gong, W.'              4 ? 
1       'Hao, B.'               5 ? 
1       'Mansy, S.S.'           6 ? 
1       'Gonzalez, G.'          7 ? 
1       'Gilles-Gonzalez, M.A.' 8 ? 
1       'Chan, M.K.'            9 ? 
# 
loop_
_entity.id 
_entity.type 
_entity.src_method 
_entity.pdbx_description 
_entity.formula_weight 
_entity.pdbx_number_of_molecules 
_entity.pdbx_ec 
_entity.pdbx_mutation 
_entity.pdbx_fragment 
_entity.details 
1 polymer     man 'FIXL PROTEIN'                    14919.858 1  ? ? 'HEME DOMAIN' ? 
2 non-polymer syn 'OXYGEN MOLECULE'                 31.999    1  ? ? ?             ? 
3 non-polymer syn 'PROTOPORPHYRIN IX CONTAINING FE' 616.487   1  ? ? ?             ? 
4 water       nat water                             18.015    98 ? ? ?             ? 
# 
_entity_poly.entity_id                      1 
_entity_poly.type                           'polypeptide(L)' 
_entity_poly.nstd_linkage                   no 
_entity_poly.nstd_monomer                   no 
_entity_poly.pdbx_seq_one_letter_code       
;MRETHLRSILHTIPDAMIVIDGHGIIQLFSTAAERLFGWSELEAIGQNVNILMPEPDRSRHDSYISRYRTTSDPHIIGIG
RIVTGKRRDGTTFPMHLSIGEMQSGGEPYFTGFVRDLTEHQQTQARLQELQ
;
_entity_poly.pdbx_seq_one_letter_code_can   
;MRETHLRSILHTIPDAMIVIDGHGIIQLFSTAAERLFGWSELEAIGQNVNILMPEPDRSRHDSYISRYRTTSDPHIIGIG
RIVTGKRRDGTTFPMHLSIGEMQSGGEPYFTGFVRDLTEHQQTQARLQELQ
;
_entity_poly.pdbx_strand_id                 A 
_entity_poly.pdbx_target_identifier         ? 
# 
loop_
_pdbx_entity_nonpoly.entity_id 
_pdbx_entity_nonpoly.name 
_pdbx_entity_nonpoly.comp_id 
2 'OXYGEN MOLECULE'                 OXY 
3 'PROTOPORPHYRIN IX CONTAINING FE' HEM 
4 water                             HOH 
# 
loop_
_entity_poly_seq.entity_id 
_entity_poly_seq.num 
_entity_poly_seq.mon_id 
_entity_poly_seq.hetero 
1 1   MET n 
1 2   ARG n 
1 3   GLU n 
1 4   THR n 
1 5   HIS n 
1 6   LEU n 
1 7   ARG n 
1 8   SER n 
1 9   ILE n 
1 10  LEU n 
1 11  HIS n 
1 12  THR n 
1 13  ILE n 
1 14  PRO n 
1 15  ASP n 
1 16  ALA n 
1 17  MET n 
1 18  ILE n 
1 19  VAL n 
1 20  ILE n 
1 21  ASP n 
1 22  GLY n 
1 23  HIS n 
1 24  GLY n 
1 25  ILE n 
1 26  ILE n 
1 27  GLN n 
1 28  LEU n 
1 29  PHE n 
1 30  SER n 
1 31  THR n 
1 32  ALA n 
1 33  ALA n 
1 34  GLU n 
1 35  ARG n 
1 36  LEU n 
1 37  PHE n 
1 38  GLY n 
1 39  TRP n 
1 40  SER n 
1 41  GLU n 
1 42  LEU n 
1 43  GLU n 
1 44  ALA n 
1 45  ILE n 
1 46  GLY n 
1 47  GLN n 
1 48  ASN n 
1 49  VAL n 
1 50  ASN n 
1 51  ILE n 
1 52  LEU n 
1 53  MET n 
1 54  PRO n 
1 55  GLU n 
1 56  PRO n 
1 57  ASP n 
1 58  ARG n 
1 59  SER n 
1 60  ARG n 
1 61  HIS n 
1 62  ASP n 
1 63  SER n 
1 64  TYR n 
1 65  ILE n 
1 66  SER n 
1 67  ARG n 
1 68  TYR n 
1 69  ARG n 
1 70  THR n 
1 71  THR n 
1 72  SER n 
1 73  ASP n 
1 74  PRO n 
1 75  HIS n 
1 76  ILE n 
1 77  ILE n 
1 78  GLY n 
1 79  ILE n 
1 80  GLY n 
1 81  ARG n 
1 82  ILE n 
1 83  VAL n 
1 84  THR n 
1 85  GLY n 
1 86  LYS n 
1 87  ARG n 
1 88  ARG n 
1 89  ASP n 
1 90  GLY n 
1 91  THR n 
1 92  THR n 
1 93  PHE n 
1 94  PRO n 
1 95  MET n 
1 96  HIS n 
1 97  LEU n 
1 98  SER n 
1 99  ILE n 
1 100 GLY n 
1 101 GLU n 
1 102 MET n 
1 103 GLN n 
1 104 SER n 
1 105 GLY n 
1 106 GLY n 
1 107 GLU n 
1 108 PRO n 
1 109 TYR n 
1 110 PHE n 
1 111 THR n 
1 112 GLY n 
1 113 PHE n 
1 114 VAL n 
1 115 ARG n 
1 116 ASP n 
1 117 LEU n 
1 118 THR n 
1 119 GLU n 
1 120 HIS n 
1 121 GLN n 
1 122 GLN n 
1 123 THR n 
1 124 GLN n 
1 125 ALA n 
1 126 ARG n 
1 127 LEU n 
1 128 GLN n 
1 129 GLU n 
1 130 LEU n 
1 131 GLN n 
# 
_entity_src_gen.entity_id                          1 
_entity_src_gen.pdbx_src_id                        1 
_entity_src_gen.pdbx_alt_source_flag               sample 
_entity_src_gen.pdbx_seq_type                      ? 
_entity_src_gen.pdbx_beg_seq_num                   ? 
_entity_src_gen.pdbx_end_seq_num                   ? 
_entity_src_gen.gene_src_common_name               ? 
_entity_src_gen.gene_src_genus                     Bradyrhizobium 
_entity_src_gen.pdbx_gene_src_gene                 ? 
_entity_src_gen.gene_src_species                   ? 
_entity_src_gen.gene_src_strain                    ? 
_entity_src_gen.gene_src_tissue                    ? 
_entity_src_gen.gene_src_tissue_fraction           ? 
_entity_src_gen.gene_src_details                   ? 
_entity_src_gen.pdbx_gene_src_fragment             ? 
_entity_src_gen.pdbx_gene_src_scientific_name      'Bradyrhizobium japonicum' 
_entity_src_gen.pdbx_gene_src_ncbi_taxonomy_id     375 
_entity_src_gen.pdbx_gene_src_variant              ? 
_entity_src_gen.pdbx_gene_src_cell_line            ? 
_entity_src_gen.pdbx_gene_src_atcc                 ? 
_entity_src_gen.pdbx_gene_src_organ                ? 
_entity_src_gen.pdbx_gene_src_organelle            ? 
_entity_src_gen.pdbx_gene_src_cell                 ? 
_entity_src_gen.pdbx_gene_src_cellular_location    ? 
_entity_src_gen.host_org_common_name               ? 
_entity_src_gen.pdbx_host_org_scientific_name      'Escherichia coli' 
_entity_src_gen.pdbx_host_org_ncbi_taxonomy_id     562 
_entity_src_gen.host_org_genus                     Escherichia 
_entity_src_gen.pdbx_host_org_gene                 ? 
_entity_src_gen.pdbx_host_org_organ                ? 
_entity_src_gen.host_org_species                   ? 
_entity_src_gen.pdbx_host_org_tissue               ? 
_entity_src_gen.pdbx_host_org_tissue_fraction      ? 
_entity_src_gen.pdbx_host_org_strain               ? 
_entity_src_gen.pdbx_host_org_variant              ? 
_entity_src_gen.pdbx_host_org_cell_line            ? 
_entity_src_gen.pdbx_host_org_atcc                 ? 
_entity_src_gen.pdbx_host_org_culture_collection   ? 
_entity_src_gen.pdbx_host_org_cell                 ? 
_entity_src_gen.pdbx_host_org_organelle            ? 
_entity_src_gen.pdbx_host_org_cellular_location    ? 
_entity_src_gen.pdbx_host_org_vector_type          PLASMID 
_entity_src_gen.pdbx_host_org_vector               ? 
_entity_src_gen.host_org_details                   ? 
_entity_src_gen.expression_system_id               ? 
_entity_src_gen.plasmid_name                       PRJ7349 
_entity_src_gen.plasmid_details                    ? 
_entity_src_gen.pdbx_description                   ? 
# 
loop_
_chem_comp.id 
_chem_comp.type 
_chem_comp.mon_nstd_flag 
_chem_comp.name 
_chem_comp.pdbx_synonyms 
_chem_comp.formula 
_chem_comp.formula_weight 
ALA 'L-peptide linking' y ALANINE                           ?    'C3 H7 N O2'       89.093  
ARG 'L-peptide linking' y ARGININE                          ?    'C6 H15 N4 O2 1'   175.209 
ASN 'L-peptide linking' y ASPARAGINE                        ?    'C4 H8 N2 O3'      132.118 
ASP 'L-peptide linking' y 'ASPARTIC ACID'                   ?    'C4 H7 N O4'       133.103 
GLN 'L-peptide linking' y GLUTAMINE                         ?    'C5 H10 N2 O3'     146.144 
GLU 'L-peptide linking' y 'GLUTAMIC ACID'                   ?    'C5 H9 N O4'       147.129 
GLY 'peptide linking'   y GLYCINE                           ?    'C2 H5 N O2'       75.067  
HEM non-polymer         . 'PROTOPORPHYRIN IX CONTAINING FE' HEME 'C34 H32 Fe N4 O4' 616.487 
HIS 'L-peptide linking' y HISTIDINE                         ?    'C6 H10 N3 O2 1'   156.162 
HOH non-polymer         . WATER                             ?    'H2 O'             18.015  
ILE 'L-peptide linking' y ISOLEUCINE                        ?    'C6 H13 N O2'      131.173 
LEU 'L-peptide linking' y LEUCINE                           ?    'C6 H13 N O2'      131.173 
LYS 'L-peptide linking' y LYSINE                            ?    'C6 H15 N2 O2 1'   147.195 
MET 'L-peptide linking' y METHIONINE                        ?    'C5 H11 N O2 S'    149.211 
OXY non-polymer         . 'OXYGEN MOLECULE'                 ?    O2                 31.999  
PHE 'L-peptide linking' y PHENYLALANINE                     ?    'C9 H11 N O2'      165.189 
PRO 'L-peptide linking' y PROLINE                           ?    'C5 H9 N O2'       115.130 
SER 'L-peptide linking' y SERINE                            ?    'C3 H7 N O3'       105.093 
THR 'L-peptide linking' y THREONINE                         ?    'C4 H9 N O3'       119.119 
TRP 'L-peptide linking' y TRYPTOPHAN                        ?    'C11 H12 N2 O2'    204.225 
TYR 'L-peptide linking' y TYROSINE                          ?    'C9 H11 N O3'      181.189 
VAL 'L-peptide linking' y VALINE                            ?    'C5 H11 N O2'      117.146 
# 
loop_
_pdbx_poly_seq_scheme.asym_id 
_pdbx_poly_seq_scheme.entity_id 
_pdbx_poly_seq_scheme.seq_id 
_pdbx_poly_seq_scheme.mon_id 
_pdbx_poly_seq_scheme.ndb_seq_num 
_pdbx_poly_seq_scheme.pdb_seq_num 
_pdbx_poly_seq_scheme.auth_seq_num 
_pdbx_poly_seq_scheme.pdb_mon_id 
_pdbx_poly_seq_scheme.auth_mon_id 
_pdbx_poly_seq_scheme.pdb_strand_id 
_pdbx_poly_seq_scheme.pdb_ins_code 
_pdbx_poly_seq_scheme.hetero 
A 1 1   MET 1   140 ?   ?   ?   A . n 
A 1 2   ARG 2   141 ?   ?   ?   A . n 
A 1 3   GLU 3   142 ?   ?   ?   A . n 
A 1 4   THR 4   143 ?   ?   ?   A . n 
A 1 5   HIS 5   144 ?   ?   ?   A . n 
A 1 6   LEU 6   145 ?   ?   ?   A . n 
A 1 7   ARG 7   146 ?   ?   ?   A . n 
A 1 8   SER 8   147 ?   ?   ?   A . n 
A 1 9   ILE 9   148 ?   ?   ?   A . n 
A 1 10  LEU 10  149 ?   ?   ?   A . n 
A 1 11  HIS 11  150 ?   ?   ?   A . n 
A 1 12  THR 12  151 ?   ?   ?   A . n 
A 1 13  ILE 13  152 ?   ?   ?   A . n 
A 1 14  PRO 14  153 ?   ?   ?   A . n 
A 1 15  ASP 15  154 154 ASP ASP A . n 
A 1 16  ALA 16  155 155 ALA ALA A . n 
A 1 17  MET 17  156 156 MET MET A . n 
A 1 18  ILE 18  157 157 ILE ILE A . n 
A 1 19  VAL 19  158 158 VAL VAL A . n 
A 1 20  ILE 20  159 159 ILE ILE A . n 
A 1 21  ASP 21  160 160 ASP ASP A . n 
A 1 22  GLY 22  161 161 GLY GLY A . n 
A 1 23  HIS 23  162 162 HIS HIS A . n 
A 1 24  GLY 24  163 163 GLY GLY A . n 
A 1 25  ILE 25  164 164 ILE ILE A . n 
A 1 26  ILE 26  165 165 ILE ILE A . n 
A 1 27  GLN 27  166 166 GLN GLN A . n 
A 1 28  LEU 28  167 167 LEU LEU A . n 
A 1 29  PHE 29  168 168 PHE PHE A . n 
A 1 30  SER 30  169 169 SER SER A . n 
A 1 31  THR 31  170 170 THR THR A . n 
A 1 32  ALA 32  171 171 ALA ALA A . n 
A 1 33  ALA 33  172 172 ALA ALA A . n 
A 1 34  GLU 34  173 173 GLU GLU A . n 
A 1 35  ARG 35  174 174 ARG ARG A . n 
A 1 36  LEU 36  175 175 LEU LEU A . n 
A 1 37  PHE 37  176 176 PHE PHE A . n 
A 1 38  GLY 38  177 177 GLY GLY A . n 
A 1 39  TRP 39  178 178 TRP TRP A . n 
A 1 40  SER 40  179 179 SER SER A . n 
A 1 41  GLU 41  180 180 GLU GLU A . n 
A 1 42  LEU 42  181 181 LEU LEU A . n 
A 1 43  GLU 43  182 182 GLU GLU A . n 
A 1 44  ALA 44  183 183 ALA ALA A . n 
A 1 45  ILE 45  184 184 ILE ILE A . n 
A 1 46  GLY 46  185 185 GLY GLY A . n 
A 1 47  GLN 47  186 186 GLN GLN A . n 
A 1 48  ASN 48  187 187 ASN ASN A . n 
A 1 49  VAL 49  188 188 VAL VAL A . n 
A 1 50  ASN 50  189 189 ASN ASN A . n 
A 1 51  ILE 51  190 190 ILE ILE A . n 
A 1 52  LEU 52  191 191 LEU LEU A . n 
A 1 53  MET 53  192 192 MET MET A . n 
A 1 54  PRO 54  193 193 PRO PRO A . n 
A 1 55  GLU 55  194 194 GLU GLU A . n 
A 1 56  PRO 56  195 195 PRO PRO A . n 
A 1 57  ASP 57  196 196 ASP ASP A . n 
A 1 58  ARG 58  197 197 ARG ARG A . n 
A 1 59  SER 59  198 198 SER SER A . n 
A 1 60  ARG 60  199 199 ARG ARG A . n 
A 1 61  HIS 61  200 200 HIS HIS A . n 
A 1 62  ASP 62  201 201 ASP ASP A . n 
A 1 63  SER 63  202 202 SER SER A . n 
A 1 64  TYR 64  203 203 TYR TYR A . n 
A 1 65  ILE 65  204 204 ILE ILE A . n 
A 1 66  SER 66  205 205 SER SER A . n 
A 1 67  ARG 67  206 206 ARG ARG A . n 
A 1 68  TYR 68  207 207 TYR TYR A . n 
A 1 69  ARG 69  208 208 ARG ARG A . n 
A 1 70  THR 70  209 209 THR THR A . n 
A 1 71  THR 71  210 210 THR THR A . n 
A 1 72  SER 72  211 211 SER SER A . n 
A 1 73  ASP 73  212 212 ASP ASP A . n 
A 1 74  PRO 74  213 213 PRO PRO A . n 
A 1 75  HIS 75  214 214 HIS HIS A . n 
A 1 76  ILE 76  215 215 ILE ILE A . n 
A 1 77  ILE 77  216 216 ILE ILE A . n 
A 1 78  GLY 78  217 217 GLY GLY A . n 
A 1 79  ILE 79  218 218 ILE ILE A . n 
A 1 80  GLY 80  219 219 GLY GLY A . n 
A 1 81  ARG 81  220 220 ARG ARG A . n 
A 1 82  ILE 82  221 221 ILE ILE A . n 
A 1 83  VAL 83  222 222 VAL VAL A . n 
A 1 84  THR 84  223 223 THR THR A . n 
A 1 85  GLY 85  224 224 GLY GLY A . n 
A 1 86  LYS 86  225 225 LYS LYS A . n 
A 1 87  ARG 87  226 226 ARG ARG A . n 
A 1 88  ARG 88  227 227 ARG ARG A . n 
A 1 89  ASP 89  228 228 ASP ASP A . n 
A 1 90  GLY 90  229 229 GLY GLY A . n 
A 1 91  THR 91  230 230 THR THR A . n 
A 1 92  THR 92  231 231 THR THR A . n 
A 1 93  PHE 93  232 232 PHE PHE A . n 
A 1 94  PRO 94  233 233 PRO PRO A . n 
A 1 95  MET 95  234 234 MET MET A . n 
A 1 96  HIS 96  235 235 HIS HIS A . n 
A 1 97  LEU 97  236 236 LEU LEU A . n 
A 1 98  SER 98  237 237 SER SER A . n 
A 1 99  ILE 99  238 238 ILE ILE A . n 
A 1 100 GLY 100 239 239 GLY GLY A . n 
A 1 101 GLU 101 240 240 GLU GLU A . n 
A 1 102 MET 102 241 241 MET MET A . n 
A 1 103 GLN 103 242 242 GLN GLN A . n 
A 1 104 SER 104 243 243 SER SER A . n 
A 1 105 GLY 105 244 244 GLY GLY A . n 
A 1 106 GLY 106 245 245 GLY GLY A . n 
A 1 107 GLU 107 246 246 GLU GLU A . n 
A 1 108 PRO 108 247 247 PRO PRO A . n 
A 1 109 TYR 109 248 248 TYR TYR A . n 
A 1 110 PHE 110 249 249 PHE PHE A . n 
A 1 111 THR 111 250 250 THR THR A . n 
A 1 112 GLY 112 251 251 GLY GLY A . n 
A 1 113 PHE 113 252 252 PHE PHE A . n 
A 1 114 VAL 114 253 253 VAL VAL A . n 
A 1 115 ARG 115 254 254 ARG ALA A . n 
A 1 116 ASP 116 255 255 ASP ASP A . n 
A 1 117 LEU 117 256 256 LEU LEU A . n 
A 1 118 THR 118 257 257 THR THR A . n 
A 1 119 GLU 119 258 258 GLU GLU A . n 
A 1 120 HIS 120 259 259 HIS HIS A . n 
A 1 121 GLN 121 260 260 GLN GLN A . n 
A 1 122 GLN 122 261 261 GLN GLN A . n 
A 1 123 THR 123 262 262 THR THR A . n 
A 1 124 GLN 124 263 263 GLN GLN A . n 
A 1 125 ALA 125 264 264 ALA ALA A . n 
A 1 126 ARG 126 265 265 ARG ARG A . n 
A 1 127 LEU 127 266 266 LEU LEU A . n 
A 1 128 GLN 128 267 267 GLN GLN A . n 
A 1 129 GLU 129 268 268 GLU GLU A . n 
A 1 130 LEU 130 269 269 LEU LEU A . n 
A 1 131 GLN 131 270 ?   ?   ?   A . n 
# 
loop_
_pdbx_nonpoly_scheme.asym_id 
_pdbx_nonpoly_scheme.entity_id 
_pdbx_nonpoly_scheme.mon_id 
_pdbx_nonpoly_scheme.ndb_seq_num 
_pdbx_nonpoly_scheme.pdb_seq_num 
_pdbx_nonpoly_scheme.auth_seq_num 
_pdbx_nonpoly_scheme.pdb_mon_id 
_pdbx_nonpoly_scheme.auth_mon_id 
_pdbx_nonpoly_scheme.pdb_strand_id 
_pdbx_nonpoly_scheme.pdb_ins_code 
B 2 OXY 1  500 500 OXY OO  A . 
C 3 HEM 1  719 719 HEM HEM A . 
D 4 HOH 1  720 1   HOH TIP A . 
D 4 HOH 2  721 2   HOH TIP A . 
D 4 HOH 3  722 3   HOH TIP A . 
D 4 HOH 4  723 4   HOH TIP A . 
D 4 HOH 5  724 5   HOH TIP A . 
D 4 HOH 6  725 6   HOH TIP A . 
D 4 HOH 7  726 7   HOH TIP A . 
D 4 HOH 8  727 8   HOH TIP A . 
D 4 HOH 9  728 9   HOH TIP A . 
D 4 HOH 10 729 10  HOH TIP A . 
D 4 HOH 11 730 11  HOH TIP A . 
D 4 HOH 12 731 12  HOH TIP A . 
D 4 HOH 13 732 13  HOH TIP A . 
D 4 HOH 14 733 15  HOH TIP A . 
D 4 HOH 15 734 16  HOH TIP A . 
D 4 HOH 16 735 17  HOH TIP A . 
D 4 HOH 17 736 18  HOH TIP A . 
D 4 HOH 18 737 19  HOH TIP A . 
D 4 HOH 19 738 20  HOH TIP A . 
D 4 HOH 20 739 21  HOH TIP A . 
D 4 HOH 21 740 22  HOH TIP A . 
D 4 HOH 22 741 23  HOH TIP A . 
D 4 HOH 23 742 25  HOH TIP A . 
D 4 HOH 24 743 26  HOH TIP A . 
D 4 HOH 25 744 27  HOH TIP A . 
D 4 HOH 26 745 28  HOH TIP A . 
D 4 HOH 27 746 29  HOH TIP A . 
D 4 HOH 28 747 31  HOH TIP A . 
D 4 HOH 29 748 32  HOH TIP A . 
D 4 HOH 30 749 33  HOH TIP A . 
D 4 HOH 31 750 34  HOH TIP A . 
D 4 HOH 32 751 38  HOH TIP A . 
D 4 HOH 33 752 39  HOH TIP A . 
D 4 HOH 34 753 41  HOH TIP A . 
D 4 HOH 35 754 45  HOH TIP A . 
D 4 HOH 36 755 46  HOH TIP A . 
D 4 HOH 37 756 52  HOH TIP A . 
D 4 HOH 38 757 56  HOH TIP A . 
D 4 HOH 39 758 58  HOH TIP A . 
D 4 HOH 40 759 60  HOH TIP A . 
D 4 HOH 41 760 61  HOH TIP A . 
D 4 HOH 42 761 62  HOH TIP A . 
D 4 HOH 43 762 64  HOH TIP A . 
D 4 HOH 44 763 65  HOH TIP A . 
D 4 HOH 45 764 66  HOH TIP A . 
D 4 HOH 46 765 67  HOH TIP A . 
D 4 HOH 47 766 68  HOH TIP A . 
D 4 HOH 48 767 70  HOH TIP A . 
D 4 HOH 49 768 71  HOH TIP A . 
D 4 HOH 50 769 72  HOH TIP A . 
D 4 HOH 51 770 74  HOH TIP A . 
D 4 HOH 52 771 75  HOH TIP A . 
D 4 HOH 53 772 116 HOH TIP A . 
D 4 HOH 54 773 117 HOH TIP A . 
D 4 HOH 55 774 118 HOH TIP A . 
D 4 HOH 56 775 123 HOH TIP A . 
D 4 HOH 57 776 124 HOH TIP A . 
D 4 HOH 58 777 125 HOH TIP A . 
D 4 HOH 59 778 127 HOH TIP A . 
D 4 HOH 60 779 132 HOH TIP A . 
D 4 HOH 61 780 134 HOH TIP A . 
D 4 HOH 62 781 137 HOH TIP A . 
D 4 HOH 63 782 138 HOH TIP A . 
D 4 HOH 64 783 144 HOH TIP A . 
D 4 HOH 65 784 145 HOH TIP A . 
D 4 HOH 66 785 150 HOH TIP A . 
D 4 HOH 67 786 156 HOH TIP A . 
D 4 HOH 68 787 158 HOH TIP A . 
D 4 HOH 69 788 168 HOH TIP A . 
D 4 HOH 70 789 171 HOH TIP A . 
D 4 HOH 71 790 181 HOH TIP A . 
D 4 HOH 72 791 182 HOH TIP A . 
D 4 HOH 73 792 186 HOH TIP A . 
D 4 HOH 74 793 193 HOH TIP A . 
D 4 HOH 75 794 198 HOH TIP A . 
D 4 HOH 76 795 199 HOH TIP A . 
D 4 HOH 77 796 200 HOH TIP A . 
D 4 HOH 78 797 202 HOH TIP A . 
D 4 HOH 79 798 204 HOH TIP A . 
D 4 HOH 80 799 213 HOH TIP A . 
D 4 HOH 81 800 221 HOH TIP A . 
D 4 HOH 82 801 235 HOH TIP A . 
D 4 HOH 83 802 250 HOH TIP A . 
D 4 HOH 84 803 254 HOH TIP A . 
D 4 HOH 85 804 255 HOH TIP A . 
D 4 HOH 86 805 259 HOH TIP A . 
D 4 HOH 87 806 260 HOH TIP A . 
D 4 HOH 88 807 271 HOH TIP A . 
D 4 HOH 89 808 272 HOH TIP A . 
D 4 HOH 90 809 278 HOH TIP A . 
D 4 HOH 91 810 280 HOH TIP A . 
D 4 HOH 92 811 281 HOH TIP A . 
D 4 HOH 93 812 290 HOH TIP A . 
D 4 HOH 94 813 292 HOH TIP A . 
D 4 HOH 95 814 294 HOH TIP A . 
D 4 HOH 96 815 298 HOH TIP A . 
D 4 HOH 97 816 299 HOH TIP A . 
D 4 HOH 98 817 300 HOH TIP A . 
# 
loop_
_pdbx_unobs_or_zero_occ_atoms.id 
_pdbx_unobs_or_zero_occ_atoms.PDB_model_num 
_pdbx_unobs_or_zero_occ_atoms.polymer_flag 
_pdbx_unobs_or_zero_occ_atoms.occupancy_flag 
_pdbx_unobs_or_zero_occ_atoms.auth_asym_id 
_pdbx_unobs_or_zero_occ_atoms.auth_comp_id 
_pdbx_unobs_or_zero_occ_atoms.auth_seq_id 
_pdbx_unobs_or_zero_occ_atoms.PDB_ins_code 
_pdbx_unobs_or_zero_occ_atoms.auth_atom_id 
_pdbx_unobs_or_zero_occ_atoms.label_alt_id 
_pdbx_unobs_or_zero_occ_atoms.label_asym_id 
_pdbx_unobs_or_zero_occ_atoms.label_comp_id 
_pdbx_unobs_or_zero_occ_atoms.label_seq_id 
_pdbx_unobs_or_zero_occ_atoms.label_atom_id 
1 1 Y 1 A ARG 254 ? CG  ? A ARG 115 CG  
2 1 Y 1 A ARG 254 ? CD  ? A ARG 115 CD  
3 1 Y 1 A ARG 254 ? NE  ? A ARG 115 NE  
4 1 Y 1 A ARG 254 ? CZ  ? A ARG 115 CZ  
5 1 Y 1 A ARG 254 ? NH1 ? A ARG 115 NH1 
6 1 Y 1 A ARG 254 ? NH2 ? A ARG 115 NH2 
# 
loop_
_software.name 
_software.classification 
_software.version 
_software.citation_id 
_software.pdbx_ordinal 
X-PLOR    'model building' .     ? 1 
X-PLOR    refinement       3.851 ? 2 
DENZO     'data reduction' .     ? 3 
SCALEPACK 'data scaling'   .     ? 4 
X-PLOR    phasing          .     ? 5 
# 
_cell.entry_id           1DP6 
_cell.length_a           127.372 
_cell.length_b           127.372 
_cell.length_c           58.582 
_cell.angle_alpha        90.00 
_cell.angle_beta         90.00 
_cell.angle_gamma        120.00 
_cell.Z_PDB              18 
_cell.pdbx_unique_axis   ? 
# 
_symmetry.entry_id                         1DP6 
_symmetry.space_group_name_H-M             'H 3 2' 
_symmetry.pdbx_full_space_group_name_H-M   ? 
_symmetry.cell_setting                     ? 
_symmetry.Int_Tables_number                155 
# 
_exptl.entry_id          1DP6 
_exptl.method            'X-RAY DIFFRACTION' 
_exptl.crystals_number   ? 
# 
_exptl_crystal.id                    1 
_exptl_crystal.density_meas          ? 
_exptl_crystal.density_Matthews      3.06 
_exptl_crystal.density_percent_sol   59.85 
_exptl_crystal.description           ? 
# 
_exptl_crystal_grow.crystal_id      1 
_exptl_crystal_grow.method          'VAPOR DIFFUSION, HANGING DROP' 
_exptl_crystal_grow.temp            277 
_exptl_crystal_grow.temp_details    ? 
_exptl_crystal_grow.pH              7.5 
_exptl_crystal_grow.pdbx_details    'Sodium Chloride, MPD, HEPS, pH 7.5, VAPOR DIFFUSION, HANGING DROP, temperature 277K' 
_exptl_crystal_grow.pdbx_pH_range   . 
# 
_diffrn.id                     1 
_diffrn.ambient_temp           100 
_diffrn.ambient_temp_details   ? 
_diffrn.crystal_id             1 
# 
_diffrn_detector.diffrn_id              1 
_diffrn_detector.detector               CCD 
_diffrn_detector.type                   ? 
_diffrn_detector.pdbx_collection_date   ? 
_diffrn_detector.details                ? 
# 
_diffrn_radiation.diffrn_id                        1 
_diffrn_radiation.wavelength_id                    1 
_diffrn_radiation.pdbx_monochromatic_or_laue_m_l   M 
_diffrn_radiation.monochromator                    ? 
_diffrn_radiation.pdbx_diffrn_protocol             'SINGLE WAVELENGTH' 
_diffrn_radiation.pdbx_scattering_type             x-ray 
# 
_diffrn_radiation_wavelength.id           1 
_diffrn_radiation_wavelength.wavelength   1.2830 
_diffrn_radiation_wavelength.wt           1.0 
# 
_diffrn_source.diffrn_id                   1 
_diffrn_source.source                      SYNCHROTRON 
_diffrn_source.type                        'NSLS BEAMLINE X4A' 
_diffrn_source.pdbx_synchrotron_site       NSLS 
_diffrn_source.pdbx_synchrotron_beamline   X4A 
_diffrn_source.pdbx_wavelength             1.2830 
_diffrn_source.pdbx_wavelength_list        ? 
# 
_reflns.entry_id                     1DP6 
_reflns.observed_criterion_sigma_I   0.0 
_reflns.observed_criterion_sigma_F   0.0 
_reflns.d_resolution_low             20.0 
_reflns.d_resolution_high            2.3 
_reflns.number_obs                   57805 
_reflns.number_all                   ? 
_reflns.percent_possible_obs         97.6 
_reflns.pdbx_Rmerge_I_obs            0.0480000 
_reflns.pdbx_Rsym_value              ? 
_reflns.pdbx_netI_over_sigmaI        ? 
_reflns.B_iso_Wilson_estimate        ? 
_reflns.pdbx_redundancy              ? 
_reflns.R_free_details               ? 
_reflns.limit_h_max                  ? 
_reflns.limit_h_min                  ? 
_reflns.limit_k_max                  ? 
_reflns.limit_k_min                  ? 
_reflns.limit_l_max                  ? 
_reflns.limit_l_min                  ? 
_reflns.observed_criterion_F_max     ? 
_reflns.observed_criterion_F_min     ? 
_reflns.pdbx_diffrn_id               1 
_reflns.pdbx_ordinal                 1 
# 
_reflns_shell.d_res_high             2.3 
_reflns_shell.d_res_low              2.4 
_reflns_shell.percent_possible_all   94.9 
_reflns_shell.Rmerge_I_obs           0.2560000 
_reflns_shell.pdbx_Rsym_value        ? 
_reflns_shell.meanI_over_sigI_obs    ? 
_reflns_shell.pdbx_redundancy        ? 
_reflns_shell.percent_possible_obs   ? 
_reflns_shell.number_unique_all      7990 
_reflns_shell.pdbx_diffrn_id         ? 
_reflns_shell.pdbx_ordinal           1 
# 
_refine.entry_id                                 1DP6 
_refine.ls_number_reflns_obs                     7990 
_refine.ls_number_reflns_all                     57805 
_refine.pdbx_ls_sigma_I                          0.0 
_refine.pdbx_ls_sigma_F                          0.0 
_refine.pdbx_data_cutoff_high_absF               ? 
_refine.pdbx_data_cutoff_low_absF                ? 
_refine.ls_d_res_low                             20.0 
_refine.ls_d_res_high                            2.3 
_refine.ls_percent_reflns_obs                    97.6 
_refine.ls_R_factor_obs                          0.2060000 
_refine.ls_R_factor_all                          0.2060000 
_refine.ls_R_factor_R_work                       0.2060000 
_refine.ls_R_factor_R_free                       0.2500000 
_refine.ls_R_factor_R_free_error                 ? 
_refine.ls_R_factor_R_free_error_details         ? 
_refine.ls_percent_reflns_R_free                 ? 
_refine.ls_number_reflns_R_free                  671 
_refine.ls_number_parameters                     ? 
_refine.ls_number_restraints                     ? 
_refine.occupancy_min                            ? 
_refine.occupancy_max                            ? 
_refine.B_iso_mean                               ? 
_refine.aniso_B[1][1]                            ? 
_refine.aniso_B[2][2]                            ? 
_refine.aniso_B[3][3]                            ? 
_refine.aniso_B[1][2]                            ? 
_refine.aniso_B[1][3]                            ? 
_refine.aniso_B[2][3]                            ? 
_refine.solvent_model_details                    ? 
_refine.solvent_model_param_ksol                 ? 
_refine.solvent_model_param_bsol                 ? 
_refine.pdbx_ls_cross_valid_method               ? 
_refine.details                                  ? 
_refine.pdbx_starting_model                      ? 
_refine.pdbx_method_to_determine_struct          ? 
_refine.pdbx_isotropic_thermal_model             ? 
_refine.pdbx_stereochemistry_target_values       'Engh & Huber' 
_refine.pdbx_stereochem_target_val_spec_case     ? 
_refine.pdbx_R_Free_selection_details            RANDOM 
_refine.pdbx_overall_ESU_R_Free                  ? 
_refine.overall_SU_B                             ? 
_refine.ls_redundancy_reflns_obs                 ? 
_refine.overall_SU_ML                            ? 
_refine.pdbx_overall_ESU_R                       ? 
_refine.pdbx_data_cutoff_high_rms_absF           ? 
_refine.B_iso_min                                ? 
_refine.B_iso_max                                ? 
_refine.correlation_coeff_Fo_to_Fc               ? 
_refine.correlation_coeff_Fo_to_Fc_free          ? 
_refine.overall_SU_R_Cruickshank_DPI             ? 
_refine.overall_SU_R_free                        ? 
_refine.pdbx_refine_id                           'X-RAY DIFFRACTION' 
_refine.pdbx_diffrn_id                           1 
_refine.pdbx_TLS_residual_ADP_flag               ? 
_refine.pdbx_solvent_vdw_probe_radii             ? 
_refine.pdbx_solvent_ion_probe_radii             ? 
_refine.pdbx_solvent_shrinkage_radii             ? 
_refine.pdbx_overall_phase_error                 ? 
_refine.pdbx_overall_SU_R_free_Cruickshank_DPI   ? 
_refine.pdbx_overall_SU_R_Blow_DPI               ? 
_refine.pdbx_overall_SU_R_free_Blow_DPI          ? 
# 
_refine_hist.pdbx_refine_id                   'X-RAY DIFFRACTION' 
_refine_hist.cycle_id                         LAST 
_refine_hist.pdbx_number_atoms_protein        914 
_refine_hist.pdbx_number_atoms_nucleic_acid   0 
_refine_hist.pdbx_number_atoms_ligand         45 
_refine_hist.number_atoms_solvent             98 
_refine_hist.number_atoms_total               1057 
_refine_hist.d_res_high                       2.3 
_refine_hist.d_res_low                        20.0 
# 
loop_
_refine_ls_restr.type 
_refine_ls_restr.dev_ideal 
_refine_ls_restr.dev_ideal_target 
_refine_ls_restr.weight 
_refine_ls_restr.number 
_refine_ls_restr.pdbx_refine_id 
_refine_ls_restr.pdbx_restraint_function 
x_bond_d    0.016 ? ? ? 'X-RAY DIFFRACTION' ? 
x_angle_deg 1.8   ? ? ? 'X-RAY DIFFRACTION' ? 
# 
_struct.entry_id                  1DP6 
_struct.title                     'OXYGEN-BINDING COMPLEX OF FIXL HEME DOMAIN' 
_struct.pdbx_model_details        ? 
_struct.pdbx_CASP_flag            ? 
_struct.pdbx_model_type_details   ? 
# 
_struct_keywords.entry_id        1DP6 
_struct_keywords.pdbx_keywords   'OXYGEN STORAGE/TRANSPORT' 
_struct_keywords.text            'FIXL, HEME, PAS DOMAIN, SIGNAL TRANSDUCTION, HISTIDINE KINASE, OXYGEN STORAGE-TRANSPORT COMPLEX' 
# 
loop_
_struct_asym.id 
_struct_asym.pdbx_blank_PDB_chainid_flag 
_struct_asym.pdbx_modified 
_struct_asym.entity_id 
_struct_asym.details 
A N N 1 ? 
B N N 2 ? 
C N N 3 ? 
D N N 4 ? 
# 
_struct_ref.id                         1 
_struct_ref.db_name                    UNP 
_struct_ref.db_code                    FIXL_BRAJA 
_struct_ref.pdbx_db_accession          P23222 
_struct_ref.entity_id                  1 
_struct_ref.pdbx_align_begin           1 
_struct_ref.pdbx_seq_one_letter_code   
;LAPTRVTHPPDDGRGEHFRVRIEGFGVGTWDLDLKTWALDWSDTARTLLGIGQDQPASYDLFLSRLEPDDRERVESAIKR
VSERGGGFDVSFRVAGTSNAGQWIRARAGLIRDEAGTARHLSGIFLDIDEEKQVEGALRTRETHLRSILHTIPDAMIVID
GHGIIQLFSTAAERLFGWSELEAIGQNVNILMPEPDRSRHDSYISRYRTTSDPHIIGIGRIVTGKRRDGTTFPMHLSIGE
MQSGGEPYFTGFVRDLTEHQQTQARLQELQSELVHVSRLSAMGEMASALAHELNQPLAAISNYMKGSRRLLAGSSDPNTP
KVESALDRAAEQALRAGQIIRRLRDFVARGESEKRVESLSKLIEEAGALGLAGAREQNVQLRFSLDPGADLVLADRVQIQ
QVLVNLFRNALEAMAQSQRRELVVTNTPAADDMIEVEVSDTGSGFQDDVIPNLFQTFFTTKDTGMGVGLSISRSIIEAHG
GRMWAESNASGGATFRFTLPAADEN
;
_struct_ref.pdbx_db_isoform            ? 
# 
_struct_ref_seq.align_id                      1 
_struct_ref_seq.ref_id                        1 
_struct_ref_seq.pdbx_PDB_id_code              1DP6 
_struct_ref_seq.pdbx_strand_id                A 
_struct_ref_seq.seq_align_beg                 1 
_struct_ref_seq.pdbx_seq_align_beg_ins_code   ? 
_struct_ref_seq.seq_align_end                 131 
_struct_ref_seq.pdbx_seq_align_end_ins_code   ? 
_struct_ref_seq.pdbx_db_accession             P23222 
_struct_ref_seq.db_align_beg                  140 
_struct_ref_seq.pdbx_db_align_beg_ins_code    ? 
_struct_ref_seq.db_align_end                  270 
_struct_ref_seq.pdbx_db_align_end_ins_code    ? 
_struct_ref_seq.pdbx_auth_seq_align_beg       140 
_struct_ref_seq.pdbx_auth_seq_align_end       270 
# 
_struct_ref_seq_dif.align_id                     1 
_struct_ref_seq_dif.pdbx_pdb_id_code             1DP6 
_struct_ref_seq_dif.mon_id                       MET 
_struct_ref_seq_dif.pdbx_pdb_strand_id           A 
_struct_ref_seq_dif.seq_num                      1 
_struct_ref_seq_dif.pdbx_pdb_ins_code            ? 
_struct_ref_seq_dif.pdbx_seq_db_name             UNP 
_struct_ref_seq_dif.pdbx_seq_db_accession_code   P23222 
_struct_ref_seq_dif.db_mon_id                    THR 
_struct_ref_seq_dif.pdbx_seq_db_seq_num          140 
_struct_ref_seq_dif.details                      conflict 
_struct_ref_seq_dif.pdbx_auth_seq_num            140 
_struct_ref_seq_dif.pdbx_ordinal                 1 
# 
_pdbx_struct_assembly.id                   1 
_pdbx_struct_assembly.details              author_defined_assembly 
_pdbx_struct_assembly.method_details       ? 
_pdbx_struct_assembly.oligomeric_details   monomeric 
_pdbx_struct_assembly.oligomeric_count     1 
# 
_pdbx_struct_assembly_gen.assembly_id       1 
_pdbx_struct_assembly_gen.oper_expression   1 
_pdbx_struct_assembly_gen.asym_id_list      A,B,C,D 
# 
_pdbx_struct_oper_list.id                   1 
_pdbx_struct_oper_list.type                 'identity operation' 
_pdbx_struct_oper_list.name                 1_555 
_pdbx_struct_oper_list.symmetry_operation   x,y,z 
_pdbx_struct_oper_list.matrix[1][1]         1.0000000000 
_pdbx_struct_oper_list.matrix[1][2]         0.0000000000 
_pdbx_struct_oper_list.matrix[1][3]         0.0000000000 
_pdbx_struct_oper_list.vector[1]            0.0000000000 
_pdbx_struct_oper_list.matrix[2][1]         0.0000000000 
_pdbx_struct_oper_list.matrix[2][2]         1.0000000000 
_pdbx_struct_oper_list.matrix[2][3]         0.0000000000 
_pdbx_struct_oper_list.vector[2]            0.0000000000 
_pdbx_struct_oper_list.matrix[3][1]         0.0000000000 
_pdbx_struct_oper_list.matrix[3][2]         0.0000000000 
_pdbx_struct_oper_list.matrix[3][3]         1.0000000000 
_pdbx_struct_oper_list.vector[3]            0.0000000000 
# 
_struct_biol.id                    1 
_struct_biol.pdbx_parent_biol_id   ? 
_struct_biol.details               ? 
# 
loop_
_struct_conf.conf_type_id 
_struct_conf.id 
_struct_conf.pdbx_PDB_helix_id 
_struct_conf.beg_label_comp_id 
_struct_conf.beg_label_asym_id 
_struct_conf.beg_label_seq_id 
_struct_conf.pdbx_beg_PDB_ins_code 
_struct_conf.end_label_comp_id 
_struct_conf.end_label_asym_id 
_struct_conf.end_label_seq_id 
_struct_conf.pdbx_end_PDB_ins_code 
_struct_conf.beg_auth_comp_id 
_struct_conf.beg_auth_asym_id 
_struct_conf.beg_auth_seq_id 
_struct_conf.end_auth_comp_id 
_struct_conf.end_auth_asym_id 
_struct_conf.end_auth_seq_id 
_struct_conf.pdbx_PDB_helix_class 
_struct_conf.details 
_struct_conf.pdbx_PDB_helix_length 
HELX_P HELX_P1 1 SER A 30  ? GLY A 38  ? SER A 169 GLY A 177 1 ? 9  
HELX_P HELX_P2 2 SER A 40  ? ILE A 45  ? SER A 179 ILE A 184 1 ? 6  
HELX_P HELX_P3 3 VAL A 49  ? MET A 53  ? VAL A 188 MET A 192 5 ? 5  
HELX_P HELX_P4 4 PRO A 56  ? SER A 72  ? PRO A 195 SER A 211 1 ? 17 
HELX_P HELX_P5 5 LEU A 117 ? LEU A 130 ? LEU A 256 LEU A 269 1 ? 14 
# 
_struct_conf_type.id          HELX_P 
_struct_conf_type.criteria    ? 
_struct_conf_type.reference   ? 
# 
loop_
_struct_conn.id 
_struct_conn.conn_type_id 
_struct_conn.pdbx_leaving_atom_flag 
_struct_conn.pdbx_PDB_id 
_struct_conn.ptnr1_label_asym_id 
_struct_conn.ptnr1_label_comp_id 
_struct_conn.ptnr1_label_seq_id 
_struct_conn.ptnr1_label_atom_id 
_struct_conn.pdbx_ptnr1_label_alt_id 
_struct_conn.pdbx_ptnr1_PDB_ins_code 
_struct_conn.pdbx_ptnr1_standard_comp_id 
_struct_conn.ptnr1_symmetry 
_struct_conn.ptnr2_label_asym_id 
_struct_conn.ptnr2_label_comp_id 
_struct_conn.ptnr2_label_seq_id 
_struct_conn.ptnr2_label_atom_id 
_struct_conn.pdbx_ptnr2_label_alt_id 
_struct_conn.pdbx_ptnr2_PDB_ins_code 
_struct_conn.ptnr1_auth_asym_id 
_struct_conn.ptnr1_auth_comp_id 
_struct_conn.ptnr1_auth_seq_id 
_struct_conn.ptnr2_auth_asym_id 
_struct_conn.ptnr2_auth_comp_id 
_struct_conn.ptnr2_auth_seq_id 
_struct_conn.ptnr2_symmetry 
_struct_conn.pdbx_ptnr3_label_atom_id 
_struct_conn.pdbx_ptnr3_label_seq_id 
_struct_conn.pdbx_ptnr3_label_comp_id 
_struct_conn.pdbx_ptnr3_label_asym_id 
_struct_conn.pdbx_ptnr3_label_alt_id 
_struct_conn.pdbx_ptnr3_PDB_ins_code 
_struct_conn.details 
_struct_conn.pdbx_dist_value 
_struct_conn.pdbx_value_order 
_struct_conn.pdbx_role 
metalc1 metalc ? ? A HIS 61 NE2 ? ? ? 1_555 C HEM . FE ? ? A HIS 200 A HEM 719 1_555 ? ? ? ? ? ? ? 2.158 ? ? 
metalc2 metalc ? ? B OXY .  O1  ? ? ? 1_555 C HEM . FE ? ? A OXY 500 A HEM 719 1_555 ? ? ? ? ? ? ? 1.808 ? ? 
metalc3 metalc ? ? B OXY .  O2  ? ? ? 1_555 C HEM . FE ? ? A OXY 500 A HEM 719 1_555 ? ? ? ? ? ? ? 2.583 ? ? 
# 
_struct_conn_type.id          metalc 
_struct_conn_type.criteria    ? 
_struct_conn_type.reference   ? 
# 
loop_
_pdbx_struct_conn_angle.id 
_pdbx_struct_conn_angle.ptnr1_label_atom_id 
_pdbx_struct_conn_angle.ptnr1_label_alt_id 
_pdbx_struct_conn_angle.ptnr1_label_asym_id 
_pdbx_struct_conn_angle.ptnr1_label_comp_id 
_pdbx_struct_conn_angle.ptnr1_label_seq_id 
_pdbx_struct_conn_angle.ptnr1_auth_atom_id 
_pdbx_struct_conn_angle.ptnr1_auth_asym_id 
_pdbx_struct_conn_angle.ptnr1_auth_comp_id 
_pdbx_struct_conn_angle.ptnr1_auth_seq_id 
_pdbx_struct_conn_angle.ptnr1_PDB_ins_code 
_pdbx_struct_conn_angle.ptnr1_symmetry 
_pdbx_struct_conn_angle.ptnr2_label_atom_id 
_pdbx_struct_conn_angle.ptnr2_label_alt_id 
_pdbx_struct_conn_angle.ptnr2_label_asym_id 
_pdbx_struct_conn_angle.ptnr2_label_comp_id 
_pdbx_struct_conn_angle.ptnr2_label_seq_id 
_pdbx_struct_conn_angle.ptnr2_auth_atom_id 
_pdbx_struct_conn_angle.ptnr2_auth_asym_id 
_pdbx_struct_conn_angle.ptnr2_auth_comp_id 
_pdbx_struct_conn_angle.ptnr2_auth_seq_id 
_pdbx_struct_conn_angle.ptnr2_PDB_ins_code 
_pdbx_struct_conn_angle.ptnr2_symmetry 
_pdbx_struct_conn_angle.ptnr3_label_atom_id 
_pdbx_struct_conn_angle.ptnr3_label_alt_id 
_pdbx_struct_conn_angle.ptnr3_label_asym_id 
_pdbx_struct_conn_angle.ptnr3_label_comp_id 
_pdbx_struct_conn_angle.ptnr3_label_seq_id 
_pdbx_struct_conn_angle.ptnr3_auth_atom_id 
_pdbx_struct_conn_angle.ptnr3_auth_asym_id 
_pdbx_struct_conn_angle.ptnr3_auth_comp_id 
_pdbx_struct_conn_angle.ptnr3_auth_seq_id 
_pdbx_struct_conn_angle.ptnr3_PDB_ins_code 
_pdbx_struct_conn_angle.ptnr3_symmetry 
_pdbx_struct_conn_angle.value 
_pdbx_struct_conn_angle.value_esd 
1  NE2 ? A HIS 61 ? A HIS 200 ? 1_555 FE ? C HEM . ? A HEM 719 ? 1_555 NA ? C HEM . ? A HEM 719 ? 1_555 96.0  ? 
2  NE2 ? A HIS 61 ? A HIS 200 ? 1_555 FE ? C HEM . ? A HEM 719 ? 1_555 NB ? C HEM . ? A HEM 719 ? 1_555 91.3  ? 
3  NA  ? C HEM .  ? A HEM 719 ? 1_555 FE ? C HEM . ? A HEM 719 ? 1_555 NB ? C HEM . ? A HEM 719 ? 1_555 91.9  ? 
4  NE2 ? A HIS 61 ? A HIS 200 ? 1_555 FE ? C HEM . ? A HEM 719 ? 1_555 NC ? C HEM . ? A HEM 719 ? 1_555 88.3  ? 
5  NA  ? C HEM .  ? A HEM 719 ? 1_555 FE ? C HEM . ? A HEM 719 ? 1_555 NC ? C HEM . ? A HEM 719 ? 1_555 175.3 ? 
6  NB  ? C HEM .  ? A HEM 719 ? 1_555 FE ? C HEM . ? A HEM 719 ? 1_555 NC ? C HEM . ? A HEM 719 ? 1_555 86.1  ? 
7  NE2 ? A HIS 61 ? A HIS 200 ? 1_555 FE ? C HEM . ? A HEM 719 ? 1_555 ND ? C HEM . ? A HEM 719 ? 1_555 90.6  ? 
8  NA  ? C HEM .  ? A HEM 719 ? 1_555 FE ? C HEM . ? A HEM 719 ? 1_555 ND ? C HEM . ? A HEM 719 ? 1_555 90.4  ? 
9  NB  ? C HEM .  ? A HEM 719 ? 1_555 FE ? C HEM . ? A HEM 719 ? 1_555 ND ? C HEM . ? A HEM 719 ? 1_555 176.8 ? 
10 NC  ? C HEM .  ? A HEM 719 ? 1_555 FE ? C HEM . ? A HEM 719 ? 1_555 ND ? C HEM . ? A HEM 719 ? 1_555 91.4  ? 
11 NE2 ? A HIS 61 ? A HIS 200 ? 1_555 FE ? C HEM . ? A HEM 719 ? 1_555 O1 ? B OXY . ? A OXY 500 ? 1_555 176.1 ? 
12 NA  ? C HEM .  ? A HEM 719 ? 1_555 FE ? C HEM . ? A HEM 719 ? 1_555 O1 ? B OXY . ? A OXY 500 ? 1_555 80.3  ? 
13 NB  ? C HEM .  ? A HEM 719 ? 1_555 FE ? C HEM . ? A HEM 719 ? 1_555 O1 ? B OXY . ? A OXY 500 ? 1_555 90.2  ? 
14 NC  ? C HEM .  ? A HEM 719 ? 1_555 FE ? C HEM . ? A HEM 719 ? 1_555 O1 ? B OXY . ? A OXY 500 ? 1_555 95.4  ? 
15 ND  ? C HEM .  ? A HEM 719 ? 1_555 FE ? C HEM . ? A HEM 719 ? 1_555 O1 ? B OXY . ? A OXY 500 ? 1_555 88.0  ? 
16 NE2 ? A HIS 61 ? A HIS 200 ? 1_555 FE ? C HEM . ? A HEM 719 ? 1_555 O2 ? B OXY . ? A OXY 500 ? 1_555 158.9 ? 
17 NA  ? C HEM .  ? A HEM 719 ? 1_555 FE ? C HEM . ? A HEM 719 ? 1_555 O2 ? B OXY . ? A OXY 500 ? 1_555 101.0 ? 
18 NB  ? C HEM .  ? A HEM 719 ? 1_555 FE ? C HEM . ? A HEM 719 ? 1_555 O2 ? B OXY . ? A OXY 500 ? 1_555 100.3 ? 
19 NC  ? C HEM .  ? A HEM 719 ? 1_555 FE ? C HEM . ? A HEM 719 ? 1_555 O2 ? B OXY . ? A OXY 500 ? 1_555 75.1  ? 
20 ND  ? C HEM .  ? A HEM 719 ? 1_555 FE ? C HEM . ? A HEM 719 ? 1_555 O2 ? B OXY . ? A OXY 500 ? 1_555 77.0  ? 
21 O1  ? B OXY .  ? A OXY 500 ? 1_555 FE ? C HEM . ? A HEM 719 ? 1_555 O2 ? B OXY . ? A OXY 500 ? 1_555 23.5  ? 
# 
_struct_mon_prot_cis.pdbx_id                1 
_struct_mon_prot_cis.label_comp_id          GLU 
_struct_mon_prot_cis.label_seq_id           55 
_struct_mon_prot_cis.label_asym_id          A 
_struct_mon_prot_cis.label_alt_id           . 
_struct_mon_prot_cis.pdbx_PDB_ins_code      ? 
_struct_mon_prot_cis.auth_comp_id           GLU 
_struct_mon_prot_cis.auth_seq_id            194 
_struct_mon_prot_cis.auth_asym_id           A 
_struct_mon_prot_cis.pdbx_label_comp_id_2   PRO 
_struct_mon_prot_cis.pdbx_label_seq_id_2    56 
_struct_mon_prot_cis.pdbx_label_asym_id_2   A 
_struct_mon_prot_cis.pdbx_PDB_ins_code_2    ? 
_struct_mon_prot_cis.pdbx_auth_comp_id_2    PRO 
_struct_mon_prot_cis.pdbx_auth_seq_id_2     195 
_struct_mon_prot_cis.pdbx_auth_asym_id_2    A 
_struct_mon_prot_cis.pdbx_PDB_model_num     1 
_struct_mon_prot_cis.pdbx_omega_angle       -1.14 
# 
_struct_sheet.id               A 
_struct_sheet.type             ? 
_struct_sheet.number_strands   5 
_struct_sheet.details          ? 
# 
loop_
_struct_sheet_order.sheet_id 
_struct_sheet_order.range_id_1 
_struct_sheet_order.range_id_2 
_struct_sheet_order.offset 
_struct_sheet_order.sense 
A 1 2 ? anti-parallel 
A 2 3 ? anti-parallel 
A 3 4 ? anti-parallel 
A 4 5 ? anti-parallel 
# 
loop_
_struct_sheet_range.sheet_id 
_struct_sheet_range.id 
_struct_sheet_range.beg_label_comp_id 
_struct_sheet_range.beg_label_asym_id 
_struct_sheet_range.beg_label_seq_id 
_struct_sheet_range.pdbx_beg_PDB_ins_code 
_struct_sheet_range.end_label_comp_id 
_struct_sheet_range.end_label_asym_id 
_struct_sheet_range.end_label_seq_id 
_struct_sheet_range.pdbx_end_PDB_ins_code 
_struct_sheet_range.beg_auth_comp_id 
_struct_sheet_range.beg_auth_asym_id 
_struct_sheet_range.beg_auth_seq_id 
_struct_sheet_range.end_auth_comp_id 
_struct_sheet_range.end_auth_asym_id 
_struct_sheet_range.end_auth_seq_id 
A 1 ILE A 26  ? PHE A 29  ? ILE A 165 PHE A 168 
A 2 ALA A 16  ? ASP A 21  ? ALA A 155 ASP A 160 
A 3 GLU A 107 ? ASP A 116 ? GLU A 246 ASP A 255 
A 4 THR A 92  ? SER A 104 ? THR A 231 SER A 243 
A 5 GLY A 80  ? LYS A 86  ? GLY A 219 LYS A 225 
# 
loop_
_pdbx_struct_sheet_hbond.sheet_id 
_pdbx_struct_sheet_hbond.range_id_1 
_pdbx_struct_sheet_hbond.range_id_2 
_pdbx_struct_sheet_hbond.range_1_label_atom_id 
_pdbx_struct_sheet_hbond.range_1_label_comp_id 
_pdbx_struct_sheet_hbond.range_1_label_asym_id 
_pdbx_struct_sheet_hbond.range_1_label_seq_id 
_pdbx_struct_sheet_hbond.range_1_PDB_ins_code 
_pdbx_struct_sheet_hbond.range_1_auth_atom_id 
_pdbx_struct_sheet_hbond.range_1_auth_comp_id 
_pdbx_struct_sheet_hbond.range_1_auth_asym_id 
_pdbx_struct_sheet_hbond.range_1_auth_seq_id 
_pdbx_struct_sheet_hbond.range_2_label_atom_id 
_pdbx_struct_sheet_hbond.range_2_label_comp_id 
_pdbx_struct_sheet_hbond.range_2_label_asym_id 
_pdbx_struct_sheet_hbond.range_2_label_seq_id 
_pdbx_struct_sheet_hbond.range_2_PDB_ins_code 
_pdbx_struct_sheet_hbond.range_2_auth_atom_id 
_pdbx_struct_sheet_hbond.range_2_auth_comp_id 
_pdbx_struct_sheet_hbond.range_2_auth_asym_id 
_pdbx_struct_sheet_hbond.range_2_auth_seq_id 
A 1 2 N GLN A 27  ? N GLN A 166 O VAL A 19  ? O VAL A 158 
A 2 3 N ILE A 20  ? N ILE A 159 O PHE A 110 ? O PHE A 249 
A 3 4 O ARG A 115 ? O ARG A 254 N HIS A 96  ? N HIS A 235 
A 4 5 N LEU A 97  ? N LEU A 236 O ARG A 81  ? O ARG A 220 
# 
loop_
_struct_site.id 
_struct_site.pdbx_evidence_code 
_struct_site.pdbx_auth_asym_id 
_struct_site.pdbx_auth_comp_id 
_struct_site.pdbx_auth_seq_id 
_struct_site.pdbx_auth_ins_code 
_struct_site.pdbx_num_residues 
_struct_site.details 
AC1 Software A OXY 500 ? 5  'BINDING SITE FOR RESIDUE OXY A 500' 
AC2 Software A HEM 719 ? 18 'BINDING SITE FOR RESIDUE HEM A 719' 
# 
loop_
_struct_site_gen.id 
_struct_site_gen.site_id 
_struct_site_gen.pdbx_num_res 
_struct_site_gen.label_comp_id 
_struct_site_gen.label_asym_id 
_struct_site_gen.label_seq_id 
_struct_site_gen.pdbx_auth_ins_code 
_struct_site_gen.auth_comp_id 
_struct_site_gen.auth_asym_id 
_struct_site_gen.auth_seq_id 
_struct_site_gen.label_atom_id 
_struct_site_gen.label_alt_id 
_struct_site_gen.symmetry 
_struct_site_gen.details 
1  AC1 5  ILE A 76  ? ILE A 215 . ? 1_555 ? 
2  AC1 5  ARG A 81  ? ARG A 220 . ? 1_555 ? 
3  AC1 5  LEU A 97  ? LEU A 236 . ? 1_555 ? 
4  AC1 5  ILE A 99  ? ILE A 238 . ? 1_555 ? 
5  AC1 5  HEM C .   ? HEM A 719 . ? 1_555 ? 
6  AC2 18 ILE A 18  ? ILE A 157 . ? 1_555 ? 
7  AC2 18 LEU A 52  ? LEU A 191 . ? 1_555 ? 
8  AC2 18 MET A 53  ? MET A 192 . ? 1_555 ? 
9  AC2 18 ASP A 57  ? ASP A 196 . ? 1_555 ? 
10 AC2 18 HIS A 61  ? HIS A 200 . ? 1_555 ? 
11 AC2 18 TYR A 64  ? TYR A 203 . ? 1_555 ? 
12 AC2 18 ARG A 67  ? ARG A 206 . ? 1_555 ? 
13 AC2 18 HIS A 75  ? HIS A 214 . ? 1_555 ? 
14 AC2 18 ILE A 76  ? ILE A 215 . ? 1_555 ? 
15 AC2 18 ILE A 77  ? ILE A 216 . ? 1_555 ? 
16 AC2 18 ARG A 81  ? ARG A 220 . ? 1_555 ? 
17 AC2 18 MET A 95  ? MET A 234 . ? 1_555 ? 
18 AC2 18 LEU A 97  ? LEU A 236 . ? 1_555 ? 
19 AC2 18 ILE A 99  ? ILE A 238 . ? 1_555 ? 
20 AC2 18 PHE A 110 ? PHE A 249 . ? 1_555 ? 
21 AC2 18 GLY A 112 ? GLY A 251 . ? 1_555 ? 
22 AC2 18 OXY B .   ? OXY A 500 . ? 1_555 ? 
23 AC2 18 HOH D .   ? HOH A 796 . ? 1_555 ? 
# 
_pdbx_validate_torsion.id              1 
_pdbx_validate_torsion.PDB_model_num   1 
_pdbx_validate_torsion.auth_comp_id    ASP 
_pdbx_validate_torsion.auth_asym_id    A 
_pdbx_validate_torsion.auth_seq_id     228 
_pdbx_validate_torsion.PDB_ins_code    ? 
_pdbx_validate_torsion.label_alt_id    ? 
_pdbx_validate_torsion.phi             -68.13 
_pdbx_validate_torsion.psi             1.63 
# 
loop_
_pdbx_unobs_or_zero_occ_residues.id 
_pdbx_unobs_or_zero_occ_residues.PDB_model_num 
_pdbx_unobs_or_zero_occ_residues.polymer_flag 
_pdbx_unobs_or_zero_occ_residues.occupancy_flag 
_pdbx_unobs_or_zero_occ_residues.auth_asym_id 
_pdbx_unobs_or_zero_occ_residues.auth_comp_id 
_pdbx_unobs_or_zero_occ_residues.auth_seq_id 
_pdbx_unobs_or_zero_occ_residues.PDB_ins_code 
_pdbx_unobs_or_zero_occ_residues.label_asym_id 
_pdbx_unobs_or_zero_occ_residues.label_comp_id 
_pdbx_unobs_or_zero_occ_residues.label_seq_id 
1  1 Y 1 A MET 140 ? A MET 1   
2  1 Y 1 A ARG 141 ? A ARG 2   
3  1 Y 1 A GLU 142 ? A GLU 3   
4  1 Y 1 A THR 143 ? A THR 4   
5  1 Y 1 A HIS 144 ? A HIS 5   
6  1 Y 1 A LEU 145 ? A LEU 6   
7  1 Y 1 A ARG 146 ? A ARG 7   
8  1 Y 1 A SER 147 ? A SER 8   
9  1 Y 1 A ILE 148 ? A ILE 9   
10 1 Y 1 A LEU 149 ? A LEU 10  
11 1 Y 1 A HIS 150 ? A HIS 11  
12 1 Y 1 A THR 151 ? A THR 12  
13 1 Y 1 A ILE 152 ? A ILE 13  
14 1 Y 1 A PRO 153 ? A PRO 14  
15 1 Y 1 A GLN 270 ? A GLN 131 
# 
loop_
_chem_comp_atom.comp_id 
_chem_comp_atom.atom_id 
_chem_comp_atom.type_symbol 
_chem_comp_atom.pdbx_aromatic_flag 
_chem_comp_atom.pdbx_stereo_config 
_chem_comp_atom.pdbx_ordinal 
ALA N    N  N N 1   
ALA CA   C  N S 2   
ALA C    C  N N 3   
ALA O    O  N N 4   
ALA CB   C  N N 5   
ALA OXT  O  N N 6   
ALA H    H  N N 7   
ALA H2   H  N N 8   
ALA HA   H  N N 9   
ALA HB1  H  N N 10  
ALA HB2  H  N N 11  
ALA HB3  H  N N 12  
ALA HXT  H  N N 13  
ARG N    N  N N 14  
ARG CA   C  N S 15  
ARG C    C  N N 16  
ARG O    O  N N 17  
ARG CB   C  N N 18  
ARG CG   C  N N 19  
ARG CD   C  N N 20  
ARG NE   N  N N 21  
ARG CZ   C  N N 22  
ARG NH1  N  N N 23  
ARG NH2  N  N N 24  
ARG OXT  O  N N 25  
ARG H    H  N N 26  
ARG H2   H  N N 27  
ARG HA   H  N N 28  
ARG HB2  H  N N 29  
ARG HB3  H  N N 30  
ARG HG2  H  N N 31  
ARG HG3  H  N N 32  
ARG HD2  H  N N 33  
ARG HD3  H  N N 34  
ARG HE   H  N N 35  
ARG HH11 H  N N 36  
ARG HH12 H  N N 37  
ARG HH21 H  N N 38  
ARG HH22 H  N N 39  
ARG HXT  H  N N 40  
ASN N    N  N N 41  
ASN CA   C  N S 42  
ASN C    C  N N 43  
ASN O    O  N N 44  
ASN CB   C  N N 45  
ASN CG   C  N N 46  
ASN OD1  O  N N 47  
ASN ND2  N  N N 48  
ASN OXT  O  N N 49  
ASN H    H  N N 50  
ASN H2   H  N N 51  
ASN HA   H  N N 52  
ASN HB2  H  N N 53  
ASN HB3  H  N N 54  
ASN HD21 H  N N 55  
ASN HD22 H  N N 56  
ASN HXT  H  N N 57  
ASP N    N  N N 58  
ASP CA   C  N S 59  
ASP C    C  N N 60  
ASP O    O  N N 61  
ASP CB   C  N N 62  
ASP CG   C  N N 63  
ASP OD1  O  N N 64  
ASP OD2  O  N N 65  
ASP OXT  O  N N 66  
ASP H    H  N N 67  
ASP H2   H  N N 68  
ASP HA   H  N N 69  
ASP HB2  H  N N 70  
ASP HB3  H  N N 71  
ASP HD2  H  N N 72  
ASP HXT  H  N N 73  
GLN N    N  N N 74  
GLN CA   C  N S 75  
GLN C    C  N N 76  
GLN O    O  N N 77  
GLN CB   C  N N 78  
GLN CG   C  N N 79  
GLN CD   C  N N 80  
GLN OE1  O  N N 81  
GLN NE2  N  N N 82  
GLN OXT  O  N N 83  
GLN H    H  N N 84  
GLN H2   H  N N 85  
GLN HA   H  N N 86  
GLN HB2  H  N N 87  
GLN HB3  H  N N 88  
GLN HG2  H  N N 89  
GLN HG3  H  N N 90  
GLN HE21 H  N N 91  
GLN HE22 H  N N 92  
GLN HXT  H  N N 93  
GLU N    N  N N 94  
GLU CA   C  N S 95  
GLU C    C  N N 96  
GLU O    O  N N 97  
GLU CB   C  N N 98  
GLU CG   C  N N 99  
GLU CD   C  N N 100 
GLU OE1  O  N N 101 
GLU OE2  O  N N 102 
GLU OXT  O  N N 103 
GLU H    H  N N 104 
GLU H2   H  N N 105 
GLU HA   H  N N 106 
GLU HB2  H  N N 107 
GLU HB3  H  N N 108 
GLU HG2  H  N N 109 
GLU HG3  H  N N 110 
GLU HE2  H  N N 111 
GLU HXT  H  N N 112 
GLY N    N  N N 113 
GLY CA   C  N N 114 
GLY C    C  N N 115 
GLY O    O  N N 116 
GLY OXT  O  N N 117 
GLY H    H  N N 118 
GLY H2   H  N N 119 
GLY HA2  H  N N 120 
GLY HA3  H  N N 121 
GLY HXT  H  N N 122 
HEM CHA  C  N N 123 
HEM CHB  C  N N 124 
HEM CHC  C  N N 125 
HEM CHD  C  N N 126 
HEM C1A  C  Y N 127 
HEM C2A  C  Y N 128 
HEM C3A  C  Y N 129 
HEM C4A  C  Y N 130 
HEM CMA  C  N N 131 
HEM CAA  C  N N 132 
HEM CBA  C  N N 133 
HEM CGA  C  N N 134 
HEM O1A  O  N N 135 
HEM O2A  O  N N 136 
HEM C1B  C  N N 137 
HEM C2B  C  N N 138 
HEM C3B  C  N N 139 
HEM C4B  C  N N 140 
HEM CMB  C  N N 141 
HEM CAB  C  N N 142 
HEM CBB  C  N N 143 
HEM C1C  C  Y N 144 
HEM C2C  C  Y N 145 
HEM C3C  C  Y N 146 
HEM C4C  C  Y N 147 
HEM CMC  C  N N 148 
HEM CAC  C  N N 149 
HEM CBC  C  N N 150 
HEM C1D  C  N N 151 
HEM C2D  C  N N 152 
HEM C3D  C  N N 153 
HEM C4D  C  N N 154 
HEM CMD  C  N N 155 
HEM CAD  C  N N 156 
HEM CBD  C  N N 157 
HEM CGD  C  N N 158 
HEM O1D  O  N N 159 
HEM O2D  O  N N 160 
HEM NA   N  Y N 161 
HEM NB   N  N N 162 
HEM NC   N  Y N 163 
HEM ND   N  N N 164 
HEM FE   FE N N 165 
HEM HHB  H  N N 166 
HEM HHC  H  N N 167 
HEM HHD  H  N N 168 
HEM HMA  H  N N 169 
HEM HMAA H  N N 170 
HEM HMAB H  N N 171 
HEM HAA  H  N N 172 
HEM HAAA H  N N 173 
HEM HBA  H  N N 174 
HEM HBAA H  N N 175 
HEM HMB  H  N N 176 
HEM HMBA H  N N 177 
HEM HMBB H  N N 178 
HEM HAB  H  N N 179 
HEM HBB  H  N N 180 
HEM HBBA H  N N 181 
HEM HMC  H  N N 182 
HEM HMCA H  N N 183 
HEM HMCB H  N N 184 
HEM HAC  H  N N 185 
HEM HBC  H  N N 186 
HEM HBCA H  N N 187 
HEM HMD  H  N N 188 
HEM HMDA H  N N 189 
HEM HMDB H  N N 190 
HEM HAD  H  N N 191 
HEM HADA H  N N 192 
HEM HBD  H  N N 193 
HEM HBDA H  N N 194 
HEM H2A  H  N N 195 
HEM H2D  H  N N 196 
HEM HHA  H  N N 197 
HIS N    N  N N 198 
HIS CA   C  N S 199 
HIS C    C  N N 200 
HIS O    O  N N 201 
HIS CB   C  N N 202 
HIS CG   C  Y N 203 
HIS ND1  N  Y N 204 
HIS CD2  C  Y N 205 
HIS CE1  C  Y N 206 
HIS NE2  N  Y N 207 
HIS OXT  O  N N 208 
HIS H    H  N N 209 
HIS H2   H  N N 210 
HIS HA   H  N N 211 
HIS HB2  H  N N 212 
HIS HB3  H  N N 213 
HIS HD1  H  N N 214 
HIS HD2  H  N N 215 
HIS HE1  H  N N 216 
HIS HE2  H  N N 217 
HIS HXT  H  N N 218 
HOH O    O  N N 219 
HOH H1   H  N N 220 
HOH H2   H  N N 221 
ILE N    N  N N 222 
ILE CA   C  N S 223 
ILE C    C  N N 224 
ILE O    O  N N 225 
ILE CB   C  N S 226 
ILE CG1  C  N N 227 
ILE CG2  C  N N 228 
ILE CD1  C  N N 229 
ILE OXT  O  N N 230 
ILE H    H  N N 231 
ILE H2   H  N N 232 
ILE HA   H  N N 233 
ILE HB   H  N N 234 
ILE HG12 H  N N 235 
ILE HG13 H  N N 236 
ILE HG21 H  N N 237 
ILE HG22 H  N N 238 
ILE HG23 H  N N 239 
ILE HD11 H  N N 240 
ILE HD12 H  N N 241 
ILE HD13 H  N N 242 
ILE HXT  H  N N 243 
LEU N    N  N N 244 
LEU CA   C  N S 245 
LEU C    C  N N 246 
LEU O    O  N N 247 
LEU CB   C  N N 248 
LEU CG   C  N N 249 
LEU CD1  C  N N 250 
LEU CD2  C  N N 251 
LEU OXT  O  N N 252 
LEU H    H  N N 253 
LEU H2   H  N N 254 
LEU HA   H  N N 255 
LEU HB2  H  N N 256 
LEU HB3  H  N N 257 
LEU HG   H  N N 258 
LEU HD11 H  N N 259 
LEU HD12 H  N N 260 
LEU HD13 H  N N 261 
LEU HD21 H  N N 262 
LEU HD22 H  N N 263 
LEU HD23 H  N N 264 
LEU HXT  H  N N 265 
LYS N    N  N N 266 
LYS CA   C  N S 267 
LYS C    C  N N 268 
LYS O    O  N N 269 
LYS CB   C  N N 270 
LYS CG   C  N N 271 
LYS CD   C  N N 272 
LYS CE   C  N N 273 
LYS NZ   N  N N 274 
LYS OXT  O  N N 275 
LYS H    H  N N 276 
LYS H2   H  N N 277 
LYS HA   H  N N 278 
LYS HB2  H  N N 279 
LYS HB3  H  N N 280 
LYS HG2  H  N N 281 
LYS HG3  H  N N 282 
LYS HD2  H  N N 283 
LYS HD3  H  N N 284 
LYS HE2  H  N N 285 
LYS HE3  H  N N 286 
LYS HZ1  H  N N 287 
LYS HZ2  H  N N 288 
LYS HZ3  H  N N 289 
LYS HXT  H  N N 290 
MET N    N  N N 291 
MET CA   C  N S 292 
MET C    C  N N 293 
MET O    O  N N 294 
MET CB   C  N N 295 
MET CG   C  N N 296 
MET SD   S  N N 297 
MET CE   C  N N 298 
MET OXT  O  N N 299 
MET H    H  N N 300 
MET H2   H  N N 301 
MET HA   H  N N 302 
MET HB2  H  N N 303 
MET HB3  H  N N 304 
MET HG2  H  N N 305 
MET HG3  H  N N 306 
MET HE1  H  N N 307 
MET HE2  H  N N 308 
MET HE3  H  N N 309 
MET HXT  H  N N 310 
OXY O1   O  N N 311 
OXY O2   O  N N 312 
PHE N    N  N N 313 
PHE CA   C  N S 314 
PHE C    C  N N 315 
PHE O    O  N N 316 
PHE CB   C  N N 317 
PHE CG   C  Y N 318 
PHE CD1  C  Y N 319 
PHE CD2  C  Y N 320 
PHE CE1  C  Y N 321 
PHE CE2  C  Y N 322 
PHE CZ   C  Y N 323 
PHE OXT  O  N N 324 
PHE H    H  N N 325 
PHE H2   H  N N 326 
PHE HA   H  N N 327 
PHE HB2  H  N N 328 
PHE HB3  H  N N 329 
PHE HD1  H  N N 330 
PHE HD2  H  N N 331 
PHE HE1  H  N N 332 
PHE HE2  H  N N 333 
PHE HZ   H  N N 334 
PHE HXT  H  N N 335 
PRO N    N  N N 336 
PRO CA   C  N S 337 
PRO C    C  N N 338 
PRO O    O  N N 339 
PRO CB   C  N N 340 
PRO CG   C  N N 341 
PRO CD   C  N N 342 
PRO OXT  O  N N 343 
PRO H    H  N N 344 
PRO HA   H  N N 345 
PRO HB2  H  N N 346 
PRO HB3  H  N N 347 
PRO HG2  H  N N 348 
PRO HG3  H  N N 349 
PRO HD2  H  N N 350 
PRO HD3  H  N N 351 
PRO HXT  H  N N 352 
SER N    N  N N 353 
SER CA   C  N S 354 
SER C    C  N N 355 
SER O    O  N N 356 
SER CB   C  N N 357 
SER OG   O  N N 358 
SER OXT  O  N N 359 
SER H    H  N N 360 
SER H2   H  N N 361 
SER HA   H  N N 362 
SER HB2  H  N N 363 
SER HB3  H  N N 364 
SER HG   H  N N 365 
SER HXT  H  N N 366 
THR N    N  N N 367 
THR CA   C  N S 368 
THR C    C  N N 369 
THR O    O  N N 370 
THR CB   C  N R 371 
THR OG1  O  N N 372 
THR CG2  C  N N 373 
THR OXT  O  N N 374 
THR H    H  N N 375 
THR H2   H  N N 376 
THR HA   H  N N 377 
THR HB   H  N N 378 
THR HG1  H  N N 379 
THR HG21 H  N N 380 
THR HG22 H  N N 381 
THR HG23 H  N N 382 
THR HXT  H  N N 383 
TRP N    N  N N 384 
TRP CA   C  N S 385 
TRP C    C  N N 386 
TRP O    O  N N 387 
TRP CB   C  N N 388 
TRP CG   C  Y N 389 
TRP CD1  C  Y N 390 
TRP CD2  C  Y N 391 
TRP NE1  N  Y N 392 
TRP CE2  C  Y N 393 
TRP CE3  C  Y N 394 
TRP CZ2  C  Y N 395 
TRP CZ3  C  Y N 396 
TRP CH2  C  Y N 397 
TRP OXT  O  N N 398 
TRP H    H  N N 399 
TRP H2   H  N N 400 
TRP HA   H  N N 401 
TRP HB2  H  N N 402 
TRP HB3  H  N N 403 
TRP HD1  H  N N 404 
TRP HE1  H  N N 405 
TRP HE3  H  N N 406 
TRP HZ2  H  N N 407 
TRP HZ3  H  N N 408 
TRP HH2  H  N N 409 
TRP HXT  H  N N 410 
TYR N    N  N N 411 
TYR CA   C  N S 412 
TYR C    C  N N 413 
TYR O    O  N N 414 
TYR CB   C  N N 415 
TYR CG   C  Y N 416 
TYR CD1  C  Y N 417 
TYR CD2  C  Y N 418 
TYR CE1  C  Y N 419 
TYR CE2  C  Y N 420 
TYR CZ   C  Y N 421 
TYR OH   O  N N 422 
TYR OXT  O  N N 423 
TYR H    H  N N 424 
TYR H2   H  N N 425 
TYR HA   H  N N 426 
TYR HB2  H  N N 427 
TYR HB3  H  N N 428 
TYR HD1  H  N N 429 
TYR HD2  H  N N 430 
TYR HE1  H  N N 431 
TYR HE2  H  N N 432 
TYR HH   H  N N 433 
TYR HXT  H  N N 434 
VAL N    N  N N 435 
VAL CA   C  N S 436 
VAL C    C  N N 437 
VAL O    O  N N 438 
VAL CB   C  N N 439 
VAL CG1  C  N N 440 
VAL CG2  C  N N 441 
VAL OXT  O  N N 442 
VAL H    H  N N 443 
VAL H2   H  N N 444 
VAL HA   H  N N 445 
VAL HB   H  N N 446 
VAL HG11 H  N N 447 
VAL HG12 H  N N 448 
VAL HG13 H  N N 449 
VAL HG21 H  N N 450 
VAL HG22 H  N N 451 
VAL HG23 H  N N 452 
VAL HXT  H  N N 453 
# 
loop_
_chem_comp_bond.comp_id 
_chem_comp_bond.atom_id_1 
_chem_comp_bond.atom_id_2 
_chem_comp_bond.value_order 
_chem_comp_bond.pdbx_aromatic_flag 
_chem_comp_bond.pdbx_stereo_config 
_chem_comp_bond.pdbx_ordinal 
ALA N   CA   sing N N 1   
ALA N   H    sing N N 2   
ALA N   H2   sing N N 3   
ALA CA  C    sing N N 4   
ALA CA  CB   sing N N 5   
ALA CA  HA   sing N N 6   
ALA C   O    doub N N 7   
ALA C   OXT  sing N N 8   
ALA CB  HB1  sing N N 9   
ALA CB  HB2  sing N N 10  
ALA CB  HB3  sing N N 11  
ALA OXT HXT  sing N N 12  
ARG N   CA   sing N N 13  
ARG N   H    sing N N 14  
ARG N   H2   sing N N 15  
ARG CA  C    sing N N 16  
ARG CA  CB   sing N N 17  
ARG CA  HA   sing N N 18  
ARG C   O    doub N N 19  
ARG C   OXT  sing N N 20  
ARG CB  CG   sing N N 21  
ARG CB  HB2  sing N N 22  
ARG CB  HB3  sing N N 23  
ARG CG  CD   sing N N 24  
ARG CG  HG2  sing N N 25  
ARG CG  HG3  sing N N 26  
ARG CD  NE   sing N N 27  
ARG CD  HD2  sing N N 28  
ARG CD  HD3  sing N N 29  
ARG NE  CZ   sing N N 30  
ARG NE  HE   sing N N 31  
ARG CZ  NH1  sing N N 32  
ARG CZ  NH2  doub N N 33  
ARG NH1 HH11 sing N N 34  
ARG NH1 HH12 sing N N 35  
ARG NH2 HH21 sing N N 36  
ARG NH2 HH22 sing N N 37  
ARG OXT HXT  sing N N 38  
ASN N   CA   sing N N 39  
ASN N   H    sing N N 40  
ASN N   H2   sing N N 41  
ASN CA  C    sing N N 42  
ASN CA  CB   sing N N 43  
ASN CA  HA   sing N N 44  
ASN C   O    doub N N 45  
ASN C   OXT  sing N N 46  
ASN CB  CG   sing N N 47  
ASN CB  HB2  sing N N 48  
ASN CB  HB3  sing N N 49  
ASN CG  OD1  doub N N 50  
ASN CG  ND2  sing N N 51  
ASN ND2 HD21 sing N N 52  
ASN ND2 HD22 sing N N 53  
ASN OXT HXT  sing N N 54  
ASP N   CA   sing N N 55  
ASP N   H    sing N N 56  
ASP N   H2   sing N N 57  
ASP CA  C    sing N N 58  
ASP CA  CB   sing N N 59  
ASP CA  HA   sing N N 60  
ASP C   O    doub N N 61  
ASP C   OXT  sing N N 62  
ASP CB  CG   sing N N 63  
ASP CB  HB2  sing N N 64  
ASP CB  HB3  sing N N 65  
ASP CG  OD1  doub N N 66  
ASP CG  OD2  sing N N 67  
ASP OD2 HD2  sing N N 68  
ASP OXT HXT  sing N N 69  
GLN N   CA   sing N N 70  
GLN N   H    sing N N 71  
GLN N   H2   sing N N 72  
GLN CA  C    sing N N 73  
GLN CA  CB   sing N N 74  
GLN CA  HA   sing N N 75  
GLN C   O    doub N N 76  
GLN C   OXT  sing N N 77  
GLN CB  CG   sing N N 78  
GLN CB  HB2  sing N N 79  
GLN CB  HB3  sing N N 80  
GLN CG  CD   sing N N 81  
GLN CG  HG2  sing N N 82  
GLN CG  HG3  sing N N 83  
GLN CD  OE1  doub N N 84  
GLN CD  NE2  sing N N 85  
GLN NE2 HE21 sing N N 86  
GLN NE2 HE22 sing N N 87  
GLN OXT HXT  sing N N 88  
GLU N   CA   sing N N 89  
GLU N   H    sing N N 90  
GLU N   H2   sing N N 91  
GLU CA  C    sing N N 92  
GLU CA  CB   sing N N 93  
GLU CA  HA   sing N N 94  
GLU C   O    doub N N 95  
GLU C   OXT  sing N N 96  
GLU CB  CG   sing N N 97  
GLU CB  HB2  sing N N 98  
GLU CB  HB3  sing N N 99  
GLU CG  CD   sing N N 100 
GLU CG  HG2  sing N N 101 
GLU CG  HG3  sing N N 102 
GLU CD  OE1  doub N N 103 
GLU CD  OE2  sing N N 104 
GLU OE2 HE2  sing N N 105 
GLU OXT HXT  sing N N 106 
GLY N   CA   sing N N 107 
GLY N   H    sing N N 108 
GLY N   H2   sing N N 109 
GLY CA  C    sing N N 110 
GLY CA  HA2  sing N N 111 
GLY CA  HA3  sing N N 112 
GLY C   O    doub N N 113 
GLY C   OXT  sing N N 114 
GLY OXT HXT  sing N N 115 
HEM CHA C1A  sing N N 116 
HEM CHA C4D  doub N N 117 
HEM CHA HHA  sing N N 118 
HEM CHB C4A  sing N N 119 
HEM CHB C1B  doub N N 120 
HEM CHB HHB  sing N N 121 
HEM CHC C4B  sing N N 122 
HEM CHC C1C  doub N N 123 
HEM CHC HHC  sing N N 124 
HEM CHD C4C  doub N N 125 
HEM CHD C1D  sing N N 126 
HEM CHD HHD  sing N N 127 
HEM C1A C2A  doub Y N 128 
HEM C1A NA   sing Y N 129 
HEM C2A C3A  sing Y N 130 
HEM C2A CAA  sing N N 131 
HEM C3A C4A  doub Y N 132 
HEM C3A CMA  sing N N 133 
HEM C4A NA   sing Y N 134 
HEM CMA HMA  sing N N 135 
HEM CMA HMAA sing N N 136 
HEM CMA HMAB sing N N 137 
HEM CAA CBA  sing N N 138 
HEM CAA HAA  sing N N 139 
HEM CAA HAAA sing N N 140 
HEM CBA CGA  sing N N 141 
HEM CBA HBA  sing N N 142 
HEM CBA HBAA sing N N 143 
HEM CGA O1A  doub N N 144 
HEM CGA O2A  sing N N 145 
HEM C1B C2B  sing N N 146 
HEM C1B NB   sing N N 147 
HEM C2B C3B  doub N N 148 
HEM C2B CMB  sing N N 149 
HEM C3B C4B  sing N N 150 
HEM C3B CAB  sing N N 151 
HEM C4B NB   doub N N 152 
HEM CMB HMB  sing N N 153 
HEM CMB HMBA sing N N 154 
HEM CMB HMBB sing N N 155 
HEM CAB CBB  doub N N 156 
HEM CAB HAB  sing N N 157 
HEM CBB HBB  sing N N 158 
HEM CBB HBBA sing N N 159 
HEM C1C C2C  sing Y N 160 
HEM C1C NC   sing Y N 161 
HEM C2C C3C  doub Y N 162 
HEM C2C CMC  sing N N 163 
HEM C3C C4C  sing Y N 164 
HEM C3C CAC  sing N N 165 
HEM C4C NC   sing Y N 166 
HEM CMC HMC  sing N N 167 
HEM CMC HMCA sing N N 168 
HEM CMC HMCB sing N N 169 
HEM CAC CBC  doub N N 170 
HEM CAC HAC  sing N N 171 
HEM CBC HBC  sing N N 172 
HEM CBC HBCA sing N N 173 
HEM C1D C2D  sing N N 174 
HEM C1D ND   doub N N 175 
HEM C2D C3D  doub N N 176 
HEM C2D CMD  sing N N 177 
HEM C3D C4D  sing N N 178 
HEM C3D CAD  sing N N 179 
HEM C4D ND   sing N N 180 
HEM CMD HMD  sing N N 181 
HEM CMD HMDA sing N N 182 
HEM CMD HMDB sing N N 183 
HEM CAD CBD  sing N N 184 
HEM CAD HAD  sing N N 185 
HEM CAD HADA sing N N 186 
HEM CBD CGD  sing N N 187 
HEM CBD HBD  sing N N 188 
HEM CBD HBDA sing N N 189 
HEM CGD O1D  doub N N 190 
HEM CGD O2D  sing N N 191 
HEM O2A H2A  sing N N 192 
HEM O2D H2D  sing N N 193 
HEM FE  NA   sing N N 194 
HEM FE  NB   sing N N 195 
HEM FE  NC   sing N N 196 
HEM FE  ND   sing N N 197 
HIS N   CA   sing N N 198 
HIS N   H    sing N N 199 
HIS N   H2   sing N N 200 
HIS CA  C    sing N N 201 
HIS CA  CB   sing N N 202 
HIS CA  HA   sing N N 203 
HIS C   O    doub N N 204 
HIS C   OXT  sing N N 205 
HIS CB  CG   sing N N 206 
HIS CB  HB2  sing N N 207 
HIS CB  HB3  sing N N 208 
HIS CG  ND1  sing Y N 209 
HIS CG  CD2  doub Y N 210 
HIS ND1 CE1  doub Y N 211 
HIS ND1 HD1  sing N N 212 
HIS CD2 NE2  sing Y N 213 
HIS CD2 HD2  sing N N 214 
HIS CE1 NE2  sing Y N 215 
HIS CE1 HE1  sing N N 216 
HIS NE2 HE2  sing N N 217 
HIS OXT HXT  sing N N 218 
HOH O   H1   sing N N 219 
HOH O   H2   sing N N 220 
ILE N   CA   sing N N 221 
ILE N   H    sing N N 222 
ILE N   H2   sing N N 223 
ILE CA  C    sing N N 224 
ILE CA  CB   sing N N 225 
ILE CA  HA   sing N N 226 
ILE C   O    doub N N 227 
ILE C   OXT  sing N N 228 
ILE CB  CG1  sing N N 229 
ILE CB  CG2  sing N N 230 
ILE CB  HB   sing N N 231 
ILE CG1 CD1  sing N N 232 
ILE CG1 HG12 sing N N 233 
ILE CG1 HG13 sing N N 234 
ILE CG2 HG21 sing N N 235 
ILE CG2 HG22 sing N N 236 
ILE CG2 HG23 sing N N 237 
ILE CD1 HD11 sing N N 238 
ILE CD1 HD12 sing N N 239 
ILE CD1 HD13 sing N N 240 
ILE OXT HXT  sing N N 241 
LEU N   CA   sing N N 242 
LEU N   H    sing N N 243 
LEU N   H2   sing N N 244 
LEU CA  C    sing N N 245 
LEU CA  CB   sing N N 246 
LEU CA  HA   sing N N 247 
LEU C   O    doub N N 248 
LEU C   OXT  sing N N 249 
LEU CB  CG   sing N N 250 
LEU CB  HB2  sing N N 251 
LEU CB  HB3  sing N N 252 
LEU CG  CD1  sing N N 253 
LEU CG  CD2  sing N N 254 
LEU CG  HG   sing N N 255 
LEU CD1 HD11 sing N N 256 
LEU CD1 HD12 sing N N 257 
LEU CD1 HD13 sing N N 258 
LEU CD2 HD21 sing N N 259 
LEU CD2 HD22 sing N N 260 
LEU CD2 HD23 sing N N 261 
LEU OXT HXT  sing N N 262 
LYS N   CA   sing N N 263 
LYS N   H    sing N N 264 
LYS N   H2   sing N N 265 
LYS CA  C    sing N N 266 
LYS CA  CB   sing N N 267 
LYS CA  HA   sing N N 268 
LYS C   O    doub N N 269 
LYS C   OXT  sing N N 270 
LYS CB  CG   sing N N 271 
LYS CB  HB2  sing N N 272 
LYS CB  HB3  sing N N 273 
LYS CG  CD   sing N N 274 
LYS CG  HG2  sing N N 275 
LYS CG  HG3  sing N N 276 
LYS CD  CE   sing N N 277 
LYS CD  HD2  sing N N 278 
LYS CD  HD3  sing N N 279 
LYS CE  NZ   sing N N 280 
LYS CE  HE2  sing N N 281 
LYS CE  HE3  sing N N 282 
LYS NZ  HZ1  sing N N 283 
LYS NZ  HZ2  sing N N 284 
LYS NZ  HZ3  sing N N 285 
LYS OXT HXT  sing N N 286 
MET N   CA   sing N N 287 
MET N   H    sing N N 288 
MET N   H2   sing N N 289 
MET CA  C    sing N N 290 
MET CA  CB   sing N N 291 
MET CA  HA   sing N N 292 
MET C   O    doub N N 293 
MET C   OXT  sing N N 294 
MET CB  CG   sing N N 295 
MET CB  HB2  sing N N 296 
MET CB  HB3  sing N N 297 
MET CG  SD   sing N N 298 
MET CG  HG2  sing N N 299 
MET CG  HG3  sing N N 300 
MET SD  CE   sing N N 301 
MET CE  HE1  sing N N 302 
MET CE  HE2  sing N N 303 
MET CE  HE3  sing N N 304 
MET OXT HXT  sing N N 305 
OXY O1  O2   doub N N 306 
PHE N   CA   sing N N 307 
PHE N   H    sing N N 308 
PHE N   H2   sing N N 309 
PHE CA  C    sing N N 310 
PHE CA  CB   sing N N 311 
PHE CA  HA   sing N N 312 
PHE C   O    doub N N 313 
PHE C   OXT  sing N N 314 
PHE CB  CG   sing N N 315 
PHE CB  HB2  sing N N 316 
PHE CB  HB3  sing N N 317 
PHE CG  CD1  doub Y N 318 
PHE CG  CD2  sing Y N 319 
PHE CD1 CE1  sing Y N 320 
PHE CD1 HD1  sing N N 321 
PHE CD2 CE2  doub Y N 322 
PHE CD2 HD2  sing N N 323 
PHE CE1 CZ   doub Y N 324 
PHE CE1 HE1  sing N N 325 
PHE CE2 CZ   sing Y N 326 
PHE CE2 HE2  sing N N 327 
PHE CZ  HZ   sing N N 328 
PHE OXT HXT  sing N N 329 
PRO N   CA   sing N N 330 
PRO N   CD   sing N N 331 
PRO N   H    sing N N 332 
PRO CA  C    sing N N 333 
PRO CA  CB   sing N N 334 
PRO CA  HA   sing N N 335 
PRO C   O    doub N N 336 
PRO C   OXT  sing N N 337 
PRO CB  CG   sing N N 338 
PRO CB  HB2  sing N N 339 
PRO CB  HB3  sing N N 340 
PRO CG  CD   sing N N 341 
PRO CG  HG2  sing N N 342 
PRO CG  HG3  sing N N 343 
PRO CD  HD2  sing N N 344 
PRO CD  HD3  sing N N 345 
PRO OXT HXT  sing N N 346 
SER N   CA   sing N N 347 
SER N   H    sing N N 348 
SER N   H2   sing N N 349 
SER CA  C    sing N N 350 
SER CA  CB   sing N N 351 
SER CA  HA   sing N N 352 
SER C   O    doub N N 353 
SER C   OXT  sing N N 354 
SER CB  OG   sing N N 355 
SER CB  HB2  sing N N 356 
SER CB  HB3  sing N N 357 
SER OG  HG   sing N N 358 
SER OXT HXT  sing N N 359 
THR N   CA   sing N N 360 
THR N   H    sing N N 361 
THR N   H2   sing N N 362 
THR CA  C    sing N N 363 
THR CA  CB   sing N N 364 
THR CA  HA   sing N N 365 
THR C   O    doub N N 366 
THR C   OXT  sing N N 367 
THR CB  OG1  sing N N 368 
THR CB  CG2  sing N N 369 
THR CB  HB   sing N N 370 
THR OG1 HG1  sing N N 371 
THR CG2 HG21 sing N N 372 
THR CG2 HG22 sing N N 373 
THR CG2 HG23 sing N N 374 
THR OXT HXT  sing N N 375 
TRP N   CA   sing N N 376 
TRP N   H    sing N N 377 
TRP N   H2   sing N N 378 
TRP CA  C    sing N N 379 
TRP CA  CB   sing N N 380 
TRP CA  HA   sing N N 381 
TRP C   O    doub N N 382 
TRP C   OXT  sing N N 383 
TRP CB  CG   sing N N 384 
TRP CB  HB2  sing N N 385 
TRP CB  HB3  sing N N 386 
TRP CG  CD1  doub Y N 387 
TRP CG  CD2  sing Y N 388 
TRP CD1 NE1  sing Y N 389 
TRP CD1 HD1  sing N N 390 
TRP CD2 CE2  doub Y N 391 
TRP CD2 CE3  sing Y N 392 
TRP NE1 CE2  sing Y N 393 
TRP NE1 HE1  sing N N 394 
TRP CE2 CZ2  sing Y N 395 
TRP CE3 CZ3  doub Y N 396 
TRP CE3 HE3  sing N N 397 
TRP CZ2 CH2  doub Y N 398 
TRP CZ2 HZ2  sing N N 399 
TRP CZ3 CH2  sing Y N 400 
TRP CZ3 HZ3  sing N N 401 
TRP CH2 HH2  sing N N 402 
TRP OXT HXT  sing N N 403 
TYR N   CA   sing N N 404 
TYR N   H    sing N N 405 
TYR N   H2   sing N N 406 
TYR CA  C    sing N N 407 
TYR CA  CB   sing N N 408 
TYR CA  HA   sing N N 409 
TYR C   O    doub N N 410 
TYR C   OXT  sing N N 411 
TYR CB  CG   sing N N 412 
TYR CB  HB2  sing N N 413 
TYR CB  HB3  sing N N 414 
TYR CG  CD1  doub Y N 415 
TYR CG  CD2  sing Y N 416 
TYR CD1 CE1  sing Y N 417 
TYR CD1 HD1  sing N N 418 
TYR CD2 CE2  doub Y N 419 
TYR CD2 HD2  sing N N 420 
TYR CE1 CZ   doub Y N 421 
TYR CE1 HE1  sing N N 422 
TYR CE2 CZ   sing Y N 423 
TYR CE2 HE2  sing N N 424 
TYR CZ  OH   sing N N 425 
TYR OH  HH   sing N N 426 
TYR OXT HXT  sing N N 427 
VAL N   CA   sing N N 428 
VAL N   H    sing N N 429 
VAL N   H2   sing N N 430 
VAL CA  C    sing N N 431 
VAL CA  CB   sing N N 432 
VAL CA  HA   sing N N 433 
VAL C   O    doub N N 434 
VAL C   OXT  sing N N 435 
VAL CB  CG1  sing N N 436 
VAL CB  CG2  sing N N 437 
VAL CB  HB   sing N N 438 
VAL CG1 HG11 sing N N 439 
VAL CG1 HG12 sing N N 440 
VAL CG1 HG13 sing N N 441 
VAL CG2 HG21 sing N N 442 
VAL CG2 HG22 sing N N 443 
VAL CG2 HG23 sing N N 444 
VAL OXT HXT  sing N N 445 
# 
_atom_sites.entry_id                    1DP6 
_atom_sites.fract_transf_matrix[1][1]   0.00904277 
_atom_sites.fract_transf_matrix[1][2]   -0.00058263 
_atom_sites.fract_transf_matrix[1][3]   0.00025695 
_atom_sites.fract_transf_matrix[2][1]   0.00435793 
_atom_sites.fract_transf_matrix[2][2]   -0.00543328 
_atom_sites.fract_transf_matrix[2][3]   -0.00580191 
_atom_sites.fract_transf_matrix[3][1]   0.00114564 
_atom_sites.fract_transf_matrix[3][2]   0.01285242 
_atom_sites.fract_transf_matrix[3][3]   -0.01117531 
_atom_sites.fract_transf_vector[1]      0.673261 
_atom_sites.fract_transf_vector[2]      0.515745 
_atom_sites.fract_transf_vector[3]      0.620021 
# 
loop_
_atom_type.symbol 
C  
FE 
N  
O  
S  
# 
loop_
_atom_site.group_PDB 
_atom_site.id 
_atom_site.type_symbol 
_atom_site.label_atom_id 
_atom_site.label_alt_id 
_atom_site.label_comp_id 
_atom_site.label_asym_id 
_atom_site.label_entity_id 
_atom_site.label_seq_id 
_atom_site.pdbx_PDB_ins_code 
_atom_site.Cartn_x 
_atom_site.Cartn_y 
_atom_site.Cartn_z 
_atom_site.occupancy 
_atom_site.B_iso_or_equiv 
_atom_site.pdbx_formal_charge 
_atom_site.auth_seq_id 
_atom_site.auth_comp_id 
_atom_site.auth_asym_id 
_atom_site.auth_atom_id 
_atom_site.pdbx_PDB_model_num 
ATOM   1    N  N   . ASP A 1 15  ? 4.316   12.083  -2.103  1.00 37.72 ? 154 ASP A N   1 
ATOM   2    C  CA  . ASP A 1 15  ? 4.700   11.055  -1.095  1.00 36.44 ? 154 ASP A CA  1 
ATOM   3    C  C   . ASP A 1 15  ? 4.872   9.768   -1.914  1.00 33.73 ? 154 ASP A C   1 
ATOM   4    O  O   . ASP A 1 15  ? 5.002   9.842   -3.140  1.00 33.12 ? 154 ASP A O   1 
ATOM   5    C  CB  . ASP A 1 15  ? 3.590   10.871  -0.053  1.00 40.24 ? 154 ASP A CB  1 
ATOM   6    C  CG  . ASP A 1 15  ? 3.016   12.197  0.479   1.00 45.97 ? 154 ASP A CG  1 
ATOM   7    O  OD1 . ASP A 1 15  ? 3.594   13.291  0.244   1.00 46.71 ? 154 ASP A OD1 1 
ATOM   8    O  OD2 . ASP A 1 15  ? 1.959   12.132  1.152   1.00 47.77 ? 154 ASP A OD2 1 
ATOM   9    N  N   . ALA A 1 16  ? 4.833   8.602   -1.275  1.00 28.54 ? 155 ALA A N   1 
ATOM   10   C  CA  . ALA A 1 16  ? 4.988   7.352   -2.021  1.00 23.66 ? 155 ALA A CA  1 
ATOM   11   C  C   . ALA A 1 16  ? 3.734   7.043   -2.855  1.00 20.42 ? 155 ALA A C   1 
ATOM   12   O  O   . ALA A 1 16  ? 2.625   7.109   -2.354  1.00 20.29 ? 155 ALA A O   1 
ATOM   13   C  CB  . ALA A 1 16  ? 5.278   6.194   -1.050  1.00 25.42 ? 155 ALA A CB  1 
ATOM   14   N  N   . MET A 1 17  ? 3.916   6.771   -4.139  1.00 19.36 ? 156 MET A N   1 
ATOM   15   C  CA  . MET A 1 17  ? 2.807   6.426   -5.028  1.00 15.61 ? 156 MET A CA  1 
ATOM   16   C  C   . MET A 1 17  ? 3.060   5.073   -5.653  1.00 12.61 ? 156 MET A C   1 
ATOM   17   O  O   . MET A 1 17  ? 4.103   4.858   -6.226  1.00 10.73 ? 156 MET A O   1 
ATOM   18   C  CB  . MET A 1 17  ? 2.630   7.400   -6.179  1.00 17.24 ? 156 MET A CB  1 
ATOM   19   C  CG  . MET A 1 17  ? 1.499   6.936   -7.087  1.00 21.62 ? 156 MET A CG  1 
ATOM   20   S  SD  . MET A 1 17  ? 1.243   7.816   -8.618  1.00 34.42 ? 156 MET A SD  1 
ATOM   21   C  CE  . MET A 1 17  ? 2.606   7.189   -9.608  1.00 25.68 ? 156 MET A CE  1 
ATOM   22   N  N   . ILE A 1 18  ? 2.035   4.237   -5.669  1.00 9.84  ? 157 ILE A N   1 
ATOM   23   C  CA  . ILE A 1 18  ? 2.113   2.909   -6.212  1.00 7.64  ? 157 ILE A CA  1 
ATOM   24   C  C   . ILE A 1 18  ? 0.871   2.688   -7.060  1.00 8.62  ? 157 ILE A C   1 
ATOM   25   O  O   . ILE A 1 18  ? -0.208  3.019   -6.613  1.00 10.40 ? 157 ILE A O   1 
ATOM   26   C  CB  . ILE A 1 18  ? 2.068   1.898   -5.011  1.00 9.11  ? 157 ILE A CB  1 
ATOM   27   C  CG1 . ILE A 1 18  ? 3.351   2.060   -4.166  1.00 8.26  ? 157 ILE A CG1 1 
ATOM   28   C  CG2 . ILE A 1 18  ? 1.826   0.511   -5.474  1.00 4.74  ? 157 ILE A CG2 1 
ATOM   29   C  CD1 . ILE A 1 18  ? 3.302   1.450   -2.821  1.00 12.39 ? 157 ILE A CD1 1 
ATOM   30   N  N   . VAL A 1 19  ? 0.996   2.037   -8.220  1.00 8.85  ? 158 VAL A N   1 
ATOM   31   C  CA  . VAL A 1 19  ? -0.198  1.754   -9.017  1.00 9.31  ? 158 VAL A CA  1 
ATOM   32   C  C   . VAL A 1 19  ? -0.274  0.248   -9.276  1.00 9.39  ? 158 VAL A C   1 
ATOM   33   O  O   . VAL A 1 19  ? 0.723   -0.413  -9.621  1.00 10.70 ? 158 VAL A O   1 
ATOM   34   C  CB  . VAL A 1 19  ? -0.234  2.520   -10.379 1.00 10.87 ? 158 VAL A CB  1 
ATOM   35   C  CG1 . VAL A 1 19  ? -1.524  2.166   -11.163 1.00 9.56  ? 158 VAL A CG1 1 
ATOM   36   C  CG2 . VAL A 1 19  ? -0.187  4.049   -10.138 1.00 4.70  ? 158 VAL A CG2 1 
ATOM   37   N  N   . ILE A 1 20  ? -1.458  -0.324  -9.141  1.00 7.45  ? 159 ILE A N   1 
ATOM   38   C  CA  . ILE A 1 20  ? -1.581  -1.739  -9.394  1.00 9.12  ? 159 ILE A CA  1 
ATOM   39   C  C   . ILE A 1 20  ? -2.725  -1.983  -10.366 1.00 10.84 ? 159 ILE A C   1 
ATOM   40   O  O   . ILE A 1 20  ? -3.629  -1.131  -10.526 1.00 11.86 ? 159 ILE A O   1 
ATOM   41   C  CB  . ILE A 1 20  ? -1.901  -2.547  -8.080  1.00 6.76  ? 159 ILE A CB  1 
ATOM   42   C  CG1 . ILE A 1 20  ? -3.209  -2.036  -7.477  1.00 13.20 ? 159 ILE A CG1 1 
ATOM   43   C  CG2 . ILE A 1 20  ? -0.741  -2.451  -7.057  1.00 10.47 ? 159 ILE A CG2 1 
ATOM   44   C  CD1 . ILE A 1 20  ? -3.762  -2.847  -6.293  1.00 10.87 ? 159 ILE A CD1 1 
ATOM   45   N  N   . ASP A 1 21  ? -2.727  -3.154  -10.986 1.00 9.70  ? 160 ASP A N   1 
ATOM   46   C  CA  . ASP A 1 21  ? -3.846  -3.505  -11.848 1.00 11.99 ? 160 ASP A CA  1 
ATOM   47   C  C   . ASP A 1 21  ? -4.900  -4.223  -11.012 1.00 16.33 ? 160 ASP A C   1 
ATOM   48   O  O   . ASP A 1 21  ? -4.749  -4.372  -9.769  1.00 14.77 ? 160 ASP A O   1 
ATOM   49   C  CB  . ASP A 1 21  ? -3.422  -4.402  -12.992 1.00 10.46 ? 160 ASP A CB  1 
ATOM   50   C  CG  . ASP A 1 21  ? -2.794  -5.720  -12.533 1.00 10.30 ? 160 ASP A CG  1 
ATOM   51   O  OD1 . ASP A 1 21  ? -3.101  -6.225  -11.439 1.00 14.36 ? 160 ASP A OD1 1 
ATOM   52   O  OD2 . ASP A 1 21  ? -1.996  -6.288  -13.306 1.00 10.50 ? 160 ASP A OD2 1 
ATOM   53   N  N   . GLY A 1 22  ? -5.870  -4.815  -11.715 1.00 17.60 ? 161 GLY A N   1 
ATOM   54   C  CA  . GLY A 1 22  ? -6.938  -5.533  -11.052 1.00 17.93 ? 161 GLY A CA  1 
ATOM   55   C  C   . GLY A 1 22  ? -6.568  -6.829  -10.364 1.00 18.43 ? 161 GLY A C   1 
ATOM   56   O  O   . GLY A 1 22  ? -7.421  -7.433  -9.718  1.00 17.79 ? 161 GLY A O   1 
ATOM   57   N  N   . HIS A 1 23  ? -5.343  -7.313  -10.567 1.00 18.48 ? 162 HIS A N   1 
ATOM   58   C  CA  . HIS A 1 23  ? -4.902  -8.539  -9.897  1.00 19.33 ? 162 HIS A CA  1 
ATOM   59   C  C   . HIS A 1 23  ? -3.916  -8.224  -8.761  1.00 17.85 ? 162 HIS A C   1 
ATOM   60   O  O   . HIS A 1 23  ? -3.316  -9.130  -8.207  1.00 16.71 ? 162 HIS A O   1 
ATOM   61   C  CB  . HIS A 1 23  ? -4.301  -9.573  -10.894 1.00 22.78 ? 162 HIS A CB  1 
ATOM   62   C  CG  . HIS A 1 23  ? -5.289  -10.094 -11.902 1.00 26.25 ? 162 HIS A CG  1 
ATOM   63   N  ND1 . HIS A 1 23  ? -6.495  -10.663 -11.543 1.00 30.41 ? 162 HIS A ND1 1 
ATOM   64   C  CD2 . HIS A 1 23  ? -5.269  -10.087 -13.256 1.00 29.53 ? 162 HIS A CD2 1 
ATOM   65   C  CE1 . HIS A 1 23  ? -7.180  -10.979 -12.629 1.00 29.00 ? 162 HIS A CE1 1 
ATOM   66   N  NE2 . HIS A 1 23  ? -6.457  -10.638 -13.683 1.00 33.47 ? 162 HIS A NE2 1 
ATOM   67   N  N   . GLY A 1 24  ? -3.739  -6.934  -8.439  1.00 15.63 ? 163 GLY A N   1 
ATOM   68   C  CA  . GLY A 1 24  ? -2.835  -6.542  -7.357  1.00 11.76 ? 163 GLY A CA  1 
ATOM   69   C  C   . GLY A 1 24  ? -1.360  -6.495  -7.703  1.00 11.80 ? 163 GLY A C   1 
ATOM   70   O  O   . GLY A 1 24  ? -0.511  -6.300  -6.839  1.00 12.68 ? 163 GLY A O   1 
ATOM   71   N  N   . ILE A 1 25  ? -1.049  -6.613  -8.982  1.00 13.10 ? 164 ILE A N   1 
ATOM   72   C  CA  . ILE A 1 25  ? 0.326   -6.567  -9.442  1.00 10.55 ? 164 ILE A CA  1 
ATOM   73   C  C   . ILE A 1 25  ? 0.723   -5.100  -9.616  1.00 12.83 ? 164 ILE A C   1 
ATOM   74   O  O   . ILE A 1 25  ? 0.027   -4.319  -10.292 1.00 11.33 ? 164 ILE A O   1 
ATOM   75   C  CB  . ILE A 1 25  ? 0.490   -7.287  -10.800 1.00 13.90 ? 164 ILE A CB  1 
ATOM   76   C  CG1 . ILE A 1 25  ? 0.116   -8.780  -10.688 1.00 13.01 ? 164 ILE A CG1 1 
ATOM   77   C  CG2 . ILE A 1 25  ? 1.918   -7.137  -11.328 1.00 7.62  ? 164 ILE A CG2 1 
ATOM   78   C  CD1 . ILE A 1 25  ? 0.985   -9.567  -9.695  1.00 15.77 ? 164 ILE A CD1 1 
ATOM   79   N  N   . ILE A 1 26  ? 1.905   -4.779  -9.113  1.00 12.15 ? 165 ILE A N   1 
ATOM   80   C  CA  . ILE A 1 26  ? 2.462   -3.434  -9.177  1.00 11.70 ? 165 ILE A CA  1 
ATOM   81   C  C   . ILE A 1 26  ? 2.855   -3.122  -10.606 1.00 12.48 ? 165 ILE A C   1 
ATOM   82   O  O   . ILE A 1 26  ? 3.518   -3.927  -11.262 1.00 14.20 ? 165 ILE A O   1 
ATOM   83   C  CB  . ILE A 1 26  ? 3.696   -3.306  -8.232  1.00 8.02  ? 165 ILE A CB  1 
ATOM   84   C  CG1 . ILE A 1 26  ? 3.274   -3.647  -6.797  1.00 3.23  ? 165 ILE A CG1 1 
ATOM   85   C  CG2 . ILE A 1 26  ? 4.302   -1.908  -8.333  1.00 12.02 ? 165 ILE A CG2 1 
ATOM   86   C  CD1 . ILE A 1 26  ? 4.408   -3.592  -5.730  1.00 3.08  ? 165 ILE A CD1 1 
ATOM   87   N  N   . GLN A 1 27  ? 2.390   -1.962  -11.080 1.00 14.71 ? 166 GLN A N   1 
ATOM   88   C  CA  . GLN A 1 27  ? 2.636   -1.443  -12.432 1.00 12.60 ? 166 GLN A CA  1 
ATOM   89   C  C   . GLN A 1 27  ? 3.579   -0.260  -12.428 1.00 11.05 ? 166 GLN A C   1 
ATOM   90   O  O   . GLN A 1 27  ? 4.389   -0.109  -13.328 1.00 13.64 ? 166 GLN A O   1 
ATOM   91   C  CB  . GLN A 1 27  ? 1.324   -0.954  -13.054 1.00 15.35 ? 166 GLN A CB  1 
ATOM   92   C  CG  . GLN A 1 27  ? 0.246   -1.968  -13.137 1.00 15.06 ? 166 GLN A CG  1 
ATOM   93   C  CD  . GLN A 1 27  ? 0.635   -3.136  -14.001 1.00 20.12 ? 166 GLN A CD  1 
ATOM   94   O  OE1 . GLN A 1 27  ? 1.271   -2.955  -15.020 1.00 18.96 ? 166 GLN A OE1 1 
ATOM   95   N  NE2 . GLN A 1 27  ? 0.266   -4.353  -13.589 1.00 21.95 ? 166 GLN A NE2 1 
ATOM   96   N  N   . LEU A 1 28  ? 3.447   0.606   -11.430 1.00 6.52  ? 167 LEU A N   1 
ATOM   97   C  CA  . LEU A 1 28  ? 4.285   1.784   -11.356 1.00 10.30 ? 167 LEU A CA  1 
ATOM   98   C  C   . LEU A 1 28  ? 4.641   1.922   -9.882  1.00 11.44 ? 167 LEU A C   1 
ATOM   99   O  O   . LEU A 1 28  ? 3.822   1.641   -9.000  1.00 9.34  ? 167 LEU A O   1 
ATOM   100  C  CB  . LEU A 1 28  ? 3.500   3.004   -11.878 1.00 10.77 ? 167 LEU A CB  1 
ATOM   101  C  CG  . LEU A 1 28  ? 3.202   2.978   -13.378 1.00 12.11 ? 167 LEU A CG  1 
ATOM   102  C  CD1 . LEU A 1 28  ? 2.115   3.979   -13.761 1.00 11.81 ? 167 LEU A CD1 1 
ATOM   103  C  CD2 . LEU A 1 28  ? 4.528   3.308   -14.127 1.00 14.87 ? 167 LEU A CD2 1 
ATOM   104  N  N   . PHE A 1 29  ? 5.852   2.371   -9.621  1.00 12.71 ? 168 PHE A N   1 
ATOM   105  C  CA  . PHE A 1 29  ? 6.353   2.461   -8.260  1.00 15.88 ? 168 PHE A CA  1 
ATOM   106  C  C   . PHE A 1 29  ? 7.191   3.722   -8.225  1.00 17.56 ? 168 PHE A C   1 
ATOM   107  O  O   . PHE A 1 29  ? 8.274   3.736   -8.819  1.00 19.49 ? 168 PHE A O   1 
ATOM   108  C  CB  . PHE A 1 29  ? 7.239   1.209   -8.024  1.00 11.65 ? 168 PHE A CB  1 
ATOM   109  C  CG  . PHE A 1 29  ? 7.460   0.862   -6.562  1.00 8.26  ? 168 PHE A CG  1 
ATOM   110  C  CD1 . PHE A 1 29  ? 6.419   0.429   -5.774  1.00 3.68  ? 168 PHE A CD1 1 
ATOM   111  C  CD2 . PHE A 1 29  ? 8.732   0.923   -6.008  1.00 9.42  ? 168 PHE A CD2 1 
ATOM   112  C  CE1 . PHE A 1 29  ? 6.628   0.058   -4.463  1.00 8.23  ? 168 PHE A CE1 1 
ATOM   113  C  CE2 . PHE A 1 29  ? 8.966   0.555   -4.683  1.00 9.48  ? 168 PHE A CE2 1 
ATOM   114  C  CZ  . PHE A 1 29  ? 7.898   0.115   -3.901  1.00 8.48  ? 168 PHE A CZ  1 
ATOM   115  N  N   . SER A 1 30  ? 6.720   4.781   -7.554  1.00 16.04 ? 169 SER A N   1 
ATOM   116  C  CA  . SER A 1 30  ? 7.509   6.028   -7.556  1.00 17.71 ? 169 SER A CA  1 
ATOM   117  C  C   . SER A 1 30  ? 8.880   5.893   -6.917  1.00 18.63 ? 169 SER A C   1 
ATOM   118  O  O   . SER A 1 30  ? 9.193   4.886   -6.255  1.00 21.04 ? 169 SER A O   1 
ATOM   119  C  CB  . SER A 1 30  ? 6.751   7.235   -6.912  1.00 10.95 ? 169 SER A CB  1 
ATOM   120  O  OG  . SER A 1 30  ? 6.384   6.986   -5.545  1.00 11.50 ? 169 SER A OG  1 
ATOM   121  N  N   . THR A 1 31  ? 9.669   6.940   -7.091  1.00 20.41 ? 170 THR A N   1 
ATOM   122  C  CA  . THR A 1 31  ? 10.995  7.033   -6.499  1.00 22.58 ? 170 THR A CA  1 
ATOM   123  C  C   . THR A 1 31  ? 10.843  7.054   -4.989  1.00 21.41 ? 170 THR A C   1 
ATOM   124  O  O   . THR A 1 31  ? 11.550  6.352   -4.293  1.00 21.14 ? 170 THR A O   1 
ATOM   125  C  CB  . THR A 1 31  ? 11.716  8.336   -6.938  1.00 19.58 ? 170 THR A CB  1 
ATOM   126  O  OG1 . THR A 1 31  ? 11.791  8.372   -8.359  1.00 21.87 ? 170 THR A OG1 1 
ATOM   127  C  CG2 . THR A 1 31  ? 13.129  8.350   -6.413  1.00 22.89 ? 170 THR A CG2 1 
ATOM   128  N  N   . ALA A 1 32  ? 9.897   7.844   -4.478  1.00 23.79 ? 171 ALA A N   1 
ATOM   129  C  CA  . ALA A 1 32  ? 9.663   7.914   -3.022  1.00 22.18 ? 171 ALA A CA  1 
ATOM   130  C  C   . ALA A 1 32  ? 9.235   6.569   -2.444  1.00 21.47 ? 171 ALA A C   1 
ATOM   131  O  O   . ALA A 1 32  ? 9.450   6.301   -1.251  1.00 22.76 ? 171 ALA A O   1 
ATOM   132  C  CB  . ALA A 1 32  ? 8.590   8.984   -2.685  1.00 23.48 ? 171 ALA A CB  1 
ATOM   133  N  N   . ALA A 1 33  ? 8.481   5.790   -3.223  1.00 20.13 ? 172 ALA A N   1 
ATOM   134  C  CA  . ALA A 1 33  ? 8.066   4.466   -2.755  1.00 20.77 ? 172 ALA A CA  1 
ATOM   135  C  C   . ALA A 1 33  ? 9.320   3.571   -2.609  1.00 19.61 ? 172 ALA A C   1 
ATOM   136  O  O   . ALA A 1 33  ? 9.363   2.716   -1.759  1.00 22.14 ? 172 ALA A O   1 
ATOM   137  C  CB  . ALA A 1 33  ? 7.060   3.830   -3.717  1.00 18.90 ? 172 ALA A CB  1 
ATOM   138  N  N   . GLU A 1 34  ? 10.324  3.799   -3.451  1.00 21.53 ? 173 GLU A N   1 
ATOM   139  C  CA  . GLU A 1 34  ? 11.594  3.057   -3.437  1.00 23.00 ? 173 GLU A CA  1 
ATOM   140  C  C   . GLU A 1 34  ? 12.343  3.347   -2.142  1.00 24.45 ? 173 GLU A C   1 
ATOM   141  O  O   . GLU A 1 34  ? 12.879  2.449   -1.513  1.00 22.08 ? 173 GLU A O   1 
ATOM   142  C  CB  . GLU A 1 34  ? 12.473  3.486   -4.630  1.00 22.10 ? 173 GLU A CB  1 
ATOM   143  C  CG  . GLU A 1 34  ? 11.934  3.050   -6.003  1.00 24.70 ? 173 GLU A CG  1 
ATOM   144  C  CD  . GLU A 1 34  ? 12.828  3.504   -7.154  1.00 25.42 ? 173 GLU A CD  1 
ATOM   145  O  OE1 . GLU A 1 34  ? 13.308  4.639   -7.162  1.00 32.15 ? 173 GLU A OE1 1 
ATOM   146  O  OE2 . GLU A 1 34  ? 13.100  2.717   -8.052  1.00 29.58 ? 173 GLU A OE2 1 
ATOM   147  N  N   . ARG A 1 35  ? 12.267  4.602   -1.694  1.00 28.81 ? 174 ARG A N   1 
ATOM   148  C  CA  . ARG A 1 35  ? 12.932  5.032   -0.469  1.00 30.31 ? 174 ARG A CA  1 
ATOM   149  C  C   . ARG A 1 35  ? 12.206  4.539   0.752   1.00 31.36 ? 174 ARG A C   1 
ATOM   150  O  O   . ARG A 1 35  ? 12.818  4.115   1.731   1.00 32.56 ? 174 ARG A O   1 
ATOM   151  C  CB  . ARG A 1 35  ? 13.056  6.549   -0.442  1.00 34.05 ? 174 ARG A CB  1 
ATOM   152  C  CG  . ARG A 1 35  ? 13.825  7.120   -1.633  1.00 37.17 ? 174 ARG A CG  1 
ATOM   153  C  CD  . ARG A 1 35  ? 14.553  8.398   -1.231  1.00 41.55 ? 174 ARG A CD  1 
ATOM   154  N  NE  . ARG A 1 35  ? 14.835  9.298   -2.354  1.00 42.11 ? 174 ARG A NE  1 
ATOM   155  C  CZ  . ARG A 1 35  ? 13.952  10.154  -2.875  1.00 45.11 ? 174 ARG A CZ  1 
ATOM   156  N  NH1 . ARG A 1 35  ? 12.715  10.218  -2.392  1.00 46.63 ? 174 ARG A NH1 1 
ATOM   157  N  NH2 . ARG A 1 35  ? 14.321  10.993  -3.842  1.00 46.27 ? 174 ARG A NH2 1 
ATOM   158  N  N   . LEU A 1 36  ? 10.884  4.537   0.680   1.00 30.05 ? 175 LEU A N   1 
ATOM   159  C  CA  . LEU A 1 36  ? 10.089  4.078   1.794   1.00 25.88 ? 175 LEU A CA  1 
ATOM   160  C  C   . LEU A 1 36  ? 10.097  2.559   1.955   1.00 25.11 ? 175 LEU A C   1 
ATOM   161  O  O   . LEU A 1 36  ? 10.309  2.027   3.052   1.00 19.81 ? 175 LEU A O   1 
ATOM   162  C  CB  . LEU A 1 36  ? 8.647   4.552   1.634   1.00 26.98 ? 175 LEU A CB  1 
ATOM   163  C  CG  . LEU A 1 36  ? 7.773   4.262   2.853   1.00 27.99 ? 175 LEU A CG  1 
ATOM   164  C  CD1 . LEU A 1 36  ? 8.301   5.102   4.028   1.00 26.93 ? 175 LEU A CD1 1 
ATOM   165  C  CD2 . LEU A 1 36  ? 6.316   4.597   2.560   1.00 29.74 ? 175 LEU A CD2 1 
ATOM   166  N  N   . PHE A 1 37  ? 9.865   1.833   0.868   1.00 23.98 ? 176 PHE A N   1 
ATOM   167  C  CA  . PHE A 1 37  ? 9.823   0.383   1.040   1.00 22.91 ? 176 PHE A CA  1 
ATOM   168  C  C   . PHE A 1 37  ? 11.119  -0.435  0.894   1.00 23.27 ? 176 PHE A C   1 
ATOM   169  O  O   . PHE A 1 37  ? 11.186  -1.554  1.394   1.00 23.40 ? 176 PHE A O   1 
ATOM   170  C  CB  . PHE A 1 37  ? 8.684   -0.211  0.220   1.00 19.34 ? 176 PHE A CB  1 
ATOM   171  C  CG  . PHE A 1 37  ? 7.306   0.316   0.604   1.00 18.05 ? 176 PHE A CG  1 
ATOM   172  C  CD1 . PHE A 1 37  ? 6.779   1.430   -0.023  1.00 15.37 ? 176 PHE A CD1 1 
ATOM   173  C  CD2 . PHE A 1 37  ? 6.551   -0.313  1.578   1.00 18.41 ? 176 PHE A CD2 1 
ATOM   174  C  CE1 . PHE A 1 37  ? 5.534   1.912   0.314   1.00 17.87 ? 176 PHE A CE1 1 
ATOM   175  C  CE2 . PHE A 1 37  ? 5.274   0.164   1.929   1.00 18.56 ? 176 PHE A CE2 1 
ATOM   176  C  CZ  . PHE A 1 37  ? 4.774   1.268   1.300   1.00 19.85 ? 176 PHE A CZ  1 
ATOM   177  N  N   . GLY A 1 38  ? 12.131  0.098   0.230   1.00 24.24 ? 177 GLY A N   1 
ATOM   178  C  CA  . GLY A 1 38  ? 13.368  -0.664  0.053   1.00 27.10 ? 177 GLY A CA  1 
ATOM   179  C  C   . GLY A 1 38  ? 13.590  -1.167  -1.386  1.00 27.73 ? 177 GLY A C   1 
ATOM   180  O  O   . GLY A 1 38  ? 14.705  -1.105  -1.930  1.00 26.58 ? 177 GLY A O   1 
ATOM   181  N  N   . TRP A 1 39  ? 12.509  -1.588  -2.042  1.00 25.74 ? 178 TRP A N   1 
ATOM   182  C  CA  . TRP A 1 39  ? 12.590  -2.109  -3.414  1.00 23.04 ? 178 TRP A CA  1 
ATOM   183  C  C   . TRP A 1 39  ? 12.871  -1.049  -4.489  1.00 24.07 ? 178 TRP A C   1 
ATOM   184  O  O   . TRP A 1 39  ? 12.487  0.121   -4.348  1.00 25.49 ? 178 TRP A O   1 
ATOM   185  C  CB  . TRP A 1 39  ? 11.285  -2.843  -3.748  1.00 23.11 ? 178 TRP A CB  1 
ATOM   186  C  CG  . TRP A 1 39  ? 10.862  -3.784  -2.675  1.00 20.45 ? 178 TRP A CG  1 
ATOM   187  C  CD1 . TRP A 1 39  ? 9.999   -3.519  -1.651  1.00 20.28 ? 178 TRP A CD1 1 
ATOM   188  C  CD2 . TRP A 1 39  ? 11.288  -5.134  -2.499  1.00 22.40 ? 178 TRP A CD2 1 
ATOM   189  N  NE1 . TRP A 1 39  ? 9.858   -4.618  -0.851  1.00 21.49 ? 178 TRP A NE1 1 
ATOM   190  C  CE2 . TRP A 1 39  ? 10.642  -5.636  -1.345  1.00 24.04 ? 178 TRP A CE2 1 
ATOM   191  C  CE3 . TRP A 1 39  ? 12.164  -5.984  -3.197  1.00 24.00 ? 178 TRP A CE3 1 
ATOM   192  C  CZ2 . TRP A 1 39  ? 10.829  -6.943  -0.873  1.00 25.55 ? 178 TRP A CZ2 1 
ATOM   193  C  CZ3 . TRP A 1 39  ? 12.362  -7.295  -2.723  1.00 22.81 ? 178 TRP A CZ3 1 
ATOM   194  C  CH2 . TRP A 1 39  ? 11.700  -7.755  -1.575  1.00 24.08 ? 178 TRP A CH2 1 
ATOM   195  N  N   . SER A 1 40  ? 13.648  -1.412  -5.506  1.00 21.39 ? 179 SER A N   1 
ATOM   196  C  CA  . SER A 1 40  ? 13.885  -0.483  -6.605  1.00 20.63 ? 179 SER A CA  1 
ATOM   197  C  C   . SER A 1 40  ? 12.596  -0.668  -7.413  1.00 19.46 ? 179 SER A C   1 
ATOM   198  O  O   . SER A 1 40  ? 11.885  -1.639  -7.225  1.00 20.53 ? 179 SER A O   1 
ATOM   199  C  CB  . SER A 1 40  ? 15.081  -0.905  -7.456  1.00 19.52 ? 179 SER A CB  1 
ATOM   200  O  OG  . SER A 1 40  ? 14.808  -2.143  -8.058  1.00 24.14 ? 179 SER A OG  1 
ATOM   201  N  N   . GLU A 1 41  ? 12.310  0.222   -8.339  1.00 19.33 ? 180 GLU A N   1 
ATOM   202  C  CA  . GLU A 1 41  ? 11.080  0.113   -9.109  1.00 19.19 ? 180 GLU A CA  1 
ATOM   203  C  C   . GLU A 1 41  ? 11.060  -1.116  -9.978  1.00 17.21 ? 180 GLU A C   1 
ATOM   204  O  O   . GLU A 1 41  ? 10.032  -1.782  -10.090 1.00 18.95 ? 180 GLU A O   1 
ATOM   205  C  CB  . GLU A 1 41  ? 10.844  1.401   -9.908  1.00 19.62 ? 180 GLU A CB  1 
ATOM   206  C  CG  . GLU A 1 41  ? 10.844  1.280   -11.412 1.00 20.78 ? 180 GLU A CG  1 
ATOM   207  C  CD  . GLU A 1 41  ? 10.858  2.636   -12.069 1.00 20.37 ? 180 GLU A CD  1 
ATOM   208  O  OE1 . GLU A 1 41  ? 11.927  3.048   -12.550 1.00 21.36 ? 180 GLU A OE1 1 
ATOM   209  O  OE2 . GLU A 1 41  ? 9.809   3.310   -12.062 1.00 21.81 ? 180 GLU A OE2 1 
ATOM   210  N  N   . LEU A 1 42  ? 12.213  -1.463  -10.539 1.00 15.43 ? 181 LEU A N   1 
ATOM   211  C  CA  . LEU A 1 42  ? 12.327  -2.649  -11.392 1.00 15.11 ? 181 LEU A CA  1 
ATOM   212  C  C   . LEU A 1 42  ? 12.077  -3.928  -10.597 1.00 12.30 ? 181 LEU A C   1 
ATOM   213  O  O   . LEU A 1 42  ? 11.533  -4.922  -11.119 1.00 12.44 ? 181 LEU A O   1 
ATOM   214  C  CB  . LEU A 1 42  ? 13.719  -2.656  -12.004 1.00 18.13 ? 181 LEU A CB  1 
ATOM   215  C  CG  . LEU A 1 42  ? 14.172  -3.408  -13.241 1.00 18.75 ? 181 LEU A CG  1 
ATOM   216  C  CD1 . LEU A 1 42  ? 13.318  -3.048  -14.456 1.00 19.36 ? 181 LEU A CD1 1 
ATOM   217  C  CD2 . LEU A 1 42  ? 15.661  -2.973  -13.465 1.00 20.72 ? 181 LEU A CD2 1 
ATOM   218  N  N   . GLU A 1 43  ? 12.508  -3.927  -9.344  1.00 9.71  ? 182 GLU A N   1 
ATOM   219  C  CA  . GLU A 1 43  ? 12.291  -5.078  -8.483  1.00 10.36 ? 182 GLU A CA  1 
ATOM   220  C  C   . GLU A 1 43  ? 10.844  -5.175  -8.157  1.00 10.13 ? 182 GLU A C   1 
ATOM   221  O  O   . GLU A 1 43  ? 10.286  -6.273  -8.152  1.00 11.29 ? 182 GLU A O   1 
ATOM   222  C  CB  . GLU A 1 43  ? 13.085  -4.951  -7.166  1.00 12.47 ? 182 GLU A CB  1 
ATOM   223  C  CG  . GLU A 1 43  ? 14.559  -5.230  -7.313  1.00 12.53 ? 182 GLU A CG  1 
ATOM   224  C  CD  . GLU A 1 43  ? 15.362  -4.930  -6.039  1.00 16.26 ? 182 GLU A CD  1 
ATOM   225  O  OE1 . GLU A 1 43  ? 14.983  -4.027  -5.270  1.00 17.99 ? 182 GLU A OE1 1 
ATOM   226  O  OE2 . GLU A 1 43  ? 16.405  -5.573  -5.825  1.00 14.80 ? 182 GLU A OE2 1 
ATOM   227  N  N   . ALA A 1 44  ? 10.221  -4.008  -7.892  1.00 11.22 ? 183 ALA A N   1 
ATOM   228  C  CA  . ALA A 1 44  ? 8.804   -3.946  -7.495  1.00 8.90  ? 183 ALA A CA  1 
ATOM   229  C  C   . ALA A 1 44  ? 7.804   -4.264  -8.624  1.00 7.45  ? 183 ALA A C   1 
ATOM   230  O  O   . ALA A 1 44  ? 6.847   -5.003  -8.447  1.00 6.79  ? 183 ALA A O   1 
ATOM   231  C  CB  . ALA A 1 44  ? 8.504   -2.544  -6.893  1.00 10.86 ? 183 ALA A CB  1 
ATOM   232  N  N   . ILE A 1 45  ? 8.019   -3.693  -9.787  1.00 11.91 ? 184 ILE A N   1 
ATOM   233  C  CA  . ILE A 1 45  ? 7.119   -3.920  -10.904 1.00 12.10 ? 184 ILE A CA  1 
ATOM   234  C  C   . ILE A 1 45  ? 7.045   -5.400  -11.233 1.00 13.15 ? 184 ILE A C   1 
ATOM   235  O  O   . ILE A 1 45  ? 8.070   -6.074  -11.388 1.00 12.26 ? 184 ILE A O   1 
ATOM   236  C  CB  . ILE A 1 45  ? 7.527   -3.070  -12.112 1.00 15.03 ? 184 ILE A CB  1 
ATOM   237  C  CG1 . ILE A 1 45  ? 7.348   -1.615  -11.726 1.00 15.14 ? 184 ILE A CG1 1 
ATOM   238  C  CG2 . ILE A 1 45  ? 6.640   -3.418  -13.373 1.00 16.30 ? 184 ILE A CG2 1 
ATOM   239  C  CD1 . ILE A 1 45  ? 7.810   -0.662  -12.757 1.00 20.92 ? 184 ILE A CD1 1 
ATOM   240  N  N   . GLY A 1 46  ? 5.814   -5.894  -11.303 1.00 12.00 ? 185 GLY A N   1 
ATOM   241  C  CA  . GLY A 1 46  ? 5.592   -7.298  -11.544 1.00 13.03 ? 185 GLY A CA  1 
ATOM   242  C  C   . GLY A 1 46  ? 5.340   -8.067  -10.267 1.00 12.85 ? 185 GLY A C   1 
ATOM   243  O  O   . GLY A 1 46  ? 5.012   -9.258  -10.307 1.00 14.42 ? 185 GLY A O   1 
ATOM   244  N  N   . GLN A 1 47  ? 5.572   -7.452  -9.116  1.00 13.36 ? 186 GLN A N   1 
ATOM   245  C  CA  . GLN A 1 47  ? 5.302   -8.174  -7.855  1.00 12.20 ? 186 GLN A CA  1 
ATOM   246  C  C   . GLN A 1 47  ? 3.904   -7.804  -7.391  1.00 13.07 ? 186 GLN A C   1 
ATOM   247  O  O   . GLN A 1 47  ? 3.375   -6.757  -7.813  1.00 14.25 ? 186 GLN A O   1 
ATOM   248  C  CB  . GLN A 1 47  ? 6.357   -7.817  -6.793  1.00 11.23 ? 186 GLN A CB  1 
ATOM   249  C  CG  . GLN A 1 47  ? 7.745   -8.361  -7.149  1.00 13.30 ? 186 GLN A CG  1 
ATOM   250  C  CD  . GLN A 1 47  ? 7.720   -9.874  -7.283  1.00 17.12 ? 186 GLN A CD  1 
ATOM   251  O  OE1 . GLN A 1 47  ? 7.243   -10.596 -6.371  1.00 20.09 ? 186 GLN A OE1 1 
ATOM   252  N  NE2 . GLN A 1 47  ? 8.171   -10.376 -8.435  1.00 16.02 ? 186 GLN A NE2 1 
ATOM   253  N  N   . ASN A 1 48  ? 3.257   -8.696  -6.636  1.00 11.95 ? 187 ASN A N   1 
ATOM   254  C  CA  . ASN A 1 48  ? 1.925   -8.423  -6.092  1.00 12.40 ? 187 ASN A CA  1 
ATOM   255  C  C   . ASN A 1 48  ? 2.165   -7.345  -5.016  1.00 12.38 ? 187 ASN A C   1 
ATOM   256  O  O   . ASN A 1 48  ? 3.274   -7.252  -4.451  1.00 11.16 ? 187 ASN A O   1 
ATOM   257  C  CB  . ASN A 1 48  ? 1.313   -9.693  -5.471  1.00 12.81 ? 187 ASN A CB  1 
ATOM   258  C  CG  . ASN A 1 48  ? -0.157  -9.534  -5.130  1.00 13.10 ? 187 ASN A CG  1 
ATOM   259  O  OD1 . ASN A 1 48  ? -1.014  -10.242 -5.662  1.00 16.49 ? 187 ASN A OD1 1 
ATOM   260  N  ND2 . ASN A 1 48  ? -0.456  -8.621  -4.221  1.00 14.82 ? 187 ASN A ND2 1 
ATOM   261  N  N   . VAL A 1 49  ? 1.146   -6.532  -4.755  1.00 11.32 ? 188 VAL A N   1 
ATOM   262  C  CA  . VAL A 1 49  ? 1.254   -5.428  -3.821  1.00 9.44  ? 188 VAL A CA  1 
ATOM   263  C  C   . VAL A 1 49  ? 1.415   -5.930  -2.383  1.00 13.89 ? 188 VAL A C   1 
ATOM   264  O  O   . VAL A 1 49  ? 2.036   -5.252  -1.539  1.00 11.42 ? 188 VAL A O   1 
ATOM   265  C  CB  . VAL A 1 49  ? 0.039   -4.445  -4.001  1.00 8.19  ? 188 VAL A CB  1 
ATOM   266  C  CG1 . VAL A 1 49  ? -1.334  -5.107  -3.642  1.00 6.41  ? 188 VAL A CG1 1 
ATOM   267  C  CG2 . VAL A 1 49  ? 0.269   -3.149  -3.262  1.00 6.18  ? 188 VAL A CG2 1 
ATOM   268  N  N   . ASN A 1 50  ? 0.937   -7.161  -2.147  1.00 13.99 ? 189 ASN A N   1 
ATOM   269  C  CA  . ASN A 1 50  ? 1.006   -7.792  -0.848  1.00 13.97 ? 189 ASN A CA  1 
ATOM   270  C  C   . ASN A 1 50  ? 2.400   -7.930  -0.282  1.00 14.84 ? 189 ASN A C   1 
ATOM   271  O  O   . ASN A 1 50  ? 2.537   -8.108  0.949   1.00 18.67 ? 189 ASN A O   1 
ATOM   272  C  CB  . ASN A 1 50  ? 0.203   -9.112  -0.785  1.00 12.55 ? 189 ASN A CB  1 
ATOM   273  C  CG  . ASN A 1 50  ? 0.779   -10.254 -1.666  1.00 9.87  ? 189 ASN A CG  1 
ATOM   274  O  OD1 . ASN A 1 50  ? 1.965   -10.318 -1.950  1.00 14.05 ? 189 ASN A OD1 1 
ATOM   275  N  ND2 . ASN A 1 50  ? -0.091  -11.163 -2.074  1.00 10.94 ? 189 ASN A ND2 1 
ATOM   276  N  N   . ILE A 1 51  ? 3.417   -7.663  -1.103  1.00 15.79 ? 190 ILE A N   1 
ATOM   277  C  CA  . ILE A 1 51  ? 4.809   -7.751  -0.633  1.00 16.70 ? 190 ILE A CA  1 
ATOM   278  C  C   . ILE A 1 51  ? 5.207   -6.551  0.225   1.00 18.54 ? 190 ILE A C   1 
ATOM   279  O  O   . ILE A 1 51  ? 6.345   -6.477  0.751   1.00 20.80 ? 190 ILE A O   1 
ATOM   280  C  CB  . ILE A 1 51  ? 5.856   -7.860  -1.798  1.00 19.98 ? 190 ILE A CB  1 
ATOM   281  C  CG1 . ILE A 1 51  ? 5.825   -6.609  -2.679  1.00 18.88 ? 190 ILE A CG1 1 
ATOM   282  C  CG2 . ILE A 1 51  ? 5.657   -9.174  -2.649  1.00 15.80 ? 190 ILE A CG2 1 
ATOM   283  C  CD1 . ILE A 1 51  ? 7.194   -6.202  -3.236  1.00 18.35 ? 190 ILE A CD1 1 
ATOM   284  N  N   . LEU A 1 52  ? 4.318   -5.568  0.326   1.00 17.98 ? 191 LEU A N   1 
ATOM   285  C  CA  . LEU A 1 52  ? 4.633   -4.357  1.089   1.00 17.70 ? 191 LEU A CA  1 
ATOM   286  C  C   . LEU A 1 52  ? 3.922   -4.321  2.439   1.00 16.14 ? 191 LEU A C   1 
ATOM   287  O  O   . LEU A 1 52  ? 3.949   -3.325  3.129   1.00 19.10 ? 191 LEU A O   1 
ATOM   288  C  CB  . LEU A 1 52  ? 4.267   -3.115  0.251   1.00 16.34 ? 191 LEU A CB  1 
ATOM   289  C  CG  . LEU A 1 52  ? 4.901   -3.019  -1.139  1.00 17.24 ? 191 LEU A CG  1 
ATOM   290  C  CD1 . LEU A 1 52  ? 4.117   -2.036  -2.048  1.00 14.03 ? 191 LEU A CD1 1 
ATOM   291  C  CD2 . LEU A 1 52  ? 6.371   -2.595  -1.029  1.00 18.55 ? 191 LEU A CD2 1 
ATOM   292  N  N   . MET A 1 53  ? 3.331   -5.437  2.829   1.00 17.31 ? 192 MET A N   1 
ATOM   293  C  CA  . MET A 1 53  ? 2.560   -5.529  4.046   1.00 17.95 ? 192 MET A CA  1 
ATOM   294  C  C   . MET A 1 53  ? 2.748   -6.911  4.717   1.00 20.94 ? 192 MET A C   1 
ATOM   295  O  O   . MET A 1 53  ? 3.004   -7.908  4.037   1.00 18.08 ? 192 MET A O   1 
ATOM   296  C  CB  . MET A 1 53  ? 1.091   -5.371  3.690   1.00 17.79 ? 192 MET A CB  1 
ATOM   297  C  CG  . MET A 1 53  ? 0.616   -6.470  2.843   1.00 14.68 ? 192 MET A CG  1 
ATOM   298  S  SD  . MET A 1 53  ? -1.103  -6.413  2.273   1.00 17.22 ? 192 MET A SD  1 
ATOM   299  C  CE  . MET A 1 53  ? -0.793  -5.196  0.912   1.00 10.45 ? 192 MET A CE  1 
ATOM   300  N  N   . PRO A 1 54  ? 2.597   -6.981  6.055   1.00 20.33 ? 193 PRO A N   1 
ATOM   301  C  CA  . PRO A 1 54  ? 2.738   -8.229  6.824   1.00 16.39 ? 193 PRO A CA  1 
ATOM   302  C  C   . PRO A 1 54  ? 1.480   -9.122  6.883   1.00 21.22 ? 193 PRO A C   1 
ATOM   303  O  O   . PRO A 1 54  ? 0.381   -8.749  6.433   1.00 21.21 ? 193 PRO A O   1 
ATOM   304  C  CB  . PRO A 1 54  ? 3.145   -7.731  8.217   1.00 20.95 ? 193 PRO A CB  1 
ATOM   305  C  CG  . PRO A 1 54  ? 2.467   -6.367  8.363   1.00 15.31 ? 193 PRO A CG  1 
ATOM   306  C  CD  . PRO A 1 54  ? 2.705   -5.783  6.932   1.00 18.83 ? 193 PRO A CD  1 
ATOM   307  N  N   . GLU A 1 55  ? 1.647   -10.350 7.381   1.00 20.49 ? 194 GLU A N   1 
ATOM   308  C  CA  . GLU A 1 55  ? 0.515   -11.246 7.498   1.00 20.02 ? 194 GLU A CA  1 
ATOM   309  C  C   . GLU A 1 55  ? -0.206  -10.798 8.750   1.00 18.83 ? 194 GLU A C   1 
ATOM   310  O  O   . GLU A 1 55  ? 0.384   -10.116 9.566   1.00 20.24 ? 194 GLU A O   1 
ATOM   311  C  CB  . GLU A 1 55  ? 1.017   -12.687 7.598   1.00 24.63 ? 194 GLU A CB  1 
ATOM   312  C  CG  . GLU A 1 55  ? 1.727   -13.139 6.324   1.00 23.26 ? 194 GLU A CG  1 
ATOM   313  C  CD  . GLU A 1 55  ? 0.768   -13.693 5.311   1.00 27.25 ? 194 GLU A CD  1 
ATOM   314  O  OE1 . GLU A 1 55  ? -0.460  -13.548 5.496   1.00 28.64 ? 194 GLU A OE1 1 
ATOM   315  O  OE2 . GLU A 1 55  ? 1.235   -14.322 4.329   1.00 30.00 ? 194 GLU A OE2 1 
ATOM   316  N  N   . PRO A 1 56  ? -1.511  -11.073 8.873   1.00 20.02 ? 195 PRO A N   1 
ATOM   317  C  CA  . PRO A 1 56  ? -2.450  -11.751 7.964   1.00 19.73 ? 195 PRO A CA  1 
ATOM   318  C  C   . PRO A 1 56  ? -2.886  -11.005 6.701   1.00 21.25 ? 195 PRO A C   1 
ATOM   319  O  O   . PRO A 1 56  ? -3.359  -11.627 5.750   1.00 21.87 ? 195 PRO A O   1 
ATOM   320  C  CB  . PRO A 1 56  ? -3.644  -12.055 8.876   1.00 20.45 ? 195 PRO A CB  1 
ATOM   321  C  CG  . PRO A 1 56  ? -3.644  -10.921 9.810   1.00 21.31 ? 195 PRO A CG  1 
ATOM   322  C  CD  . PRO A 1 56  ? -2.172  -10.728 10.143  1.00 17.41 ? 195 PRO A CD  1 
ATOM   323  N  N   . ASP A 1 57  ? -2.800  -9.674  6.687   1.00 22.62 ? 196 ASP A N   1 
ATOM   324  C  CA  . ASP A 1 57  ? -3.187  -8.930  5.470   1.00 20.16 ? 196 ASP A CA  1 
ATOM   325  C  C   . ASP A 1 57  ? -2.541  -9.448  4.181   1.00 19.78 ? 196 ASP A C   1 
ATOM   326  O  O   . ASP A 1 57  ? -3.207  -9.631  3.170   1.00 19.29 ? 196 ASP A O   1 
ATOM   327  C  CB  . ASP A 1 57  ? -2.898  -7.451  5.655   1.00 20.45 ? 196 ASP A CB  1 
ATOM   328  C  CG  . ASP A 1 57  ? -3.902  -6.787  6.582   1.00 20.44 ? 196 ASP A CG  1 
ATOM   329  O  OD1 . ASP A 1 57  ? -5.033  -7.282  6.726   1.00 22.14 ? 196 ASP A OD1 1 
ATOM   330  O  OD2 . ASP A 1 57  ? -3.568  -5.748  7.135   1.00 21.10 ? 196 ASP A OD2 1 
ATOM   331  N  N   . ARG A 1 58  ? -1.245  -9.710  4.214   1.00 21.84 ? 197 ARG A N   1 
ATOM   332  C  CA  . ARG A 1 58  ? -0.536  -10.234 3.042   1.00 24.60 ? 197 ARG A CA  1 
ATOM   333  C  C   . ARG A 1 58  ? -1.234  -11.362 2.263   1.00 24.80 ? 197 ARG A C   1 
ATOM   334  O  O   . ARG A 1 58  ? -1.329  -11.270 1.039   1.00 21.21 ? 197 ARG A O   1 
ATOM   335  C  CB  . ARG A 1 58  ? 0.852   -10.737 3.433   1.00 26.08 ? 197 ARG A CB  1 
ATOM   336  C  CG  . ARG A 1 58  ? 1.724   -11.136 2.251   1.00 29.48 ? 197 ARG A CG  1 
ATOM   337  C  CD  . ARG A 1 58  ? 3.105   -11.553 2.742   1.00 31.36 ? 197 ARG A CD  1 
ATOM   338  N  NE  . ARG A 1 58  ? 4.214   -10.971 1.988   1.00 37.42 ? 197 ARG A NE  1 
ATOM   339  C  CZ  . ARG A 1 58  ? 4.947   -9.938  2.409   1.00 39.51 ? 197 ARG A CZ  1 
ATOM   340  N  NH1 . ARG A 1 58  ? 4.678   -9.362  3.563   1.00 41.26 ? 197 ARG A NH1 1 
ATOM   341  N  NH2 . ARG A 1 58  ? 6.032   -9.552  1.747   1.00 42.64 ? 197 ARG A NH2 1 
ATOM   342  N  N   . SER A 1 59  ? -1.648  -12.442 2.952   1.00 22.53 ? 198 SER A N   1 
ATOM   343  C  CA  . SER A 1 59  ? -2.295  -13.581 2.292   1.00 22.48 ? 198 SER A CA  1 
ATOM   344  C  C   . SER A 1 59  ? -3.741  -13.243 2.003   1.00 25.47 ? 198 SER A C   1 
ATOM   345  O  O   . SER A 1 59  ? -4.380  -13.871 1.134   1.00 23.92 ? 198 SER A O   1 
ATOM   346  C  CB  . SER A 1 59  ? -2.231  -14.862 3.174   1.00 27.66 ? 198 SER A CB  1 
ATOM   347  O  OG  . SER A 1 59  ? -0.899  -15.277 3.392   1.00 22.79 ? 198 SER A OG  1 
ATOM   348  N  N   . ARG A 1 60  ? -4.295  -12.355 2.813   1.00 22.70 ? 199 ARG A N   1 
ATOM   349  C  CA  . ARG A 1 60  ? -5.665  -11.902 2.624   1.00 23.28 ? 199 ARG A CA  1 
ATOM   350  C  C   . ARG A 1 60  ? -5.897  -10.857 1.503   1.00 21.49 ? 199 ARG A C   1 
ATOM   351  O  O   . ARG A 1 60  ? -7.025  -10.681 1.062   1.00 20.35 ? 199 ARG A O   1 
ATOM   352  C  CB  . ARG A 1 60  ? -6.193  -11.349 3.967   1.00 27.03 ? 199 ARG A CB  1 
ATOM   353  C  CG  . ARG A 1 60  ? -6.502  -12.458 4.993   1.00 29.21 ? 199 ARG A CG  1 
ATOM   354  C  CD  . ARG A 1 60  ? -7.036  -11.920 6.361   1.00 30.07 ? 199 ARG A CD  1 
ATOM   355  N  NE  . ARG A 1 60  ? -7.562  -13.061 7.124   1.00 34.12 ? 199 ARG A NE  1 
ATOM   356  C  CZ  . ARG A 1 60  ? -7.631  -13.160 8.448   1.00 32.64 ? 199 ARG A CZ  1 
ATOM   357  N  NH1 . ARG A 1 60  ? -7.216  -12.165 9.236   1.00 33.51 ? 199 ARG A NH1 1 
ATOM   358  N  NH2 . ARG A 1 60  ? -8.117  -14.277 8.983   1.00 32.93 ? 199 ARG A NH2 1 
ATOM   359  N  N   . HIS A 1 61  ? -4.916  -9.999  1.254   1.00 20.83 ? 200 HIS A N   1 
ATOM   360  C  CA  . HIS A 1 61  ? -5.033  -8.944  0.255   1.00 19.61 ? 200 HIS A CA  1 
ATOM   361  C  C   . HIS A 1 61  ? -5.700  -9.246  -1.077  1.00 20.70 ? 200 HIS A C   1 
ATOM   362  O  O   . HIS A 1 61  ? -6.623  -8.544  -1.467  1.00 18.59 ? 200 HIS A O   1 
ATOM   363  C  CB  . HIS A 1 61  ? -3.716  -8.214  0.061   1.00 16.97 ? 200 HIS A CB  1 
ATOM   364  C  CG  . HIS A 1 61  ? -3.903  -6.776  -0.340  1.00 17.21 ? 200 HIS A CG  1 
ATOM   365  N  ND1 . HIS A 1 61  ? -3.984  -6.354  -1.651  1.00 15.09 ? 200 HIS A ND1 1 
ATOM   366  C  CD2 . HIS A 1 61  ? -4.019  -5.665  0.427   1.00 11.05 ? 200 HIS A CD2 1 
ATOM   367  C  CE1 . HIS A 1 61  ? -4.150  -5.009  -1.665  1.00 11.54 ? 200 HIS A CE1 1 
ATOM   368  N  NE2 . HIS A 1 61  ? -4.171  -4.539  -0.436  1.00 12.42 ? 200 HIS A NE2 1 
ATOM   369  N  N   . ASP A 1 62  ? -5.265  -10.296 -1.777  1.00 22.29 ? 201 ASP A N   1 
ATOM   370  C  CA  . ASP A 1 62  ? -5.930  -10.668 -3.025  1.00 25.09 ? 201 ASP A CA  1 
ATOM   371  C  C   . ASP A 1 62  ? -7.413  -10.927 -2.813  1.00 24.90 ? 201 ASP A C   1 
ATOM   372  O  O   . ASP A 1 62  ? -8.185  -10.704 -3.742  1.00 26.09 ? 201 ASP A O   1 
ATOM   373  C  CB  . ASP A 1 62  ? -5.309  -11.930 -3.612  1.00 27.51 ? 201 ASP A CB  1 
ATOM   374  C  CG  . ASP A 1 62  ? -4.072  -11.645 -4.437  1.00 29.55 ? 201 ASP A CG  1 
ATOM   375  O  OD1 . ASP A 1 62  ? -3.594  -10.484 -4.481  1.00 29.90 ? 201 ASP A OD1 1 
ATOM   376  O  OD2 . ASP A 1 62  ? -3.585  -12.587 -5.078  1.00 30.89 ? 201 ASP A OD2 1 
ATOM   377  N  N   . SER A 1 63  ? -7.818  -11.396 -1.623  1.00 22.74 ? 202 SER A N   1 
ATOM   378  C  CA  . SER A 1 63  ? -9.247  -11.656 -1.414  1.00 23.82 ? 202 SER A CA  1 
ATOM   379  C  C   . SER A 1 63  ? -9.970  -10.352 -1.170  1.00 22.93 ? 202 SER A C   1 
ATOM   380  O  O   . SER A 1 63  ? -11.150 -10.219 -1.487  1.00 23.83 ? 202 SER A O   1 
ATOM   381  C  CB  . SER A 1 63  ? -9.531  -12.693 -0.301  1.00 23.33 ? 202 SER A CB  1 
ATOM   382  O  OG  . SER A 1 63  ? -9.055  -12.265 0.960   1.00 25.08 ? 202 SER A OG  1 
ATOM   383  N  N   . TYR A 1 64  ? -9.262  -9.391  -0.604  1.00 23.54 ? 203 TYR A N   1 
ATOM   384  C  CA  . TYR A 1 64  ? -9.850  -8.070  -0.410  1.00 25.67 ? 203 TYR A CA  1 
ATOM   385  C  C   . TYR A 1 64  ? -10.118 -7.486  -1.813  1.00 24.49 ? 203 TYR A C   1 
ATOM   386  O  O   . TYR A 1 64  ? -11.237 -7.088  -2.109  1.00 26.15 ? 203 TYR A O   1 
ATOM   387  C  CB  . TYR A 1 64  ? -8.892  -7.155  0.341   1.00 25.37 ? 203 TYR A CB  1 
ATOM   388  C  CG  . TYR A 1 64  ? -8.515  -7.628  1.733   1.00 26.82 ? 203 TYR A CG  1 
ATOM   389  C  CD1 . TYR A 1 64  ? -7.261  -7.351  2.250   1.00 26.19 ? 203 TYR A CD1 1 
ATOM   390  C  CD2 . TYR A 1 64  ? -9.422  -8.315  2.542   1.00 24.93 ? 203 TYR A CD2 1 
ATOM   391  C  CE1 . TYR A 1 64  ? -6.910  -7.743  3.533   1.00 27.16 ? 203 TYR A CE1 1 
ATOM   392  C  CE2 . TYR A 1 64  ? -9.068  -8.715  3.837   1.00 27.55 ? 203 TYR A CE2 1 
ATOM   393  C  CZ  . TYR A 1 64  ? -7.803  -8.407  4.325   1.00 26.25 ? 203 TYR A CZ  1 
ATOM   394  O  OH  . TYR A 1 64  ? -7.431  -8.711  5.633   1.00 26.01 ? 203 TYR A OH  1 
ATOM   395  N  N   . ILE A 1 65  ? -9.117  -7.488  -2.694  1.00 26.04 ? 204 ILE A N   1 
ATOM   396  C  CA  . ILE A 1 65  ? -9.310  -6.935  -4.051  1.00 24.14 ? 204 ILE A CA  1 
ATOM   397  C  C   . ILE A 1 65  ? -10.422 -7.716  -4.761  1.00 25.53 ? 204 ILE A C   1 
ATOM   398  O  O   . ILE A 1 65  ? -11.341 -7.104  -5.289  1.00 20.59 ? 204 ILE A O   1 
ATOM   399  C  CB  . ILE A 1 65  ? -7.993  -6.930  -4.900  1.00 21.28 ? 204 ILE A CB  1 
ATOM   400  C  CG1 . ILE A 1 65  ? -6.943  -6.009  -4.270  1.00 18.08 ? 204 ILE A CG1 1 
ATOM   401  C  CG2 . ILE A 1 65  ? -8.274  -6.453  -6.323  1.00 20.21 ? 204 ILE A CG2 1 
ATOM   402  C  CD1 . ILE A 1 65  ? -5.495  -6.111  -4.919  1.00 12.70 ? 204 ILE A CD1 1 
ATOM   403  N  N   . SER A 1 66  ? -10.359 -9.058  -4.720  1.00 27.95 ? 205 SER A N   1 
ATOM   404  C  CA  . SER A 1 66  ? -11.394 -9.927  -5.312  1.00 30.03 ? 205 SER A CA  1 
ATOM   405  C  C   . SER A 1 66  ? -12.779 -9.569  -4.789  1.00 30.35 ? 205 SER A C   1 
ATOM   406  O  O   . SER A 1 66  ? -13.741 -9.471  -5.556  1.00 32.01 ? 205 SER A O   1 
ATOM   407  C  CB  . SER A 1 66  ? -11.155 -11.414 -4.972  1.00 31.74 ? 205 SER A CB  1 
ATOM   408  O  OG  . SER A 1 66  ? -10.028 -11.966 -5.632  1.00 35.17 ? 205 SER A OG  1 
ATOM   409  N  N   . ARG A 1 67  ? -12.885 -9.386  -3.480  1.00 32.46 ? 206 ARG A N   1 
ATOM   410  C  CA  . ARG A 1 67  ? -14.169 -9.054  -2.867  1.00 33.65 ? 206 ARG A CA  1 
ATOM   411  C  C   . ARG A 1 67  ? -14.713 -7.815  -3.535  1.00 33.58 ? 206 ARG A C   1 
ATOM   412  O  O   . ARG A 1 67  ? -15.846 -7.811  -4.042  1.00 35.29 ? 206 ARG A O   1 
ATOM   413  C  CB  . ARG A 1 67  ? -14.020 -8.791  -1.370  1.00 34.53 ? 206 ARG A CB  1 
ATOM   414  C  CG  . ARG A 1 67  ? -15.349 -8.828  -0.602  1.00 35.78 ? 206 ARG A CG  1 
ATOM   415  C  CD  . ARG A 1 67  ? -15.399 -7.734  0.442   1.00 39.78 ? 206 ARG A CD  1 
ATOM   416  N  NE  . ARG A 1 67  ? -15.841 -6.485  -0.173  1.00 45.00 ? 206 ARG A NE  1 
ATOM   417  C  CZ  . ARG A 1 67  ? -15.155 -5.354  -0.149  1.00 45.18 ? 206 ARG A CZ  1 
ATOM   418  N  NH1 . ARG A 1 67  ? -13.993 -5.306  0.466   1.00 47.97 ? 206 ARG A NH1 1 
ATOM   419  N  NH2 . ARG A 1 67  ? -15.624 -4.283  -0.756  1.00 48.43 ? 206 ARG A NH2 1 
ATOM   420  N  N   . TYR A 1 68  ? -13.887 -6.770  -3.569  1.00 33.61 ? 207 TYR A N   1 
ATOM   421  C  CA  . TYR A 1 68  ? -14.275 -5.510  -4.192  1.00 30.31 ? 207 TYR A CA  1 
ATOM   422  C  C   . TYR A 1 68  ? -14.636 -5.631  -5.670  1.00 30.44 ? 207 TYR A C   1 
ATOM   423  O  O   . TYR A 1 68  ? -15.616 -5.043  -6.122  1.00 31.44 ? 207 TYR A O   1 
ATOM   424  C  CB  . TYR A 1 68  ? -13.171 -4.460  -4.049  1.00 31.18 ? 207 TYR A CB  1 
ATOM   425  C  CG  . TYR A 1 68  ? -13.613 -3.129  -4.608  1.00 30.94 ? 207 TYR A CG  1 
ATOM   426  C  CD1 . TYR A 1 68  ? -14.808 -2.553  -4.187  1.00 29.79 ? 207 TYR A CD1 1 
ATOM   427  C  CD2 . TYR A 1 68  ? -12.869 -2.466  -5.578  1.00 31.43 ? 207 TYR A CD2 1 
ATOM   428  C  CE1 . TYR A 1 68  ? -15.257 -1.360  -4.727  1.00 32.11 ? 207 TYR A CE1 1 
ATOM   429  C  CE2 . TYR A 1 68  ? -13.312 -1.270  -6.126  1.00 32.56 ? 207 TYR A CE2 1 
ATOM   430  C  CZ  . TYR A 1 68  ? -14.502 -0.721  -5.686  1.00 32.51 ? 207 TYR A CZ  1 
ATOM   431  O  OH  . TYR A 1 68  ? -14.950 0.477   -6.172  1.00 34.70 ? 207 TYR A OH  1 
ATOM   432  N  N   . ARG A 1 69  ? -13.862 -6.396  -6.425  1.00 30.73 ? 208 ARG A N   1 
ATOM   433  C  CA  . ARG A 1 69  ? -14.113 -6.544  -7.857  1.00 33.46 ? 208 ARG A CA  1 
ATOM   434  C  C   . ARG A 1 69  ? -15.392 -7.305  -8.228  1.00 36.04 ? 208 ARG A C   1 
ATOM   435  O  O   . ARG A 1 69  ? -16.058 -6.968  -9.213  1.00 36.57 ? 208 ARG A O   1 
ATOM   436  C  CB  . ARG A 1 69  ? -12.911 -7.205  -8.547  1.00 33.98 ? 208 ARG A CB  1 
ATOM   437  C  CG  . ARG A 1 69  ? -11.628 -6.393  -8.504  1.00 35.60 ? 208 ARG A CG  1 
ATOM   438  C  CD  . ARG A 1 69  ? -10.709 -6.774  -9.664  1.00 37.21 ? 208 ARG A CD  1 
ATOM   439  N  NE  . ARG A 1 69  ? -11.347 -6.429  -10.930 1.00 39.91 ? 208 ARG A NE  1 
ATOM   440  C  CZ  . ARG A 1 69  ? -10.905 -6.773  -12.135 1.00 38.72 ? 208 ARG A CZ  1 
ATOM   441  N  NH1 . ARG A 1 69  ? -9.800  -7.490  -12.271 1.00 39.86 ? 208 ARG A NH1 1 
ATOM   442  N  NH2 . ARG A 1 69  ? -11.579 -6.387  -13.204 1.00 40.28 ? 208 ARG A NH2 1 
ATOM   443  N  N   . THR A 1 70  ? -15.711 -8.358  -7.478  1.00 36.74 ? 209 THR A N   1 
ATOM   444  C  CA  . THR A 1 70  ? -16.902 -9.146  -7.776  1.00 37.22 ? 209 THR A CA  1 
ATOM   445  C  C   . THR A 1 70  ? -18.218 -8.531  -7.325  1.00 36.26 ? 209 THR A C   1 
ATOM   446  O  O   . THR A 1 70  ? -19.240 -8.735  -7.985  1.00 37.29 ? 209 THR A O   1 
ATOM   447  C  CB  . THR A 1 70  ? -16.807 -10.598 -7.232  1.00 36.72 ? 209 THR A CB  1 
ATOM   448  O  OG1 . THR A 1 70  ? -16.286 -10.592 -5.896  1.00 36.58 ? 209 THR A OG1 1 
ATOM   449  C  CG2 . THR A 1 70  ? -15.928 -11.448 -8.135  1.00 38.36 ? 209 THR A CG2 1 
ATOM   450  N  N   . THR A 1 71  ? -18.184 -7.765  -6.236  1.00 36.39 ? 210 THR A N   1 
ATOM   451  C  CA  . THR A 1 71  ? -19.372 -7.118  -5.674  1.00 36.65 ? 210 THR A CA  1 
ATOM   452  C  C   . THR A 1 71  ? -19.589 -5.657  -6.066  1.00 38.74 ? 210 THR A C   1 
ATOM   453  O  O   . THR A 1 71  ? -20.719 -5.144  -5.977  1.00 39.95 ? 210 THR A O   1 
ATOM   454  C  CB  . THR A 1 71  ? -19.334 -7.118  -4.138  1.00 36.91 ? 210 THR A CB  1 
ATOM   455  O  OG1 . THR A 1 71  ? -18.206 -6.359  -3.696  1.00 39.30 ? 210 THR A OG1 1 
ATOM   456  C  CG2 . THR A 1 71  ? -19.252 -8.522  -3.584  1.00 36.07 ? 210 THR A CG2 1 
ATOM   457  N  N   . SER A 1 72  ? -18.500 -4.959  -6.386  1.00 38.42 ? 211 SER A N   1 
ATOM   458  C  CA  . SER A 1 72  ? -18.552 -3.543  -6.759  1.00 38.04 ? 211 SER A CA  1 
ATOM   459  C  C   . SER A 1 72  ? -18.967 -2.661  -5.585  1.00 37.59 ? 211 SER A C   1 
ATOM   460  O  O   . SER A 1 72  ? -19.347 -1.509  -5.758  1.00 36.20 ? 211 SER A O   1 
ATOM   461  C  CB  . SER A 1 72  ? -19.476 -3.313  -7.954  1.00 38.36 ? 211 SER A CB  1 
ATOM   462  O  OG  . SER A 1 72  ? -18.883 -3.773  -9.158  1.00 41.39 ? 211 SER A OG  1 
ATOM   463  N  N   . ASP A 1 73  ? -18.860 -3.201  -4.378  1.00 39.22 ? 212 ASP A N   1 
ATOM   464  C  CA  . ASP A 1 73  ? -19.205 -2.447  -3.185  1.00 40.09 ? 212 ASP A CA  1 
ATOM   465  C  C   . ASP A 1 73  ? -17.884 -2.116  -2.513  1.00 39.47 ? 212 ASP A C   1 
ATOM   466  O  O   . ASP A 1 73  ? -17.143 -3.022  -2.132  1.00 38.21 ? 212 ASP A O   1 
ATOM   467  C  CB  . ASP A 1 73  ? -20.118 -3.276  -2.262  1.00 43.07 ? 212 ASP A CB  1 
ATOM   468  C  CG  . ASP A 1 73  ? -21.470 -3.571  -2.891  1.00 44.73 ? 212 ASP A CG  1 
ATOM   469  O  OD1 . ASP A 1 73  ? -22.086 -2.631  -3.448  1.00 46.59 ? 212 ASP A OD1 1 
ATOM   470  O  OD2 . ASP A 1 73  ? -21.921 -4.739  -2.840  1.00 47.66 ? 212 ASP A OD2 1 
ATOM   471  N  N   . PRO A 1 74  ? -17.516 -0.821  -2.477  1.00 38.58 ? 213 PRO A N   1 
ATOM   472  C  CA  . PRO A 1 74  ? -16.277 -0.325  -1.872  1.00 39.06 ? 213 PRO A CA  1 
ATOM   473  C  C   . PRO A 1 74  ? -16.243 -0.308  -0.353  1.00 38.90 ? 213 PRO A C   1 
ATOM   474  O  O   . PRO A 1 74  ? -17.260 -0.112  0.305   1.00 40.45 ? 213 PRO A O   1 
ATOM   475  C  CB  . PRO A 1 74  ? -16.180 1.105   -2.428  1.00 39.83 ? 213 PRO A CB  1 
ATOM   476  C  CG  . PRO A 1 74  ? -17.609 1.507   -2.552  1.00 37.78 ? 213 PRO A CG  1 
ATOM   477  C  CD  . PRO A 1 74  ? -18.218 0.271   -3.184  1.00 38.66 ? 213 PRO A CD  1 
ATOM   478  N  N   . HIS A 1 75  ? -15.033 -0.409  0.190   1.00 38.30 ? 214 HIS A N   1 
ATOM   479  C  CA  . HIS A 1 75  ? -14.805 -0.402  1.634   1.00 34.77 ? 214 HIS A CA  1 
ATOM   480  C  C   . HIS A 1 75  ? -13.812 0.677   2.014   1.00 33.02 ? 214 HIS A C   1 
ATOM   481  O  O   . HIS A 1 75  ? -13.987 1.355   3.027   1.00 31.55 ? 214 HIS A O   1 
ATOM   482  C  CB  . HIS A 1 75  ? -14.247 -1.755  2.115   1.00 36.71 ? 214 HIS A CB  1 
ATOM   483  C  CG  . HIS A 1 75  ? -15.292 -2.803  2.349   1.00 38.08 ? 214 HIS A CG  1 
ATOM   484  N  ND1 . HIS A 1 75  ? -15.093 -3.874  3.194   1.00 38.66 ? 214 HIS A ND1 1 
ATOM   485  C  CD2 . HIS A 1 75  ? -16.539 -2.954  1.841   1.00 39.11 ? 214 HIS A CD2 1 
ATOM   486  C  CE1 . HIS A 1 75  ? -16.171 -4.639  3.199   1.00 39.28 ? 214 HIS A CE1 1 
ATOM   487  N  NE2 . HIS A 1 75  ? -17.064 -4.104  2.386   1.00 38.44 ? 214 HIS A NE2 1 
ATOM   488  N  N   . ILE A 1 76  ? -12.728 0.792   1.243   1.00 30.59 ? 215 ILE A N   1 
ATOM   489  C  CA  . ILE A 1 76  ? -11.704 1.786   1.545   1.00 27.44 ? 215 ILE A CA  1 
ATOM   490  C  C   . ILE A 1 76  ? -11.301 2.643   0.357   1.00 26.48 ? 215 ILE A C   1 
ATOM   491  O  O   . ILE A 1 76  ? -10.354 3.420   0.437   1.00 24.10 ? 215 ILE A O   1 
ATOM   492  C  CB  . ILE A 1 76  ? -10.446 1.148   2.211   1.00 27.13 ? 215 ILE A CB  1 
ATOM   493  C  CG1 . ILE A 1 76  ? -9.818  0.047   1.333   1.00 26.51 ? 215 ILE A CG1 1 
ATOM   494  C  CG2 . ILE A 1 76  ? -10.855 0.506   3.534   1.00 27.62 ? 215 ILE A CG2 1 
ATOM   495  C  CD1 . ILE A 1 76  ? -9.185  0.484   0.010   1.00 22.56 ? 215 ILE A CD1 1 
ATOM   496  N  N   . ILE A 1 77  ? -11.974 2.426   -0.768  1.00 26.05 ? 216 ILE A N   1 
ATOM   497  C  CA  . ILE A 1 77  ? -11.726 3.195   -1.972  1.00 28.15 ? 216 ILE A CA  1 
ATOM   498  C  C   . ILE A 1 77  ? -12.157 4.638   -1.661  1.00 29.99 ? 216 ILE A C   1 
ATOM   499  O  O   . ILE A 1 77  ? -13.252 4.853   -1.138  1.00 30.47 ? 216 ILE A O   1 
ATOM   500  C  CB  . ILE A 1 77  ? -12.576 2.643   -3.151  1.00 27.57 ? 216 ILE A CB  1 
ATOM   501  C  CG1 . ILE A 1 77  ? -12.139 1.211   -3.485  1.00 26.03 ? 216 ILE A CG1 1 
ATOM   502  C  CG2 . ILE A 1 77  ? -12.447 3.549   -4.379  1.00 26.73 ? 216 ILE A CG2 1 
ATOM   503  C  CD1 . ILE A 1 77  ? -10.752 1.117   -4.102  1.00 21.81 ? 216 ILE A CD1 1 
ATOM   504  N  N   . GLY A 1 78  ? -11.267 5.598   -1.896  1.00 31.64 ? 217 GLY A N   1 
ATOM   505  C  CA  . GLY A 1 78  ? -11.590 6.998   -1.653  1.00 31.84 ? 217 GLY A CA  1 
ATOM   506  C  C   . GLY A 1 78  ? -11.478 7.388   -0.193  1.00 34.62 ? 217 GLY A C   1 
ATOM   507  O  O   . GLY A 1 78  ? -11.756 8.525   0.177   1.00 34.70 ? 217 GLY A O   1 
ATOM   508  N  N   . ILE A 1 79  ? -11.053 6.440   0.636   1.00 34.29 ? 218 ILE A N   1 
ATOM   509  C  CA  . ILE A 1 79  ? -10.901 6.644   2.071   1.00 33.90 ? 218 ILE A CA  1 
ATOM   510  C  C   . ILE A 1 79  ? -9.400  6.744   2.325   1.00 34.21 ? 218 ILE A C   1 
ATOM   511  O  O   . ILE A 1 79  ? -8.606  6.373   1.458   1.00 33.44 ? 218 ILE A O   1 
ATOM   512  C  CB  . ILE A 1 79  ? -11.490 5.421   2.856   1.00 34.30 ? 218 ILE A CB  1 
ATOM   513  C  CG1 . ILE A 1 79  ? -13.002 5.347   2.648   1.00 34.49 ? 218 ILE A CG1 1 
ATOM   514  C  CG2 . ILE A 1 79  ? -11.196 5.506   4.345   1.00 34.16 ? 218 ILE A CG2 1 
ATOM   515  C  CD1 . ILE A 1 79  ? -13.694 4.362   3.589   1.00 37.07 ? 218 ILE A CD1 1 
ATOM   516  N  N   . GLY A 1 80  ? -9.034  7.358   3.449   1.00 33.03 ? 219 GLY A N   1 
ATOM   517  C  CA  . GLY A 1 80  ? -7.643  7.482   3.841   1.00 31.14 ? 219 GLY A CA  1 
ATOM   518  C  C   . GLY A 1 80  ? -7.584  6.874   5.233   1.00 30.51 ? 219 GLY A C   1 
ATOM   519  O  O   . GLY A 1 80  ? -8.364  7.279   6.094   1.00 31.14 ? 219 GLY A O   1 
ATOM   520  N  N   . ARG A 1 81  ? -6.768  5.837   5.437   1.00 27.44 ? 220 ARG A N   1 
ATOM   521  C  CA  . ARG A 1 81  ? -6.647  5.206   6.753   1.00 24.76 ? 220 ARG A CA  1 
ATOM   522  C  C   . ARG A 1 81  ? -5.219  4.833   7.122   1.00 23.63 ? 220 ARG A C   1 
ATOM   523  O  O   . ARG A 1 81  ? -4.319  4.938   6.291   1.00 21.53 ? 220 ARG A O   1 
ATOM   524  C  CB  . ARG A 1 81  ? -7.582  4.005   6.946   1.00 24.75 ? 220 ARG A CB  1 
ATOM   525  C  CG  . ARG A 1 81  ? -8.157  3.383   5.696   1.00 29.64 ? 220 ARG A CG  1 
ATOM   526  C  CD  . ARG A 1 81  ? -7.075  2.798   4.837   1.00 30.23 ? 220 ARG A CD  1 
ATOM   527  N  NE  . ARG A 1 81  ? -7.193  1.353   4.731   1.00 33.32 ? 220 ARG A NE  1 
ATOM   528  C  CZ  . ARG A 1 81  ? -6.879  0.671   3.635   1.00 34.31 ? 220 ARG A CZ  1 
ATOM   529  N  NH1 . ARG A 1 81  ? -6.448  1.330   2.564   1.00 33.15 ? 220 ARG A NH1 1 
ATOM   530  N  NH2 . ARG A 1 81  ? -6.928  -0.660  3.639   1.00 32.23 ? 220 ARG A NH2 1 
ATOM   531  N  N   . ILE A 1 82  ? -5.014  4.420   8.376   1.00 19.59 ? 221 ILE A N   1 
ATOM   532  C  CA  . ILE A 1 82  ? -3.686  4.068   8.853   1.00 22.44 ? 221 ILE A CA  1 
ATOM   533  C  C   . ILE A 1 82  ? -3.541  2.541   8.967   1.00 21.84 ? 221 ILE A C   1 
ATOM   534  O  O   . ILE A 1 82  ? -4.468  1.821   9.378   1.00 22.28 ? 221 ILE A O   1 
ATOM   535  C  CB  . ILE A 1 82  ? -3.347  4.833   10.172  1.00 23.03 ? 221 ILE A CB  1 
ATOM   536  C  CG1 . ILE A 1 82  ? -3.463  6.359   9.922   1.00 23.50 ? 221 ILE A CG1 1 
ATOM   537  C  CG2 . ILE A 1 82  ? -1.960  4.429   10.686  1.00 21.79 ? 221 ILE A CG2 1 
ATOM   538  C  CD1 . ILE A 1 82  ? -3.139  7.262   11.128  1.00 25.82 ? 221 ILE A CD1 1 
ATOM   539  N  N   . VAL A 1 83  ? -2.431  2.051   8.429   1.00 22.57 ? 222 VAL A N   1 
ATOM   540  C  CA  . VAL A 1 83  ? -2.140  0.614   8.392   1.00 20.69 ? 222 VAL A CA  1 
ATOM   541  C  C   . VAL A 1 83  ? -0.658  0.386   8.619   1.00 19.15 ? 222 VAL A C   1 
ATOM   542  O  O   . VAL A 1 83  ? 0.124   1.320   8.685   1.00 16.79 ? 222 VAL A O   1 
ATOM   543  C  CB  . VAL A 1 83  ? -2.436  0.011   6.972   1.00 19.01 ? 222 VAL A CB  1 
ATOM   544  C  CG1 . VAL A 1 83  ? -3.859  0.220   6.575   1.00 15.87 ? 222 VAL A CG1 1 
ATOM   545  C  CG2 . VAL A 1 83  ? -1.509  0.631   5.944   1.00 16.26 ? 222 VAL A CG2 1 
ATOM   546  N  N   . THR A 1 84  ? -0.284  -0.875  8.735   1.00 19.97 ? 223 THR A N   1 
ATOM   547  C  CA  . THR A 1 84  ? 1.105   -1.231  8.888   1.00 22.08 ? 223 THR A CA  1 
ATOM   548  C  C   . THR A 1 84  ? 1.662   -1.667  7.513   1.00 22.72 ? 223 THR A C   1 
ATOM   549  O  O   . THR A 1 84  ? 1.116   -2.545  6.879   1.00 22.36 ? 223 THR A O   1 
ATOM   550  C  CB  . THR A 1 84  ? 1.240   -2.429  9.827   1.00 25.79 ? 223 THR A CB  1 
ATOM   551  O  OG1 . THR A 1 84  ? 0.413   -2.239  10.983  1.00 24.22 ? 223 THR A OG1 1 
ATOM   552  C  CG2 . THR A 1 84  ? 2.690   -2.644  10.209  1.00 25.37 ? 223 THR A CG2 1 
ATOM   553  N  N   . GLY A 1 85  ? 2.721   -1.025  7.045   1.00 23.76 ? 224 GLY A N   1 
ATOM   554  C  CA  . GLY A 1 85  ? 3.340   -1.440  5.809   1.00 24.61 ? 224 GLY A CA  1 
ATOM   555  C  C   . GLY A 1 85  ? 4.525   -2.281  6.259   1.00 26.60 ? 224 GLY A C   1 
ATOM   556  O  O   . GLY A 1 85  ? 4.804   -2.325  7.475   1.00 23.96 ? 224 GLY A O   1 
ATOM   557  N  N   . LYS A 1 86  ? 5.249   -2.899  5.318   1.00 26.17 ? 225 LYS A N   1 
ATOM   558  C  CA  . LYS A 1 86  ? 6.421   -3.733  5.648   1.00 26.84 ? 225 LYS A CA  1 
ATOM   559  C  C   . LYS A 1 86  ? 7.530   -3.473  4.632   1.00 26.50 ? 225 LYS A C   1 
ATOM   560  O  O   . LYS A 1 86  ? 7.303   -3.634  3.432   1.00 27.12 ? 225 LYS A O   1 
ATOM   561  C  CB  . LYS A 1 86  ? 6.025   -5.214  5.635   1.00 26.08 ? 225 LYS A CB  1 
ATOM   562  C  CG  . LYS A 1 86  ? 7.120   -6.207  6.031   1.00 26.20 ? 225 LYS A CG  1 
ATOM   563  C  CD  . LYS A 1 86  ? 6.625   -7.634  5.854   1.00 28.27 ? 225 LYS A CD  1 
ATOM   564  C  CE  . LYS A 1 86  ? 7.636   -8.708  6.324   1.00 30.50 ? 225 LYS A CE  1 
ATOM   565  N  NZ  . LYS A 1 86  ? 6.914   -9.936  6.844   1.00 29.94 ? 225 LYS A NZ  1 
ATOM   566  N  N   . ARG A 1 87  ? 8.704   -3.050  5.105   1.00 25.53 ? 226 ARG A N   1 
ATOM   567  C  CA  . ARG A 1 87  ? 9.861   -2.730  4.252   1.00 26.87 ? 226 ARG A CA  1 
ATOM   568  C  C   . ARG A 1 87  ? 10.623  -3.964  3.759   1.00 28.00 ? 226 ARG A C   1 
ATOM   569  O  O   . ARG A 1 87  ? 10.380  -5.082  4.208   1.00 26.06 ? 226 ARG A O   1 
ATOM   570  C  CB  . ARG A 1 87  ? 10.867  -1.842  4.996   1.00 30.02 ? 226 ARG A CB  1 
ATOM   571  C  CG  . ARG A 1 87  ? 10.325  -0.522  5.525   1.00 32.66 ? 226 ARG A CG  1 
ATOM   572  C  CD  . ARG A 1 87  ? 11.384  0.224   6.333   1.00 34.00 ? 226 ARG A CD  1 
ATOM   573  N  NE  . ARG A 1 87  ? 10.780  1.002   7.418   1.00 37.39 ? 226 ARG A NE  1 
ATOM   574  C  CZ  . ARG A 1 87  ? 10.606  2.322   7.378   1.00 39.75 ? 226 ARG A CZ  1 
ATOM   575  N  NH1 . ARG A 1 87  ? 11.005  3.008   6.310   1.00 38.98 ? 226 ARG A NH1 1 
ATOM   576  N  NH2 . ARG A 1 87  ? 9.989   2.951   8.382   1.00 39.66 ? 226 ARG A NH2 1 
ATOM   577  N  N   . ARG A 1 88  ? 11.594  -3.741  2.882   1.00 28.51 ? 227 ARG A N   1 
ATOM   578  C  CA  . ARG A 1 88  ? 12.362  -4.840  2.341   1.00 31.63 ? 227 ARG A CA  1 
ATOM   579  C  C   . ARG A 1 88  ? 13.023  -5.646  3.480   1.00 32.66 ? 227 ARG A C   1 
ATOM   580  O  O   . ARG A 1 88  ? 12.872  -6.872  3.538   1.00 33.44 ? 227 ARG A O   1 
ATOM   581  C  CB  . ARG A 1 88  ? 13.400  -4.320  1.354   1.00 31.05 ? 227 ARG A CB  1 
ATOM   582  C  CG  . ARG A 1 88  ? 14.120  -5.450  0.618   1.00 35.18 ? 227 ARG A CG  1 
ATOM   583  C  CD  . ARG A 1 88  ? 14.978  -4.905  -0.470  1.00 35.87 ? 227 ARG A CD  1 
ATOM   584  N  NE  . ARG A 1 88  ? 15.350  -5.944  -1.412  1.00 39.52 ? 227 ARG A NE  1 
ATOM   585  C  CZ  . ARG A 1 88  ? 15.918  -5.697  -2.584  1.00 41.27 ? 227 ARG A CZ  1 
ATOM   586  N  NH1 . ARG A 1 88  ? 16.161  -4.435  -2.958  1.00 39.14 ? 227 ARG A NH1 1 
ATOM   587  N  NH2 . ARG A 1 88  ? 16.297  -6.712  -3.351  1.00 39.15 ? 227 ARG A NH2 1 
ATOM   588  N  N   . ASP A 1 89  ? 13.645  -4.947  4.437   1.00 31.75 ? 228 ASP A N   1 
ATOM   589  C  CA  . ASP A 1 89  ? 14.299  -5.619  5.579   1.00 31.94 ? 228 ASP A CA  1 
ATOM   590  C  C   . ASP A 1 89  ? 13.344  -6.303  6.550   1.00 30.17 ? 228 ASP A C   1 
ATOM   591  O  O   . ASP A 1 89  ? 13.758  -6.833  7.573   1.00 31.46 ? 228 ASP A O   1 
ATOM   592  C  CB  . ASP A 1 89  ? 15.224  -4.663  6.348   1.00 30.07 ? 228 ASP A CB  1 
ATOM   593  C  CG  . ASP A 1 89  ? 14.503  -3.437  6.887   1.00 30.61 ? 228 ASP A CG  1 
ATOM   594  O  OD1 . ASP A 1 89  ? 15.171  -2.397  7.117   1.00 27.78 ? 228 ASP A OD1 1 
ATOM   595  O  OD2 . ASP A 1 89  ? 13.272  -3.506  7.088   1.00 31.46 ? 228 ASP A OD2 1 
ATOM   596  N  N   . GLY A 1 90  ? 12.055  -6.261  6.265   1.00 29.48 ? 229 GLY A N   1 
ATOM   597  C  CA  . GLY A 1 90  ? 11.120  -6.924  7.148   1.00 26.28 ? 229 GLY A CA  1 
ATOM   598  C  C   . GLY A 1 90  ? 10.608  -6.112  8.325   1.00 26.68 ? 229 GLY A C   1 
ATOM   599  O  O   . GLY A 1 90  ? 9.814   -6.639  9.112   1.00 26.47 ? 229 GLY A O   1 
ATOM   600  N  N   . THR A 1 91  ? 11.106  -4.897  8.525   1.00 26.37 ? 230 THR A N   1 
ATOM   601  C  CA  . THR A 1 91  ? 10.581  -4.068  9.626   1.00 28.72 ? 230 THR A CA  1 
ATOM   602  C  C   . THR A 1 91  ? 9.200   -3.516  9.220   1.00 29.36 ? 230 THR A C   1 
ATOM   603  O  O   . THR A 1 91  ? 8.975   -3.160  8.063   1.00 26.99 ? 230 THR A O   1 
ATOM   604  C  CB  . THR A 1 91  ? 11.464  -2.828  9.942   1.00 28.07 ? 230 THR A CB  1 
ATOM   605  O  OG1 . THR A 1 91  ? 11.603  -2.019  8.772   1.00 29.19 ? 230 THR A OG1 1 
ATOM   606  C  CG2 . THR A 1 91  ? 12.848  -3.244  10.454  1.00 30.35 ? 230 THR A CG2 1 
ATOM   607  N  N   . THR A 1 92  ? 8.292   -3.433  10.178  1.00 30.46 ? 231 THR A N   1 
ATOM   608  C  CA  . THR A 1 92  ? 6.972   -2.901  9.913   1.00 31.00 ? 231 THR A CA  1 
ATOM   609  C  C   . THR A 1 92  ? 6.898   -1.423  10.317  1.00 32.22 ? 231 THR A C   1 
ATOM   610  O  O   . THR A 1 92  ? 7.714   -0.948  11.110  1.00 34.19 ? 231 THR A O   1 
ATOM   611  C  CB  . THR A 1 92  ? 5.912   -3.746  10.633  1.00 31.28 ? 231 THR A CB  1 
ATOM   612  O  OG1 . THR A 1 92  ? 6.437   -4.192  11.893  1.00 31.44 ? 231 THR A OG1 1 
ATOM   613  C  CG2 . THR A 1 92  ? 5.563   -4.995  9.791   1.00 28.63 ? 231 THR A CG2 1 
ATOM   614  N  N   . PHE A 1 93  ? 5.970   -0.674  9.720   1.00 31.47 ? 232 PHE A N   1 
ATOM   615  C  CA  . PHE A 1 93  ? 5.797   0.736   10.054  1.00 28.54 ? 232 PHE A CA  1 
ATOM   616  C  C   . PHE A 1 93  ? 4.368   1.204   9.782   1.00 27.43 ? 232 PHE A C   1 
ATOM   617  O  O   . PHE A 1 93  ? 3.680   0.637   8.930   1.00 25.70 ? 232 PHE A O   1 
ATOM   618  C  CB  . PHE A 1 93  ? 6.776   1.618   9.273   1.00 30.59 ? 232 PHE A CB  1 
ATOM   619  C  CG  . PHE A 1 93  ? 6.499   1.682   7.789   1.00 32.15 ? 232 PHE A CG  1 
ATOM   620  C  CD1 . PHE A 1 93  ? 5.987   2.842   7.209   1.00 31.97 ? 232 PHE A CD1 1 
ATOM   621  C  CD2 . PHE A 1 93  ? 6.795   0.604   6.966   1.00 30.15 ? 232 PHE A CD2 1 
ATOM   622  C  CE1 . PHE A 1 93  ? 5.782   2.924   5.829   1.00 31.19 ? 232 PHE A CE1 1 
ATOM   623  C  CE2 . PHE A 1 93  ? 6.592   0.686   5.580   1.00 33.13 ? 232 PHE A CE2 1 
ATOM   624  C  CZ  . PHE A 1 93  ? 6.090   1.835   5.018   1.00 31.01 ? 232 PHE A CZ  1 
ATOM   625  N  N   . PRO A 1 94  ? 3.875   2.202   10.559  1.00 25.00 ? 233 PRO A N   1 
ATOM   626  C  CA  . PRO A 1 94  ? 2.525   2.717   10.360  1.00 21.44 ? 233 PRO A CA  1 
ATOM   627  C  C   . PRO A 1 94  ? 2.561   3.672   9.169   1.00 20.85 ? 233 PRO A C   1 
ATOM   628  O  O   . PRO A 1 94  ? 3.533   4.401   8.932   1.00 19.41 ? 233 PRO A O   1 
ATOM   629  C  CB  . PRO A 1 94  ? 2.218   3.443   11.691  1.00 22.86 ? 233 PRO A CB  1 
ATOM   630  C  CG  . PRO A 1 94  ? 3.546   3.945   12.132  1.00 21.77 ? 233 PRO A CG  1 
ATOM   631  C  CD  . PRO A 1 94  ? 4.514   2.816   11.744  1.00 25.65 ? 233 PRO A CD  1 
ATOM   632  N  N   . MET A 1 95  ? 1.523   3.622   8.364   1.00 21.25 ? 234 MET A N   1 
ATOM   633  C  CA  . MET A 1 95  ? 1.482   4.495   7.215   1.00 22.50 ? 234 MET A CA  1 
ATOM   634  C  C   . MET A 1 95  ? 0.063   4.865   6.941   1.00 20.48 ? 234 MET A C   1 
ATOM   635  O  O   . MET A 1 95  ? -0.858  4.104   7.275   1.00 21.58 ? 234 MET A O   1 
ATOM   636  C  CB  . MET A 1 95  ? 2.078   3.806   5.985   1.00 22.80 ? 234 MET A CB  1 
ATOM   637  C  CG  . MET A 1 95  ? 1.668   2.330   5.832   1.00 21.96 ? 234 MET A CG  1 
ATOM   638  S  SD  . MET A 1 95  ? 2.167   1.736   4.216   1.00 22.00 ? 234 MET A SD  1 
ATOM   639  C  CE  . MET A 1 95  ? 0.544   1.725   3.287   1.00 12.95 ? 234 MET A CE  1 
ATOM   640  N  N   . HIS A 1 96  ? -0.106  6.089   6.471   1.00 18.46 ? 235 HIS A N   1 
ATOM   641  C  CA  . HIS A 1 96  ? -1.408  6.589   6.094   1.00 21.29 ? 235 HIS A CA  1 
ATOM   642  C  C   . HIS A 1 96  ? -1.546  6.176   4.625   1.00 20.24 ? 235 HIS A C   1 
ATOM   643  O  O   . HIS A 1 96  ? -0.661  6.461   3.818   1.00 18.63 ? 235 HIS A O   1 
ATOM   644  C  CB  . HIS A 1 96  ? -1.486  8.119   6.218   1.00 21.06 ? 235 HIS A CB  1 
ATOM   645  C  CG  . HIS A 1 96  ? -2.846  8.667   5.897   1.00 25.51 ? 235 HIS A CG  1 
ATOM   646  N  ND1 . HIS A 1 96  ? -3.218  9.061   4.629   1.00 25.10 ? 235 HIS A ND1 1 
ATOM   647  C  CD2 . HIS A 1 96  ? -3.952  8.795   6.668   1.00 24.19 ? 235 HIS A CD2 1 
ATOM   648  C  CE1 . HIS A 1 96  ? -4.492  9.396   4.626   1.00 25.47 ? 235 HIS A CE1 1 
ATOM   649  N  NE2 . HIS A 1 96  ? -4.965  9.247   5.850   1.00 25.28 ? 235 HIS A NE2 1 
ATOM   650  N  N   . LEU A 1 97  ? -2.650  5.527   4.287   1.00 20.72 ? 236 LEU A N   1 
ATOM   651  C  CA  . LEU A 1 97  ? -2.884  5.037   2.938   1.00 19.15 ? 236 LEU A CA  1 
ATOM   652  C  C   . LEU A 1 97  ? -4.156  5.581   2.382   1.00 18.18 ? 236 LEU A C   1 
ATOM   653  O  O   . LEU A 1 97  ? -5.198  5.568   3.043   1.00 19.70 ? 236 LEU A O   1 
ATOM   654  C  CB  . LEU A 1 97  ? -2.948  3.497   2.929   1.00 18.67 ? 236 LEU A CB  1 
ATOM   655  C  CG  . LEU A 1 97  ? -3.251  2.779   1.607   1.00 19.78 ? 236 LEU A CG  1 
ATOM   656  C  CD1 . LEU A 1 97  ? -2.079  2.982   0.619   1.00 18.28 ? 236 LEU A CD1 1 
ATOM   657  C  CD2 . LEU A 1 97  ? -3.474  1.254   1.872   1.00 17.80 ? 236 LEU A CD2 1 
ATOM   658  N  N   . SER A 1 98  ? -4.076  6.030   1.139   1.00 17.86 ? 237 SER A N   1 
ATOM   659  C  CA  . SER A 1 98  ? -5.219  6.572   0.459   1.00 20.28 ? 237 SER A CA  1 
ATOM   660  C  C   . SER A 1 98  ? -5.319  5.889   -0.909  1.00 17.57 ? 237 SER A C   1 
ATOM   661  O  O   . SER A 1 98  ? -4.358  5.890   -1.672  1.00 18.10 ? 237 SER A O   1 
ATOM   662  C  CB  . SER A 1 98  ? -5.039  8.087   0.323   1.00 22.37 ? 237 SER A CB  1 
ATOM   663  O  OG  . SER A 1 98  ? -6.279  8.657   0.040   1.00 26.40 ? 237 SER A OG  1 
ATOM   664  N  N   . ILE A 1 99  ? -6.466  5.298   -1.219  1.00 15.95 ? 238 ILE A N   1 
ATOM   665  C  CA  . ILE A 1 99  ? -6.613  4.571   -2.493  1.00 17.69 ? 238 ILE A CA  1 
ATOM   666  C  C   . ILE A 1 99  ? -7.548  5.216   -3.524  1.00 19.15 ? 238 ILE A C   1 
ATOM   667  O  O   . ILE A 1 99  ? -8.688  5.546   -3.207  1.00 19.70 ? 238 ILE A O   1 
ATOM   668  C  CB  . ILE A 1 99  ? -7.120  3.127   -2.258  1.00 16.39 ? 238 ILE A CB  1 
ATOM   669  C  CG1 . ILE A 1 99  ? -6.288  2.428   -1.168  1.00 17.40 ? 238 ILE A CG1 1 
ATOM   670  C  CG2 . ILE A 1 99  ? -7.090  2.321   -3.543  1.00 16.86 ? 238 ILE A CG2 1 
ATOM   671  C  CD1 . ILE A 1 99  ? -4.899  2.044   -1.616  1.00 14.04 ? 238 ILE A CD1 1 
ATOM   672  N  N   . GLY A 1 100 ? -7.077  5.297   -4.769  1.00 20.25 ? 239 GLY A N   1 
ATOM   673  C  CA  . GLY A 1 100 ? -7.865  5.863   -5.854  1.00 19.47 ? 239 GLY A CA  1 
ATOM   674  C  C   . GLY A 1 100 ? -8.114  4.766   -6.887  1.00 19.10 ? 239 GLY A C   1 
ATOM   675  O  O   . GLY A 1 100 ? -7.261  3.917   -7.121  1.00 18.09 ? 239 GLY A O   1 
ATOM   676  N  N   . GLU A 1 101 ? -9.294  4.742   -7.474  1.00 17.66 ? 240 GLU A N   1 
ATOM   677  C  CA  . GLU A 1 101 ? -9.583  3.740   -8.468  1.00 20.16 ? 240 GLU A CA  1 
ATOM   678  C  C   . GLU A 1 101 ? -9.648  4.443   -9.793  1.00 17.63 ? 240 GLU A C   1 
ATOM   679  O  O   . GLU A 1 101 ? -10.268 5.487   -9.911  1.00 18.37 ? 240 GLU A O   1 
ATOM   680  C  CB  . GLU A 1 101 ? -10.925 3.054   -8.197  1.00 18.84 ? 240 GLU A CB  1 
ATOM   681  C  CG  . GLU A 1 101 ? -11.254 1.975   -9.231  1.00 22.35 ? 240 GLU A CG  1 
ATOM   682  C  CD  . GLU A 1 101 ? -12.645 1.372   -9.029  1.00 24.64 ? 240 GLU A CD  1 
ATOM   683  O  OE1 . GLU A 1 101 ? -13.341 1.786   -8.086  1.00 26.21 ? 240 GLU A OE1 1 
ATOM   684  O  OE2 . GLU A 1 101 ? -13.052 0.515   -9.834  1.00 24.99 ? 240 GLU A OE2 1 
ATOM   685  N  N   . MET A 1 102 ? -8.971  3.885   -10.774 1.00 20.53 ? 241 MET A N   1 
ATOM   686  C  CA  . MET A 1 102 ? -8.965  4.441   -12.111 1.00 24.28 ? 241 MET A CA  1 
ATOM   687  C  C   . MET A 1 102 ? -9.231  3.321   -13.101 1.00 26.17 ? 241 MET A C   1 
ATOM   688  O  O   . MET A 1 102 ? -9.239  2.144   -12.745 1.00 24.62 ? 241 MET A O   1 
ATOM   689  C  CB  . MET A 1 102 ? -7.604  5.056   -12.425 1.00 25.28 ? 241 MET A CB  1 
ATOM   690  C  CG  . MET A 1 102 ? -7.244  6.172   -11.520 1.00 27.24 ? 241 MET A CG  1 
ATOM   691  S  SD  . MET A 1 102 ? -5.558  6.683   -11.656 1.00 30.83 ? 241 MET A SD  1 
ATOM   692  C  CE  . MET A 1 102 ? -4.672  5.065   -11.419 1.00 28.58 ? 241 MET A CE  1 
ATOM   693  N  N   . GLN A 1 103 ? -9.366  3.715   -14.362 1.00 28.79 ? 242 GLN A N   1 
ATOM   694  C  CA  . GLN A 1 103 ? -9.612  2.808   -15.464 1.00 31.76 ? 242 GLN A CA  1 
ATOM   695  C  C   . GLN A 1 103 ? -8.684  3.204   -16.593 1.00 31.39 ? 242 GLN A C   1 
ATOM   696  O  O   . GLN A 1 103 ? -8.381  4.378   -16.757 1.00 33.35 ? 242 GLN A O   1 
ATOM   697  C  CB  . GLN A 1 103 ? -11.051 2.964   -15.946 1.00 34.08 ? 242 GLN A CB  1 
ATOM   698  C  CG  . GLN A 1 103 ? -12.048 2.236   -15.102 1.00 39.02 ? 242 GLN A CG  1 
ATOM   699  C  CD  . GLN A 1 103 ? -12.236 0.828   -15.581 1.00 41.95 ? 242 GLN A CD  1 
ATOM   700  O  OE1 . GLN A 1 103 ? -12.086 0.548   -16.777 1.00 41.89 ? 242 GLN A OE1 1 
ATOM   701  N  NE2 . GLN A 1 103 ? -12.584 -0.074  -14.670 1.00 43.60 ? 242 GLN A NE2 1 
ATOM   702  N  N   . SER A 1 104 ? -8.259  2.232   -17.377 1.00 32.53 ? 243 SER A N   1 
ATOM   703  C  CA  . SER A 1 104 ? -7.398  2.491   -18.511 1.00 32.82 ? 243 SER A CA  1 
ATOM   704  C  C   . SER A 1 104 ? -7.382  1.253   -19.364 1.00 32.33 ? 243 SER A C   1 
ATOM   705  O  O   . SER A 1 104 ? -7.225  0.133   -18.862 1.00 31.44 ? 243 SER A O   1 
ATOM   706  C  CB  . SER A 1 104 ? -5.971  2.851   -18.079 1.00 34.83 ? 243 SER A CB  1 
ATOM   707  O  OG  . SER A 1 104 ? -5.216  3.355   -19.179 1.00 34.53 ? 243 SER A OG  1 
ATOM   708  N  N   . GLY A 1 105 ? -7.639  1.463   -20.654 1.00 33.02 ? 244 GLY A N   1 
ATOM   709  C  CA  . GLY A 1 105 ? -7.641  0.382   -21.623 1.00 29.04 ? 244 GLY A CA  1 
ATOM   710  C  C   . GLY A 1 105 ? -8.648  -0.681  -21.293 1.00 27.23 ? 244 GLY A C   1 
ATOM   711  O  O   . GLY A 1 105 ? -8.419  -1.838  -21.605 1.00 29.87 ? 244 GLY A O   1 
ATOM   712  N  N   . GLY A 1 106 ? -9.729  -0.292  -20.627 1.00 26.42 ? 245 GLY A N   1 
ATOM   713  C  CA  . GLY A 1 106 ? -10.775 -1.225  -20.250 1.00 27.81 ? 245 GLY A CA  1 
ATOM   714  C  C   . GLY A 1 106 ? -10.578 -1.976  -18.937 1.00 30.79 ? 245 GLY A C   1 
ATOM   715  O  O   . GLY A 1 106 ? -11.518 -2.634  -18.458 1.00 30.48 ? 245 GLY A O   1 
ATOM   716  N  N   . GLU A 1 107 ? -9.394  -1.852  -18.329 1.00 29.21 ? 246 GLU A N   1 
ATOM   717  C  CA  . GLU A 1 107 ? -9.094  -2.530  -17.062 1.00 27.95 ? 246 GLU A CA  1 
ATOM   718  C  C   . GLU A 1 107 ? -8.961  -1.560  -15.869 1.00 26.20 ? 246 GLU A C   1 
ATOM   719  O  O   . GLU A 1 107 ? -8.673  -0.351  -16.040 1.00 22.56 ? 246 GLU A O   1 
ATOM   720  C  CB  . GLU A 1 107 ? -7.827  -3.387  -17.227 1.00 32.05 ? 246 GLU A CB  1 
ATOM   721  C  CG  . GLU A 1 107 ? -7.968  -4.463  -18.339 1.00 37.44 ? 246 GLU A CG  1 
ATOM   722  C  CD  . GLU A 1 107 ? -6.638  -5.025  -18.858 1.00 39.77 ? 246 GLU A CD  1 
ATOM   723  O  OE1 . GLU A 1 107 ? -5.634  -4.273  -18.933 1.00 40.90 ? 246 GLU A OE1 1 
ATOM   724  O  OE2 . GLU A 1 107 ? -6.605  -6.231  -19.222 1.00 41.53 ? 246 GLU A OE2 1 
ATOM   725  N  N   . PRO A 1 108 ? -9.296  -2.043  -14.664 1.00 23.20 ? 247 PRO A N   1 
ATOM   726  C  CA  . PRO A 1 108 ? -9.211  -1.213  -13.466 1.00 22.30 ? 247 PRO A CA  1 
ATOM   727  C  C   . PRO A 1 108 ? -7.789  -1.162  -12.910 1.00 19.23 ? 247 PRO A C   1 
ATOM   728  O  O   . PRO A 1 108 ? -7.008  -2.091  -13.062 1.00 18.81 ? 247 PRO A O   1 
ATOM   729  C  CB  . PRO A 1 108 ? -10.220 -1.882  -12.511 1.00 24.87 ? 247 PRO A CB  1 
ATOM   730  C  CG  . PRO A 1 108 ? -10.142 -3.332  -12.908 1.00 24.12 ? 247 PRO A CG  1 
ATOM   731  C  CD  . PRO A 1 108 ? -10.056 -3.283  -14.405 1.00 24.45 ? 247 PRO A CD  1 
ATOM   732  N  N   . TYR A 1 109 ? -7.424  -0.014  -12.367 1.00 18.25 ? 248 TYR A N   1 
ATOM   733  C  CA  . TYR A 1 109 ? -6.111  0.191   -11.777 1.00 13.03 ? 248 TYR A CA  1 
ATOM   734  C  C   . TYR A 1 109 ? -6.399  0.868   -10.489 1.00 11.91 ? 248 TYR A C   1 
ATOM   735  O  O   . TYR A 1 109 ? -7.460  1.478   -10.343 1.00 14.35 ? 248 TYR A O   1 
ATOM   736  C  CB  . TYR A 1 109 ? -5.206  1.068   -12.668 1.00 13.19 ? 248 TYR A CB  1 
ATOM   737  C  CG  . TYR A 1 109 ? -4.709  0.330   -13.898 1.00 10.37 ? 248 TYR A CG  1 
ATOM   738  C  CD1 . TYR A 1 109 ? -5.468  0.275   -15.074 1.00 15.08 ? 248 TYR A CD1 1 
ATOM   739  C  CD2 . TYR A 1 109 ? -3.502  -0.362  -13.864 1.00 13.39 ? 248 TYR A CD2 1 
ATOM   740  C  CE1 . TYR A 1 109 ? -5.013  -0.502  -16.222 1.00 12.45 ? 248 TYR A CE1 1 
ATOM   741  C  CE2 . TYR A 1 109 ? -3.025  -1.108  -14.979 1.00 13.60 ? 248 TYR A CE2 1 
ATOM   742  C  CZ  . TYR A 1 109 ? -3.793  -1.175  -16.147 1.00 13.89 ? 248 TYR A CZ  1 
ATOM   743  O  OH  . TYR A 1 109 ? -3.320  -1.955  -17.188 1.00 16.96 ? 248 TYR A OH  1 
ATOM   744  N  N   . PHE A 1 110 ? -5.439  0.829   -9.571  1.00 12.89 ? 249 PHE A N   1 
ATOM   745  C  CA  . PHE A 1 110 ? -5.632  1.415   -8.265  1.00 14.23 ? 249 PHE A CA  1 
ATOM   746  C  C   . PHE A 1 110 ? -4.347  2.133   -7.881  1.00 15.56 ? 249 PHE A C   1 
ATOM   747  O  O   . PHE A 1 110 ? -3.241  1.641   -8.127  1.00 13.25 ? 249 PHE A O   1 
ATOM   748  C  CB  . PHE A 1 110 ? -5.992  0.306   -7.229  1.00 12.54 ? 249 PHE A CB  1 
ATOM   749  C  CG  . PHE A 1 110 ? -7.311  -0.384  -7.496  1.00 14.55 ? 249 PHE A CG  1 
ATOM   750  C  CD1 . PHE A 1 110 ? -7.357  -1.646  -8.124  1.00 17.49 ? 249 PHE A CD1 1 
ATOM   751  C  CD2 . PHE A 1 110 ? -8.518  0.211   -7.102  1.00 14.03 ? 249 PHE A CD2 1 
ATOM   752  C  CE1 . PHE A 1 110 ? -8.587  -2.301  -8.364  1.00 16.28 ? 249 PHE A CE1 1 
ATOM   753  C  CE2 . PHE A 1 110 ? -9.738  -0.423  -7.334  1.00 14.62 ? 249 PHE A CE2 1 
ATOM   754  C  CZ  . PHE A 1 110 ? -9.776  -1.699  -7.967  1.00 15.49 ? 249 PHE A CZ  1 
ATOM   755  N  N   . THR A 1 111 ? -4.494  3.355   -7.384  1.00 16.02 ? 250 THR A N   1 
ATOM   756  C  CA  . THR A 1 111 ? -3.334  4.122   -6.969  1.00 15.53 ? 250 THR A CA  1 
ATOM   757  C  C   . THR A 1 111 ? -3.313  4.228   -5.465  1.00 13.96 ? 250 THR A C   1 
ATOM   758  O  O   . THR A 1 111 ? -4.336  4.515   -4.845  1.00 14.76 ? 250 THR A O   1 
ATOM   759  C  CB  . THR A 1 111 ? -3.323  5.558   -7.540  1.00 17.32 ? 250 THR A CB  1 
ATOM   760  O  OG1 . THR A 1 111 ? -3.422  5.503   -8.962  1.00 19.57 ? 250 THR A OG1 1 
ATOM   761  C  CG2 . THR A 1 111 ? -1.968  6.232   -7.219  1.00 19.55 ? 250 THR A CG2 1 
ATOM   762  N  N   . GLY A 1 112 ? -2.157  3.991   -4.867  1.00 13.58 ? 251 GLY A N   1 
ATOM   763  C  CA  . GLY A 1 112 ? -2.073  4.121   -3.425  1.00 13.17 ? 251 GLY A CA  1 
ATOM   764  C  C   . GLY A 1 112 ? -1.089  5.238   -3.129  1.00 14.24 ? 251 GLY A C   1 
ATOM   765  O  O   . GLY A 1 112 ? 0.029   5.260   -3.687  1.00 15.20 ? 251 GLY A O   1 
ATOM   766  N  N   . PHE A 1 113 ? -1.514  6.201   -2.316  1.00 13.09 ? 252 PHE A N   1 
ATOM   767  C  CA  . PHE A 1 113 ? -0.648  7.303   -1.930  1.00 14.08 ? 252 PHE A CA  1 
ATOM   768  C  C   . PHE A 1 113 ? -0.367  7.004   -0.472  1.00 12.97 ? 252 PHE A C   1 
ATOM   769  O  O   . PHE A 1 113 ? -1.273  6.803   0.333   1.00 12.80 ? 252 PHE A O   1 
ATOM   770  C  CB  . PHE A 1 113 ? -1.358  8.653   -2.123  1.00 18.23 ? 252 PHE A CB  1 
ATOM   771  C  CG  . PHE A 1 113 ? -1.605  8.992   -3.562  1.00 18.74 ? 252 PHE A CG  1 
ATOM   772  C  CD1 . PHE A 1 113 ? -2.808  8.718   -4.158  1.00 23.59 ? 252 PHE A CD1 1 
ATOM   773  C  CD2 . PHE A 1 113 ? -0.598  9.565   -4.332  1.00 24.30 ? 252 PHE A CD2 1 
ATOM   774  C  CE1 . PHE A 1 113 ? -3.012  9.004   -5.507  1.00 24.41 ? 252 PHE A CE1 1 
ATOM   775  C  CE2 . PHE A 1 113 ? -0.787  9.853   -5.658  1.00 19.90 ? 252 PHE A CE2 1 
ATOM   776  C  CZ  . PHE A 1 113 ? -1.993  9.573   -6.249  1.00 24.09 ? 252 PHE A CZ  1 
ATOM   777  N  N   . VAL A 1 114 ? 0.899   6.911   -0.145  1.00 13.02 ? 253 VAL A N   1 
ATOM   778  C  CA  . VAL A 1 114 ? 1.285   6.537   1.195   1.00 15.35 ? 253 VAL A CA  1 
ATOM   779  C  C   . VAL A 1 114 ? 2.044   7.677   1.841   1.00 17.46 ? 253 VAL A C   1 
ATOM   780  O  O   . VAL A 1 114 ? 2.694   8.460   1.148   1.00 21.58 ? 253 VAL A O   1 
ATOM   781  C  CB  . VAL A 1 114 ? 2.214   5.297   1.103   1.00 16.86 ? 253 VAL A CB  1 
ATOM   782  C  CG1 . VAL A 1 114 ? 2.654   4.809   2.465   1.00 20.04 ? 253 VAL A CG1 1 
ATOM   783  C  CG2 . VAL A 1 114 ? 1.543   4.219   0.364   1.00 17.46 ? 253 VAL A CG2 1 
ATOM   784  N  N   . ARG A 1 115 ? 1.908   7.799   3.157   1.00 19.54 ? 254 ARG A N   1 
ATOM   785  C  CA  . ARG A 1 115 ? 2.608   8.795   3.938   1.00 18.84 ? 254 ARG A CA  1 
ATOM   786  C  C   . ARG A 1 115 ? 3.173   8.046   5.133   1.00 20.38 ? 254 ARG A C   1 
ATOM   787  O  O   . ARG A 1 115 ? 2.430   7.388   5.897   1.00 20.32 ? 254 ARG A O   1 
ATOM   788  C  CB  . ARG A 1 115 ? 1.644   9.904   4.392   1.00 21.66 ? 254 ARG A CB  1 
ATOM   789  N  N   . ASP A 1 116 ? 4.484   8.104   5.282   1.00 19.85 ? 255 ASP A N   1 
ATOM   790  C  CA  . ASP A 1 116 ? 5.126   7.414   6.392   1.00 25.51 ? 255 ASP A CA  1 
ATOM   791  C  C   . ASP A 1 116 ? 4.749   8.168   7.666   1.00 26.66 ? 255 ASP A C   1 
ATOM   792  O  O   . ASP A 1 116 ? 4.875   9.380   7.723   1.00 27.88 ? 255 ASP A O   1 
ATOM   793  C  CB  . ASP A 1 116 ? 6.645   7.460   6.235   1.00 26.69 ? 255 ASP A CB  1 
ATOM   794  C  CG  . ASP A 1 116 ? 7.354   6.587   7.229   1.00 26.69 ? 255 ASP A CG  1 
ATOM   795  O  OD1 . ASP A 1 116 ? 6.708   5.828   7.982   1.00 31.53 ? 255 ASP A OD1 1 
ATOM   796  O  OD2 . ASP A 1 116 ? 8.587   6.601   7.221   1.00 31.61 ? 255 ASP A OD2 1 
ATOM   797  N  N   . LEU A 1 117 ? 4.298   7.437   8.672   1.00 28.87 ? 256 LEU A N   1 
ATOM   798  C  CA  . LEU A 1 117 ? 3.905   8.019   9.935   1.00 30.38 ? 256 LEU A CA  1 
ATOM   799  C  C   . LEU A 1 117 ? 4.846   7.577   11.072  1.00 31.10 ? 256 LEU A C   1 
ATOM   800  O  O   . LEU A 1 117 ? 4.602   7.905   12.229  1.00 28.66 ? 256 LEU A O   1 
ATOM   801  C  CB  . LEU A 1 117 ? 2.465   7.620   10.263  1.00 30.62 ? 256 LEU A CB  1 
ATOM   802  C  CG  . LEU A 1 117 ? 1.358   8.072   9.317   1.00 30.86 ? 256 LEU A CG  1 
ATOM   803  C  CD1 . LEU A 1 117 ? 0.028   7.576   9.852   1.00 32.30 ? 256 LEU A CD1 1 
ATOM   804  C  CD2 . LEU A 1 117 ? 1.355   9.595   9.182   1.00 34.45 ? 256 LEU A CD2 1 
ATOM   805  N  N   . THR A 1 118 ? 5.954   6.912   10.743  1.00 30.38 ? 257 THR A N   1 
ATOM   806  C  CA  . THR A 1 118 ? 6.901   6.429   11.774  1.00 32.85 ? 257 THR A CA  1 
ATOM   807  C  C   . THR A 1 118 ? 7.373   7.496   12.780  1.00 31.55 ? 257 THR A C   1 
ATOM   808  O  O   . THR A 1 118 ? 7.507   7.224   13.958  1.00 31.08 ? 257 THR A O   1 
ATOM   809  C  CB  . THR A 1 118 ? 8.142   5.749   11.128  1.00 34.79 ? 257 THR A CB  1 
ATOM   810  O  OG1 . THR A 1 118 ? 7.709   4.811   10.136  1.00 35.90 ? 257 THR A OG1 1 
ATOM   811  C  CG2 . THR A 1 118 ? 8.962   4.999   12.161  1.00 34.02 ? 257 THR A CG2 1 
ATOM   812  N  N   . GLU A 1 119 ? 7.589   8.715   12.308  1.00 33.07 ? 258 GLU A N   1 
ATOM   813  C  CA  . GLU A 1 119 ? 8.029   9.821   13.142  1.00 32.84 ? 258 GLU A CA  1 
ATOM   814  C  C   . GLU A 1 119 ? 6.897   10.321  14.051  1.00 32.85 ? 258 GLU A C   1 
ATOM   815  O  O   . GLU A 1 119 ? 7.138   10.826  15.143  1.00 31.65 ? 258 GLU A O   1 
ATOM   816  C  CB  . GLU A 1 119 ? 8.548   10.935  12.233  1.00 36.37 ? 258 GLU A CB  1 
ATOM   817  C  CG  . GLU A 1 119 ? 9.055   12.167  12.942  1.00 40.30 ? 258 GLU A CG  1 
ATOM   818  C  CD  . GLU A 1 119 ? 9.714   13.163  11.992  1.00 44.39 ? 258 GLU A CD  1 
ATOM   819  O  OE1 . GLU A 1 119 ? 9.174   13.430  10.888  1.00 46.33 ? 258 GLU A OE1 1 
ATOM   820  O  OE2 . GLU A 1 119 ? 10.788  13.680  12.357  1.00 46.00 ? 258 GLU A OE2 1 
ATOM   821  N  N   . HIS A 1 120 ? 5.659   10.168  13.588  1.00 32.03 ? 259 HIS A N   1 
ATOM   822  C  CA  . HIS A 1 120 ? 4.488   10.563  14.358  1.00 30.84 ? 259 HIS A CA  1 
ATOM   823  C  C   . HIS A 1 120 ? 4.329   9.557   15.486  1.00 30.76 ? 259 HIS A C   1 
ATOM   824  O  O   . HIS A 1 120 ? 4.115   9.933   16.653  1.00 28.89 ? 259 HIS A O   1 
ATOM   825  C  CB  . HIS A 1 120 ? 3.246   10.539  13.468  1.00 33.71 ? 259 HIS A CB  1 
ATOM   826  C  CG  . HIS A 1 120 ? 3.253   11.581  12.400  1.00 35.48 ? 259 HIS A CG  1 
ATOM   827  N  ND1 . HIS A 1 120 ? 2.658   12.812  12.561  1.00 39.99 ? 259 HIS A ND1 1 
ATOM   828  C  CD2 . HIS A 1 120 ? 3.805   11.590  11.163  1.00 38.53 ? 259 HIS A CD2 1 
ATOM   829  C  CE1 . HIS A 1 120 ? 2.843   13.535  11.468  1.00 40.70 ? 259 HIS A CE1 1 
ATOM   830  N  NE2 . HIS A 1 120 ? 3.537   12.813  10.605  1.00 36.99 ? 259 HIS A NE2 1 
ATOM   831  N  N   . GLN A 1 121 ? 4.464   8.280   15.146  1.00 28.37 ? 260 GLN A N   1 
ATOM   832  C  CA  . GLN A 1 121 ? 4.340   7.217   16.132  1.00 30.13 ? 260 GLN A CA  1 
ATOM   833  C  C   . GLN A 1 121 ? 5.477   7.340   17.169  1.00 30.37 ? 260 GLN A C   1 
ATOM   834  O  O   . GLN A 1 121 ? 5.243   7.179   18.369  1.00 30.15 ? 260 GLN A O   1 
ATOM   835  C  CB  . GLN A 1 121 ? 4.361   5.826   15.447  1.00 28.92 ? 260 GLN A CB  1 
ATOM   836  C  CG  . GLN A 1 121 ? 4.121   4.641   16.403  1.00 29.27 ? 260 GLN A CG  1 
ATOM   837  C  CD  . GLN A 1 121 ? 4.024   3.275   15.689  1.00 29.02 ? 260 GLN A CD  1 
ATOM   838  O  OE1 . GLN A 1 121 ? 5.028   2.703   15.278  1.00 26.83 ? 260 GLN A OE1 1 
ATOM   839  N  NE2 . GLN A 1 121 ? 2.816   2.735   15.601  1.00 27.37 ? 260 GLN A NE2 1 
ATOM   840  N  N   . GLN A 1 122 ? 6.681   7.687   16.713  1.00 29.67 ? 261 GLN A N   1 
ATOM   841  C  CA  . GLN A 1 122 ? 7.834   7.821   17.614  1.00 29.30 ? 261 GLN A CA  1 
ATOM   842  C  C   . GLN A 1 122 ? 7.685   9.004   18.575  1.00 26.49 ? 261 GLN A C   1 
ATOM   843  O  O   . GLN A 1 122 ? 7.798   8.842   19.785  1.00 26.78 ? 261 GLN A O   1 
ATOM   844  C  CB  . GLN A 1 122 ? 9.156   7.833   16.814  1.00 31.11 ? 261 GLN A CB  1 
ATOM   845  C  CG  . GLN A 1 122 ? 9.465   6.459   16.195  1.00 34.65 ? 261 GLN A CG  1 
ATOM   846  C  CD  . GLN A 1 122 ? 10.803  6.351   15.427  1.00 40.16 ? 261 GLN A CD  1 
ATOM   847  O  OE1 . GLN A 1 122 ? 11.356  5.251   15.296  1.00 43.89 ? 261 GLN A OE1 1 
ATOM   848  N  NE2 . GLN A 1 122 ? 11.306  7.469   14.902  1.00 40.04 ? 261 GLN A NE2 1 
ATOM   849  N  N   . THR A 1 123 ? 7.380   10.182  18.049  1.00 26.83 ? 262 THR A N   1 
ATOM   850  C  CA  . THR A 1 123 ? 7.142   11.358  18.886  1.00 27.16 ? 262 THR A CA  1 
ATOM   851  C  C   . THR A 1 123 ? 6.069   10.991  19.952  1.00 28.50 ? 262 THR A C   1 
ATOM   852  O  O   . THR A 1 123 ? 6.306   11.078  21.162  1.00 25.79 ? 262 THR A O   1 
ATOM   853  C  CB  . THR A 1 123 ? 6.600   12.509  18.013  1.00 26.93 ? 262 THR A CB  1 
ATOM   854  O  OG1 . THR A 1 123 ? 7.553   12.833  16.997  1.00 29.74 ? 262 THR A OG1 1 
ATOM   855  C  CG2 . THR A 1 123 ? 6.315   13.725  18.832  1.00 25.13 ? 262 THR A CG2 1 
ATOM   856  N  N   . GLN A 1 124 ? 4.933   10.474  19.483  1.00 28.30 ? 263 GLN A N   1 
ATOM   857  C  CA  . GLN A 1 124 ? 3.824   10.100  20.354  1.00 29.24 ? 263 GLN A CA  1 
ATOM   858  C  C   . GLN A 1 124 ? 4.231   9.154   21.479  1.00 29.16 ? 263 GLN A C   1 
ATOM   859  O  O   . GLN A 1 124 ? 3.831   9.344   22.624  1.00 28.62 ? 263 GLN A O   1 
ATOM   860  C  CB  . GLN A 1 124 ? 2.708   9.465   19.538  1.00 30.03 ? 263 GLN A CB  1 
ATOM   861  C  CG  . GLN A 1 124 ? 1.393   9.316   20.274  1.00 33.34 ? 263 GLN A CG  1 
ATOM   862  C  CD  . GLN A 1 124 ? 0.308   8.745   19.375  1.00 34.01 ? 263 GLN A CD  1 
ATOM   863  O  OE1 . GLN A 1 124 ? -0.206  7.650   19.618  1.00 33.61 ? 263 GLN A OE1 1 
ATOM   864  N  NE2 . GLN A 1 124 ? -0.031  9.480   18.323  1.00 33.04 ? 263 GLN A NE2 1 
ATOM   865  N  N   . ALA A 1 125 ? 5.027   8.144   21.149  1.00 28.55 ? 264 ALA A N   1 
ATOM   866  C  CA  . ALA A 1 125 ? 5.480   7.184   22.138  1.00 28.21 ? 264 ALA A CA  1 
ATOM   867  C  C   . ALA A 1 125 ? 6.400   7.878   23.148  1.00 27.95 ? 264 ALA A C   1 
ATOM   868  O  O   . ALA A 1 125 ? 6.272   7.701   24.357  1.00 26.25 ? 264 ALA A O   1 
ATOM   869  C  CB  . ALA A 1 125 ? 6.225   6.031   21.447  1.00 29.39 ? 264 ALA A CB  1 
ATOM   870  N  N   . ARG A 1 126 ? 7.292   8.715   22.629  1.00 28.10 ? 265 ARG A N   1 
ATOM   871  C  CA  . ARG A 1 126 ? 8.249   9.434   23.446  1.00 29.31 ? 265 ARG A CA  1 
ATOM   872  C  C   . ARG A 1 126 ? 7.512   10.332  24.418  1.00 29.49 ? 265 ARG A C   1 
ATOM   873  O  O   . ARG A 1 126 ? 7.787   10.314  25.613  1.00 26.37 ? 265 ARG A O   1 
ATOM   874  C  CB  . ARG A 1 126 ? 9.188   10.238  22.549  1.00 30.74 ? 265 ARG A CB  1 
ATOM   875  C  CG  . ARG A 1 126 ? 10.368  10.804  23.266  1.00 32.68 ? 265 ARG A CG  1 
ATOM   876  C  CD  . ARG A 1 126 ? 11.336  9.715   23.710  1.00 34.37 ? 265 ARG A CD  1 
ATOM   877  N  NE  . ARG A 1 126 ? 12.577  10.321  24.173  1.00 35.24 ? 265 ARG A NE  1 
ATOM   878  C  CZ  . ARG A 1 126 ? 13.378  9.808   25.100  1.00 37.29 ? 265 ARG A CZ  1 
ATOM   879  N  NH1 . ARG A 1 126 ? 13.094  8.638   25.684  1.00 36.81 ? 265 ARG A NH1 1 
ATOM   880  N  NH2 . ARG A 1 126 ? 14.411  10.525  25.516  1.00 36.06 ? 265 ARG A NH2 1 
ATOM   881  N  N   . LEU A 1 127 ? 6.525   11.072  23.917  1.00 30.56 ? 266 LEU A N   1 
ATOM   882  C  CA  . LEU A 1 127 ? 5.736   11.938  24.772  1.00 30.72 ? 266 LEU A CA  1 
ATOM   883  C  C   . LEU A 1 127 ? 4.963   11.154  25.833  1.00 33.86 ? 266 LEU A C   1 
ATOM   884  O  O   . LEU A 1 127 ? 4.737   11.656  26.948  1.00 34.18 ? 266 LEU A O   1 
ATOM   885  C  CB  . LEU A 1 127 ? 4.791   12.804  23.951  1.00 28.16 ? 266 LEU A CB  1 
ATOM   886  C  CG  . LEU A 1 127 ? 5.511   13.891  23.154  1.00 26.95 ? 266 LEU A CG  1 
ATOM   887  C  CD1 . LEU A 1 127 ? 4.478   14.838  22.550  1.00 24.87 ? 266 LEU A CD1 1 
ATOM   888  C  CD2 . LEU A 1 127 ? 6.473   14.657  24.107  1.00 24.91 ? 266 LEU A CD2 1 
ATOM   889  N  N   . GLN A 1 128 ? 4.532   9.942   25.498  1.00 36.07 ? 267 GLN A N   1 
ATOM   890  C  CA  . GLN A 1 128 ? 3.811   9.133   26.478  1.00 37.51 ? 267 GLN A CA  1 
ATOM   891  C  C   . GLN A 1 128 ? 4.800   8.566   27.493  1.00 37.80 ? 267 GLN A C   1 
ATOM   892  O  O   . GLN A 1 128 ? 4.527   8.572   28.692  1.00 36.94 ? 267 GLN A O   1 
ATOM   893  C  CB  . GLN A 1 128 ? 3.032   7.990   25.815  1.00 39.95 ? 267 GLN A CB  1 
ATOM   894  C  CG  . GLN A 1 128 ? 2.242   7.167   26.824  1.00 43.03 ? 267 GLN A CG  1 
ATOM   895  C  CD  . GLN A 1 128 ? 1.272   6.184   26.186  1.00 45.67 ? 267 GLN A CD  1 
ATOM   896  O  OE1 . GLN A 1 128 ? 1.596   5.486   25.209  1.00 47.57 ? 267 GLN A OE1 1 
ATOM   897  N  NE2 . GLN A 1 128 ? 0.076   6.104   26.753  1.00 45.75 ? 267 GLN A NE2 1 
ATOM   898  N  N   . GLU A 1 129 ? 5.961   8.137   26.992  1.00 38.40 ? 268 GLU A N   1 
ATOM   899  C  CA  . GLU A 1 129 ? 7.048   7.555   27.780  1.00 40.51 ? 268 GLU A CA  1 
ATOM   900  C  C   . GLU A 1 129 ? 7.560   8.485   28.876  1.00 41.00 ? 268 GLU A C   1 
ATOM   901  O  O   . GLU A 1 129 ? 7.904   8.044   29.976  1.00 42.13 ? 268 GLU A O   1 
ATOM   902  C  CB  . GLU A 1 129 ? 8.227   7.170   26.854  1.00 41.39 ? 268 GLU A CB  1 
ATOM   903  C  CG  . GLU A 1 129 ? 9.552   6.903   27.593  1.00 44.05 ? 268 GLU A CG  1 
ATOM   904  C  CD  . GLU A 1 129 ? 10.682  6.381   26.708  1.00 46.37 ? 268 GLU A CD  1 
ATOM   905  O  OE1 . GLU A 1 129 ? 11.461  5.522   27.191  1.00 47.31 ? 268 GLU A OE1 1 
ATOM   906  O  OE2 . GLU A 1 129 ? 10.820  6.832   25.547  1.00 45.88 ? 268 GLU A OE2 1 
ATOM   907  N  N   . LEU A 1 130 ? 7.659   9.765   28.546  1.00 42.35 ? 269 LEU A N   1 
ATOM   908  C  CA  . LEU A 1 130 ? 8.157   10.767  29.470  1.00 42.65 ? 269 LEU A CA  1 
ATOM   909  C  C   . LEU A 1 130 ? 7.084   11.239  30.455  1.00 43.50 ? 269 LEU A C   1 
ATOM   910  O  O   . LEU A 1 130 ? 6.755   12.433  30.524  1.00 44.12 ? 269 LEU A O   1 
ATOM   911  C  CB  . LEU A 1 130 ? 8.744   11.950  28.680  1.00 40.89 ? 269 LEU A CB  1 
ATOM   912  C  CG  . LEU A 1 130 ? 9.897   11.711  27.688  1.00 39.14 ? 269 LEU A CG  1 
ATOM   913  C  CD1 . LEU A 1 130 ? 10.509  13.059  27.270  1.00 37.51 ? 269 LEU A CD1 1 
ATOM   914  C  CD2 . LEU A 1 130 ? 10.967  10.838  28.298  1.00 38.82 ? 269 LEU A CD2 1 
HETATM 915  O  O1  . OXY B 2 .   ? -5.643  -1.150  0.999   1.00 21.32 ? 500 OXY A O1  1 
HETATM 916  O  O2  . OXY B 2 .   ? -5.718  -0.205  0.310   1.00 22.21 ? 500 OXY A O2  1 
HETATM 917  C  CHA . HEM C 3 .   ? -8.179  -3.521  0.360   1.00 14.41 ? 719 HEM A CHA 1 
HETATM 918  C  CHB . HEM C 3 .   ? -4.603  -3.650  3.478   1.00 10.25 ? 719 HEM A CHB 1 
HETATM 919  C  CHC . HEM C 3 .   ? -1.722  -1.304  0.465   1.00 6.10  ? 719 HEM A CHC 1 
HETATM 920  C  CHD . HEM C 3 .   ? -5.153  -1.714  -2.849  1.00 5.17  ? 719 HEM A CHD 1 
HETATM 921  C  C1A . HEM C 3 .   ? -7.483  -3.745  1.505   1.00 16.07 ? 719 HEM A C1A 1 
HETATM 922  C  C2A . HEM C 3 .   ? -8.012  -4.280  2.744   1.00 15.74 ? 719 HEM A C2A 1 
HETATM 923  C  C3A . HEM C 3 .   ? -7.014  -4.291  3.607   1.00 16.61 ? 719 HEM A C3A 1 
HETATM 924  C  C4A . HEM C 3 .   ? -5.823  -3.797  2.944   1.00 12.64 ? 719 HEM A C4A 1 
HETATM 925  C  CMA . HEM C 3 .   ? -7.049  -4.709  5.088   1.00 21.65 ? 719 HEM A CMA 1 
HETATM 926  C  CAA . HEM C 3 .   ? -9.536  -4.521  3.008   1.00 18.56 ? 719 HEM A CAA 1 
HETATM 927  C  CBA . HEM C 3 .   ? -10.157 -3.359  3.789   1.00 17.55 ? 719 HEM A CBA 1 
HETATM 928  C  CGA . HEM C 3 .   ? -11.608 -3.558  4.200   1.00 19.00 ? 719 HEM A CGA 1 
HETATM 929  O  O1A . HEM C 3 .   ? -12.097 -2.790  5.054   1.00 20.97 ? 719 HEM A O1A 1 
HETATM 930  O  O2A . HEM C 3 .   ? -12.201 -4.548  3.641   1.00 18.99 ? 719 HEM A O2A 1 
HETATM 931  C  C1B . HEM C 3 .   ? -3.520  -3.054  2.938   1.00 9.48  ? 719 HEM A C1B 1 
HETATM 932  C  C2B . HEM C 3 .   ? -2.314  -2.878  3.614   1.00 5.24  ? 719 HEM A C2B 1 
HETATM 933  C  C3B . HEM C 3 .   ? -1.470  -2.231  2.774   1.00 4.35  ? 719 HEM A C3B 1 
HETATM 934  C  C4B . HEM C 3 .   ? -2.150  -2.054  1.525   1.00 6.61  ? 719 HEM A C4B 1 
HETATM 935  C  CMB . HEM C 3 .   ? -2.074  -3.216  5.103   1.00 13.39 ? 719 HEM A CMB 1 
HETATM 936  C  CAB . HEM C 3 .   ? -0.060  -1.713  3.123   1.00 2.65  ? 719 HEM A CAB 1 
HETATM 937  C  CBB . HEM C 3 .   ? 1.046   -1.831  2.041   1.00 9.36  ? 719 HEM A CBB 1 
HETATM 938  C  C1C . HEM C 3 .   ? -2.451  -1.199  -0.689  1.00 4.98  ? 719 HEM A C1C 1 
HETATM 939  C  C2C . HEM C 3 .   ? -2.001  -0.473  -1.810  1.00 6.06  ? 719 HEM A C2C 1 
HETATM 940  C  C3C . HEM C 3 .   ? -2.984  -0.558  -2.763  1.00 3.10  ? 719 HEM A C3C 1 
HETATM 941  C  C4C . HEM C 3 .   ? -3.995  -1.359  -2.221  1.00 4.51  ? 719 HEM A C4C 1 
HETATM 942  C  CMC . HEM C 3 .   ? -0.628  0.234   -1.801  1.00 4.39  ? 719 HEM A CMC 1 
HETATM 943  C  CAC . HEM C 3 .   ? -3.231  0.195   -4.098  1.00 2.00  ? 719 HEM A CAC 1 
HETATM 944  C  CBC . HEM C 3 .   ? -2.046  0.735   -4.816  1.00 2.00  ? 719 HEM A CBC 1 
HETATM 945  C  C1D . HEM C 3 .   ? -6.248  -2.262  -2.306  1.00 11.51 ? 719 HEM A C1D 1 
HETATM 946  C  C2D . HEM C 3 .   ? -7.512  -2.471  -2.966  1.00 12.26 ? 719 HEM A C2D 1 
HETATM 947  C  C3D . HEM C 3 .   ? -8.339  -3.008  -2.055  1.00 13.72 ? 719 HEM A C3D 1 
HETATM 948  C  C4D . HEM C 3 .   ? -7.614  -3.127  -0.830  1.00 16.04 ? 719 HEM A C4D 1 
HETATM 949  C  CMD . HEM C 3 .   ? -7.770  -2.156  -4.456  1.00 10.12 ? 719 HEM A CMD 1 
HETATM 950  C  CAD . HEM C 3 .   ? -9.823  -3.275  -2.112  1.00 17.03 ? 719 HEM A CAD 1 
HETATM 951  C  CBD . HEM C 3 .   ? -10.580 -2.092  -1.491  1.00 19.83 ? 719 HEM A CBD 1 
HETATM 952  C  CGD . HEM C 3 .   ? -11.924 -2.283  -1.037  1.00 23.55 ? 719 HEM A CGD 1 
HETATM 953  O  O1D . HEM C 3 .   ? -12.739 -1.324  -1.018  1.00 22.04 ? 719 HEM A O1D 1 
HETATM 954  O  O2D . HEM C 3 .   ? -12.179 -3.450  -0.619  1.00 23.10 ? 719 HEM A O2D 1 
HETATM 955  N  NA  . HEM C 3 .   ? -6.146  -3.456  1.676   1.00 13.07 ? 719 HEM A NA  1 
HETATM 956  N  NB  . HEM C 3 .   ? -3.424  -2.546  1.644   1.00 7.62  ? 719 HEM A NB  1 
HETATM 957  N  NC  . HEM C 3 .   ? -3.689  -1.729  -0.946  1.00 8.08  ? 719 HEM A NC  1 
HETATM 958  N  ND  . HEM C 3 .   ? -6.324  -2.673  -0.976  1.00 11.86 ? 719 HEM A ND  1 
HETATM 959  FE FE  . HEM C 3 .   ? -4.919  -2.661  0.321   1.00 14.76 ? 719 HEM A FE  1 
HETATM 960  O  O   . HOH D 4 .   ? 5.809   9.619   -5.335  1.00 33.50 ? 720 HOH A O   1 
HETATM 961  O  O   . HOH D 4 .   ? 1.794   11.210  -2.678  1.00 58.69 ? 721 HOH A O   1 
HETATM 962  O  O   . HOH D 4 .   ? 7.376   2.637   -12.050 1.00 13.43 ? 722 HOH A O   1 
HETATM 963  O  O   . HOH D 4 .   ? -11.305 7.109   -6.420  1.00 18.36 ? 723 HOH A O   1 
HETATM 964  O  O   . HOH D 4 .   ? 8.905   8.815   -9.437  1.00 26.66 ? 724 HOH A O   1 
HETATM 965  O  O   . HOH D 4 .   ? 10.152  -6.251  -13.252 1.00 18.29 ? 725 HOH A O   1 
HETATM 966  O  O   . HOH D 4 .   ? 4.595   -11.213 -5.956  1.00 21.22 ? 726 HOH A O   1 
HETATM 967  O  O   . HOH D 4 .   ? 8.557   -5.120  1.532   1.00 20.11 ? 727 HOH A O   1 
HETATM 968  O  O   . HOH D 4 .   ? -2.695  -11.845 -1.003  1.00 11.30 ? 728 HOH A O   1 
HETATM 969  O  O   . HOH D 4 .   ? -3.125  -8.162  -3.433  1.00 15.33 ? 729 HOH A O   1 
HETATM 970  O  O   . HOH D 4 .   ? 4.633   -11.087 8.183   1.00 14.87 ? 730 HOH A O   1 
HETATM 971  O  O   . HOH D 4 .   ? 14.305  -2.040  3.663   1.00 41.14 ? 731 HOH A O   1 
HETATM 972  O  O   . HOH D 4 .   ? -7.724  -1.513  6.554   1.00 12.96 ? 732 HOH A O   1 
HETATM 973  O  O   . HOH D 4 .   ? 10.214  5.550   -10.186 1.00 31.36 ? 733 HOH A O   1 
HETATM 974  O  O   . HOH D 4 .   ? -1.993  -5.670  -15.961 1.00 30.07 ? 734 HOH A O   1 
HETATM 975  O  O   . HOH D 4 .   ? -12.392 1.284   -12.271 1.00 34.16 ? 735 HOH A O   1 
HETATM 976  O  O   . HOH D 4 .   ? 15.038  0.428   -11.217 1.00 17.33 ? 736 HOH A O   1 
HETATM 977  O  O   . HOH D 4 .   ? -2.742  -2.864  8.957   1.00 39.65 ? 737 HOH A O   1 
HETATM 978  O  O   . HOH D 4 .   ? -12.561 6.983   -10.411 1.00 53.24 ? 738 HOH A O   1 
HETATM 979  O  O   . HOH D 4 .   ? -6.334  -4.125  -14.355 1.00 18.93 ? 739 HOH A O   1 
HETATM 980  O  O   . HOH D 4 .   ? 8.354   10.071  -5.550  1.00 26.66 ? 740 HOH A O   1 
HETATM 981  O  O   . HOH D 4 .   ? -7.780  3.863   1.295   1.00 23.99 ? 741 HOH A O   1 
HETATM 982  O  O   . HOH D 4 .   ? -1.689  -8.779  -13.813 1.00 42.92 ? 742 HOH A O   1 
HETATM 983  O  O   . HOH D 4 .   ? -12.733 5.092   -12.229 1.00 31.11 ? 743 HOH A O   1 
HETATM 984  O  O   . HOH D 4 .   ? -1.462  -7.558  8.767   1.00 21.08 ? 744 HOH A O   1 
HETATM 985  O  O   . HOH D 4 .   ? -1.400  -5.131  7.842   1.00 13.69 ? 745 HOH A O   1 
HETATM 986  O  O   . HOH D 4 .   ? -7.344  4.747   10.346  1.00 30.86 ? 746 HOH A O   1 
HETATM 987  O  O   . HOH D 4 .   ? 2.453   12.940  16.893  1.00 44.79 ? 747 HOH A O   1 
HETATM 988  O  O   . HOH D 4 .   ? 6.071   9.465   2.232   1.00 41.13 ? 748 HOH A O   1 
HETATM 989  O  O   . HOH D 4 .   ? -13.505 -2.937  -10.115 1.00 45.05 ? 749 HOH A O   1 
HETATM 990  O  O   . HOH D 4 .   ? 17.526  -7.409  -7.182  1.00 15.35 ? 750 HOH A O   1 
HETATM 991  O  O   . HOH D 4 .   ? -15.606 7.484   -11.101 1.00 60.80 ? 751 HOH A O   1 
HETATM 992  O  O   . HOH D 4 .   ? -4.714  -4.685  -16.196 1.00 32.75 ? 752 HOH A O   1 
HETATM 993  O  O   . HOH D 4 .   ? -6.997  -5.828  8.872   1.00 42.74 ? 753 HOH A O   1 
HETATM 994  O  O   . HOH D 4 .   ? -4.554  -1.368  -20.329 1.00 52.55 ? 754 HOH A O   1 
HETATM 995  O  O   . HOH D 4 .   ? 10.782  10.384  17.285  1.00 49.59 ? 755 HOH A O   1 
HETATM 996  O  O   . HOH D 4 .   ? 5.696   18.895  -2.914  1.00 72.21 ? 756 HOH A O   1 
HETATM 997  O  O   . HOH D 4 .   ? -18.202 -7.902  -10.810 1.00 28.01 ? 757 HOH A O   1 
HETATM 998  O  O   . HOH D 4 .   ? -12.467 1.391   6.734   1.00 57.60 ? 758 HOH A O   1 
HETATM 999  O  O   . HOH D 4 .   ? 17.552  -9.499  -5.059  1.00 38.70 ? 759 HOH A O   1 
HETATM 1000 O  O   . HOH D 4 .   ? -1.793  -11.530 -12.657 1.00 28.79 ? 760 HOH A O   1 
HETATM 1001 O  O   . HOH D 4 .   ? -1.540  1.678   -17.624 1.00 40.30 ? 761 HOH A O   1 
HETATM 1002 O  O   . HOH D 4 .   ? -8.123  9.305   -2.691  1.00 55.40 ? 762 HOH A O   1 
HETATM 1003 O  O   . HOH D 4 .   ? 3.874   -12.194 -3.375  1.00 10.56 ? 763 HOH A O   1 
HETATM 1004 O  O   . HOH D 4 .   ? 0.834   -12.577 -7.419  1.00 44.83 ? 764 HOH A O   1 
HETATM 1005 O  O   . HOH D 4 .   ? 0.225   -6.918  11.013  1.00 40.60 ? 765 HOH A O   1 
HETATM 1006 O  O   . HOH D 4 .   ? -6.044  -13.482 -0.474  1.00 25.91 ? 766 HOH A O   1 
HETATM 1007 O  O   . HOH D 4 .   ? -2.056  8.839   2.143   1.00 28.41 ? 767 HOH A O   1 
HETATM 1008 O  O   . HOH D 4 .   ? -10.252 2.385   -20.354 1.00 25.01 ? 768 HOH A O   1 
HETATM 1009 O  O   . HOH D 4 .   ? -12.480 1.972   -19.188 1.00 23.66 ? 769 HOH A O   1 
HETATM 1010 O  O   . HOH D 4 .   ? 11.931  14.417  10.105  1.00 55.33 ? 770 HOH A O   1 
HETATM 1011 O  O   . HOH D 4 .   ? 7.642   10.450  -7.967  1.00 65.63 ? 771 HOH A O   1 
HETATM 1012 O  O   . HOH D 4 .   ? 20.905  -10.361 -5.969  1.00 65.53 ? 772 HOH A O   1 
HETATM 1013 O  O   . HOH D 4 .   ? 1.517   -17.097 6.379   1.00 49.67 ? 773 HOH A O   1 
HETATM 1014 O  O   . HOH D 4 .   ? -5.783  -14.824 -6.819  1.00 45.73 ? 774 HOH A O   1 
HETATM 1015 O  O   . HOH D 4 .   ? -11.699 -12.266 3.815   1.00 52.25 ? 775 HOH A O   1 
HETATM 1016 O  O   . HOH D 4 .   ? 5.551   -8.524  10.716  1.00 51.52 ? 776 HOH A O   1 
HETATM 1017 O  O   . HOH D 4 .   ? -13.914 -9.434  -14.502 1.00 60.14 ? 777 HOH A O   1 
HETATM 1018 O  O   . HOH D 4 .   ? -16.506 -2.461  -9.704  1.00 61.35 ? 778 HOH A O   1 
HETATM 1019 O  O   . HOH D 4 .   ? -10.087 -5.731  8.082   1.00 56.24 ? 779 HOH A O   1 
HETATM 1020 O  O   . HOH D 4 .   ? 13.683  -7.313  10.372  1.00 36.45 ? 780 HOH A O   1 
HETATM 1021 O  O   . HOH D 4 .   ? -2.488  -5.609  -18.879 1.00 62.16 ? 781 HOH A O   1 
HETATM 1022 O  O   . HOH D 4 .   ? 13.307  4.313   5.011   1.00 51.99 ? 782 HOH A O   1 
HETATM 1023 O  O   . HOH D 4 .   ? 5.134   15.524  14.325  1.00 62.27 ? 783 HOH A O   1 
HETATM 1024 O  O   . HOH D 4 .   ? 16.814  -2.170  0.995   1.00 54.37 ? 784 HOH A O   1 
HETATM 1025 O  O   . HOH D 4 .   ? 8.131   -12.011 11.649  1.00 64.23 ? 785 HOH A O   1 
HETATM 1026 O  O   . HOH D 4 .   ? -14.717 0.792   -20.713 1.00 77.67 ? 786 HOH A O   1 
HETATM 1027 O  O   . HOH D 4 .   ? 7.958   16.278  12.143  1.00 56.75 ? 787 HOH A O   1 
HETATM 1028 O  O   . HOH D 4 .   ? 9.145   9.028   32.464  1.00 59.33 ? 788 HOH A O   1 
HETATM 1029 O  O   . HOH D 4 .   ? 16.043  -9.515  -2.254  1.00 50.23 ? 789 HOH A O   1 
HETATM 1030 O  O   . HOH D 4 .   ? -10.319 -6.416  -16.699 1.00 37.84 ? 790 HOH A O   1 
HETATM 1031 O  O   . HOH D 4 .   ? 4.244   -13.237 -12.288 1.00 58.97 ? 791 HOH A O   1 
HETATM 1032 O  O   . HOH D 4 .   ? -18.967 -7.759  0.156   1.00 60.98 ? 792 HOH A O   1 
HETATM 1033 O  O   . HOH D 4 .   ? -1.094  -8.667  -17.092 1.00 66.76 ? 793 HOH A O   1 
HETATM 1034 O  O   . HOH D 4 .   ? 4.930   4.265   28.133  1.00 50.69 ? 794 HOH A O   1 
HETATM 1035 O  O   . HOH D 4 .   ? -5.342  -6.094  -22.523 1.00 58.05 ? 795 HOH A O   1 
HETATM 1036 O  O   . HOH D 4 .   ? -11.683 -5.535  1.040   1.00 62.56 ? 796 HOH A O   1 
HETATM 1037 O  O   . HOH D 4 .   ? 9.345   -8.042  2.965   1.00 42.47 ? 797 HOH A O   1 
HETATM 1038 O  O   . HOH D 4 .   ? 14.131  0.960   -13.594 1.00 34.02 ? 798 HOH A O   1 
HETATM 1039 O  O   . HOH D 4 .   ? 0.672   14.919  12.421  1.00 50.83 ? 799 HOH A O   1 
HETATM 1040 O  O   . HOH D 4 .   ? 13.737  -1.524  13.187  1.00 61.78 ? 800 HOH A O   1 
HETATM 1041 O  O   . HOH D 4 .   ? -12.951 -7.599  3.382   1.00 62.68 ? 801 HOH A O   1 
HETATM 1042 O  O   . HOH D 4 .   ? -0.608  -3.098  -16.995 1.00 59.85 ? 802 HOH A O   1 
HETATM 1043 O  O   . HOH D 4 .   ? 6.239   -13.383 -10.303 1.00 49.05 ? 803 HOH A O   1 
HETATM 1044 O  O   . HOH D 4 .   ? -13.650 -5.241  -11.793 1.00 61.79 ? 804 HOH A O   1 
HETATM 1045 O  O   . HOH D 4 .   ? -7.121  -15.395 2.486   1.00 42.34 ? 805 HOH A O   1 
HETATM 1046 O  O   . HOH D 4 .   ? -5.600  7.654   -9.112  1.00 47.79 ? 806 HOH A O   1 
HETATM 1047 O  O   . HOH D 4 .   ? -10.638 9.835   4.568   1.00 34.04 ? 807 HOH A O   1 
HETATM 1048 O  O   . HOH D 4 .   ? 0.162   17.454  9.093   1.00 69.31 ? 808 HOH A O   1 
HETATM 1049 O  O   . HOH D 4 .   ? 3.448   12.386  34.783  1.00 52.98 ? 809 HOH A O   1 
HETATM 1050 O  O   . HOH D 4 .   ? -5.428  -8.217  -15.940 1.00 31.96 ? 810 HOH A O   1 
HETATM 1051 O  O   . HOH D 4 .   ? 0.740   13.674  8.658   1.00 51.81 ? 811 HOH A O   1 
HETATM 1052 O  O   . HOH D 4 .   ? 2.055   13.819  -2.800  1.00 60.97 ? 812 HOH A O   1 
HETATM 1053 O  O   . HOH D 4 .   ? 3.523   -10.442 -13.531 1.00 40.58 ? 813 HOH A O   1 
HETATM 1054 O  O   . HOH D 4 .   ? 4.352   10.614  30.731  1.00 62.77 ? 814 HOH A O   1 
HETATM 1055 O  O   . HOH D 4 .   ? 19.019  -5.245  1.939   1.00 56.87 ? 815 HOH A O   1 
HETATM 1056 O  O   . HOH D 4 .   ? 2.081   16.561  0.929   1.00 58.02 ? 816 HOH A O   1 
HETATM 1057 O  O   . HOH D 4 .   ? 4.202   -11.774 -9.246  1.00 36.74 ? 817 HOH A O   1 
# 
